data_2WYI
#
_entry.id   2WYI
#
_cell.length_a   178.680
_cell.length_b   178.680
_cell.length_c   198.237
_cell.angle_alpha   90.00
_cell.angle_beta   90.00
_cell.angle_gamma   90.00
#
_symmetry.space_group_name_H-M   'P 43 21 2'
#
loop_
_entity.id
_entity.type
_entity.pdbx_description
1 polymer ALPHA-MANNOSIDASE
2 non-polymer 2-(2-METHOXYETHOXY)ETHANOL
3 non-polymer 'ZINC ION'
4 non-polymer 1S-8AB-OCTAHYDRO-INDOLIZIDINE-1A,2A,8B-TRIOL
5 water water
#
_entity_poly.entity_id   1
_entity_poly.type   'polypeptide(L)'
_entity_poly.pdbx_seq_one_letter_code
;MGSSHHHHHHSSGLEVLFQGPAMATKKVHIISHSHWDREWYMAYEQHHMRLINLIDDLLEVFQTDPDFHSFHLDGQTIIL
DDYLKVRPEREPEIRQAIASGKLRIGPFYILQDDFLTSSESNVRNMLIGKEDCDRWGASVPLGYFPDTFGNMGQTPQLML
KAGLQAAAFGRGIRPTGFNNQVDTSEKYSSQFSEISWQGPDNSRILGLLFANWYSNGNEIPTTEAEARLFWDKKLADAER
FASTKHLLMMNGCDHQPVQLDVTKAIALANQLYPDYEFVHSCFEDYLADLADDLPENLSTVQGEITSQETDGWYTLANTA
SARIYLKQANTRVSRQLENITEPLAAMAYEVTSTYPHDQLRYAWKTLMQNHPHDSICGCSVDSVHREMMTRFEKAYEVGH
YLAKEAAKQIADAIDTRDFPMDSQPFVLFNTSGHSKTSVAELSLTWKKYHFGQRFPKEVYQEAQEYLARLSQSFQIIDTS
GQVRPEAEILGTSIAFDYDLPKRSFREPYFAIKVRLRLPITLPAMSWKTLALKLGNETTPSETVSLYDDSNQCLENGFLK
VMIQTDGRLTITDKQSGLIYQDLLRFEDCGDIGNEYISRQPNHDQPFYADQGTIKLNIISNTAQVAELEIQQTFAIPISA
DKLLQAEMEAVIDITERQARRSQEKAELTLTTLIRMEKNNPRLQFTTRFDNQMTNHRLRVLFPTHLKTDHHLADSIFETV
KRPNHPDATFWKNPSNPQHQECFVSLFDGENGVTIGNYGLNEYEILPDTNTIAITLLRSVGEMGDWGYFPTPEAQCLGKH
SLSYSFESITKQTQFASYWRAQEGQVPVITTQTNQHEGTLAAEYSYLTGTNDQVALTAFKRRLADNALITRSYNLSNDKT
CDFSLSLPNYNAKVTNLLEKDSKQSTPSQLGKAEILTLAWKKQ
;
_entity_poly.pdbx_strand_id   A,B
#
# COMPACT_ATOMS: atom_id res chain seq x y z
N MET A 23 21.08 53.90 -8.37
CA MET A 23 21.00 54.35 -6.94
C MET A 23 21.14 53.19 -5.93
N ALA A 24 20.62 52.02 -6.30
CA ALA A 24 20.58 50.83 -5.42
C ALA A 24 21.83 49.95 -5.47
N THR A 25 22.45 49.74 -4.30
CA THR A 25 23.70 48.96 -4.19
C THR A 25 23.51 47.48 -3.86
N LYS A 26 22.33 47.11 -3.39
CA LYS A 26 21.99 45.70 -3.17
C LYS A 26 20.90 45.23 -4.13
N LYS A 27 20.93 43.93 -4.44
CA LYS A 27 19.89 43.27 -5.24
C LYS A 27 19.25 42.13 -4.42
N VAL A 28 17.98 42.30 -4.09
CA VAL A 28 17.25 41.35 -3.26
C VAL A 28 16.43 40.36 -4.11
N HIS A 29 16.92 39.14 -4.23
CA HIS A 29 16.24 38.10 -5.02
C HIS A 29 15.18 37.37 -4.21
N ILE A 30 13.94 37.47 -4.65
CA ILE A 30 12.84 36.78 -4.00
C ILE A 30 12.50 35.55 -4.82
N ILE A 31 12.75 34.38 -4.26
CA ILE A 31 12.42 33.14 -4.97
C ILE A 31 11.24 32.45 -4.30
N SER A 32 10.09 32.51 -4.95
CA SER A 32 8.89 31.89 -4.42
C SER A 32 9.01 30.39 -4.62
N HIS A 33 8.74 29.65 -3.55
CA HIS A 33 8.93 28.21 -3.52
C HIS A 33 8.05 27.60 -2.46
N SER A 34 7.89 26.29 -2.52
CA SER A 34 7.32 25.57 -1.40
C SER A 34 8.15 24.33 -1.17
N HIS A 35 8.47 24.07 0.09
CA HIS A 35 9.23 22.88 0.42
C HIS A 35 8.23 21.77 0.72
N TRP A 36 8.05 20.89 -0.25
CA TRP A 36 6.90 19.98 -0.25
C TRP A 36 7.25 18.53 0.04
N ASP A 37 7.41 18.19 1.32
CA ASP A 37 7.68 16.80 1.68
C ASP A 37 6.54 15.97 1.22
N ARG A 38 6.85 14.95 0.44
CA ARG A 38 5.82 14.19 -0.22
C ARG A 38 4.81 13.68 0.80
N GLU A 39 5.30 13.14 1.91
CA GLU A 39 4.47 12.59 2.96
C GLU A 39 5.24 12.72 4.26
N TRP A 40 4.54 13.00 5.36
CA TRP A 40 5.23 13.27 6.61
C TRP A 40 4.33 13.11 7.84
N TYR A 41 3.82 14.22 8.39
CA TYR A 41 2.99 14.15 9.60
C TYR A 41 1.55 13.76 9.31
N MET A 42 1.21 13.71 8.03
CA MET A 42 -0.08 13.20 7.60
C MET A 42 0.16 12.15 6.52
N ALA A 43 -0.87 11.34 6.26
CA ALA A 43 -0.86 10.41 5.13
C ALA A 43 -0.61 11.15 3.84
N TYR A 44 0.13 10.51 2.93
CA TYR A 44 0.44 11.07 1.62
C TYR A 44 -0.73 11.83 0.99
N GLU A 45 -1.90 11.18 0.94
CA GLU A 45 -3.06 11.77 0.25
C GLU A 45 -3.47 13.11 0.87
N GLN A 46 -3.35 13.24 2.19
CA GLN A 46 -3.63 14.51 2.86
C GLN A 46 -2.69 15.62 2.36
N HIS A 47 -1.42 15.27 2.19
CA HIS A 47 -0.44 16.19 1.64
C HIS A 47 -0.70 16.37 0.14
N HIS A 48 -1.07 15.26 -0.52
CA HIS A 48 -1.32 15.23 -1.95
C HIS A 48 -2.41 16.20 -2.38
N MET A 49 -3.52 16.20 -1.65
CA MET A 49 -4.62 17.09 -1.97
C MET A 49 -4.24 18.54 -1.75
N ARG A 50 -3.33 18.81 -0.82
CA ARG A 50 -2.87 20.18 -0.63
C ARG A 50 -1.89 20.60 -1.74
N LEU A 51 -1.30 19.61 -2.42
CA LEU A 51 -0.42 19.90 -3.52
C LEU A 51 -1.27 20.33 -4.71
N ILE A 52 -2.40 19.64 -4.90
CA ILE A 52 -3.36 20.04 -5.90
C ILE A 52 -3.75 21.52 -5.71
N ASN A 53 -4.03 21.93 -4.48
CA ASN A 53 -4.37 23.34 -4.22
C ASN A 53 -3.23 24.28 -4.58
N LEU A 54 -2.00 23.89 -4.25
CA LEU A 54 -0.82 24.70 -4.56
C LEU A 54 -0.70 24.95 -6.06
N ILE A 55 -0.65 23.88 -6.84
CA ILE A 55 -0.48 23.98 -8.29
C ILE A 55 -1.67 24.72 -8.92
N ASP A 56 -2.88 24.45 -8.42
CA ASP A 56 -4.09 25.19 -8.83
C ASP A 56 -3.93 26.71 -8.59
N ASP A 57 -3.48 27.07 -7.39
CA ASP A 57 -3.26 28.47 -7.05
C ASP A 57 -2.21 29.09 -7.95
N LEU A 58 -1.21 28.29 -8.31
CA LEU A 58 -0.13 28.73 -9.19
C LEU A 58 -0.56 29.03 -10.62
N LEU A 59 -1.28 28.10 -11.25
CA LEU A 59 -1.73 28.31 -12.64
C LEU A 59 -2.72 29.46 -12.76
N GLU A 60 -3.53 29.63 -11.72
CA GLU A 60 -4.47 30.75 -11.60
C GLU A 60 -3.71 32.06 -11.45
N VAL A 61 -2.68 32.08 -10.62
CA VAL A 61 -1.92 33.32 -10.39
C VAL A 61 -1.11 33.69 -11.63
N PHE A 62 -0.68 32.69 -12.39
CA PHE A 62 0.04 32.94 -13.63
C PHE A 62 -0.82 33.71 -14.63
N GLN A 63 -2.14 33.57 -14.50
CA GLN A 63 -3.11 34.24 -15.38
C GLN A 63 -3.50 35.64 -14.88
N THR A 64 -3.71 35.78 -13.57
CA THR A 64 -4.24 37.00 -12.97
C THR A 64 -3.18 38.06 -12.71
N ASP A 65 -1.94 37.60 -12.53
CA ASP A 65 -0.83 38.48 -12.18
C ASP A 65 0.35 38.24 -13.12
N PRO A 66 0.40 39.01 -14.24
CA PRO A 66 1.43 38.80 -15.26
C PRO A 66 2.82 39.08 -14.75
N ASP A 67 2.92 39.84 -13.65
CA ASP A 67 4.20 40.20 -13.04
C ASP A 67 4.80 39.13 -12.14
N PHE A 68 4.01 38.11 -11.82
CA PHE A 68 4.49 36.95 -11.06
C PHE A 68 5.53 36.20 -11.87
N HIS A 69 6.79 36.27 -11.44
CA HIS A 69 7.94 35.79 -12.22
C HIS A 69 7.97 34.28 -12.45
N SER A 70 8.12 33.52 -11.36
CA SER A 70 8.27 32.08 -11.41
C SER A 70 8.03 31.50 -10.04
N PHE A 71 7.91 30.17 -9.98
CA PHE A 71 7.80 29.44 -8.72
C PHE A 71 8.72 28.23 -8.80
N HIS A 72 9.53 28.04 -7.77
CA HIS A 72 10.50 26.95 -7.75
C HIS A 72 9.85 25.76 -7.08
N LEU A 73 9.76 24.65 -7.82
CA LEU A 73 9.03 23.47 -7.38
C LEU A 73 9.91 22.47 -6.62
N ASP A 74 10.75 23.00 -5.73
CA ASP A 74 11.45 22.23 -4.70
C ASP A 74 12.43 21.20 -5.26
N GLY A 75 12.93 21.43 -6.48
CA GLY A 75 13.90 20.55 -7.09
C GLY A 75 13.44 19.14 -7.46
N GLN A 76 12.14 18.86 -7.34
CA GLN A 76 11.60 17.51 -7.52
C GLN A 76 10.51 17.40 -8.62
N THR A 77 10.80 16.64 -9.69
CA THR A 77 9.82 16.48 -10.78
C THR A 77 8.58 15.65 -10.43
N ILE A 78 8.69 14.81 -9.39
CA ILE A 78 7.56 13.98 -8.97
C ILE A 78 6.29 14.79 -8.70
N ILE A 79 6.47 16.05 -8.30
CA ILE A 79 5.35 16.96 -8.03
C ILE A 79 4.44 17.08 -9.24
N LEU A 80 5.04 17.17 -10.42
CA LEU A 80 4.28 17.26 -11.65
C LEU A 80 3.49 15.96 -11.91
N ASP A 81 4.14 14.82 -11.70
CA ASP A 81 3.48 13.52 -11.86
C ASP A 81 2.30 13.42 -10.90
N ASP A 82 2.52 13.83 -9.65
CA ASP A 82 1.50 13.74 -8.62
C ASP A 82 0.33 14.64 -8.91
N TYR A 83 0.57 15.77 -9.58
CA TYR A 83 -0.50 16.67 -9.96
C TYR A 83 -1.33 16.09 -11.10
N LEU A 84 -0.65 15.59 -12.13
CA LEU A 84 -1.32 15.03 -13.30
C LEU A 84 -2.11 13.76 -12.99
N LYS A 85 -1.69 13.02 -11.97
CA LYS A 85 -2.43 11.82 -11.56
C LYS A 85 -3.84 12.16 -11.12
N VAL A 86 -4.05 13.40 -10.68
CA VAL A 86 -5.38 13.88 -10.30
C VAL A 86 -6.03 14.70 -11.41
N ARG A 87 -5.24 15.57 -12.04
CA ARG A 87 -5.72 16.49 -13.07
C ARG A 87 -4.98 16.28 -14.41
N PRO A 88 -5.16 15.10 -15.06
CA PRO A 88 -4.35 14.85 -16.27
C PRO A 88 -4.67 15.81 -17.40
N GLU A 89 -5.89 16.34 -17.40
CA GLU A 89 -6.39 17.24 -18.43
C GLU A 89 -5.76 18.63 -18.37
N ARG A 90 -4.93 18.86 -17.35
CA ARG A 90 -4.23 20.13 -17.21
C ARG A 90 -2.77 20.05 -17.67
N GLU A 91 -2.39 18.96 -18.32
CA GLU A 91 -1.05 18.83 -18.89
C GLU A 91 -0.61 20.01 -19.79
N PRO A 92 -1.47 20.46 -20.74
CA PRO A 92 -1.02 21.57 -21.58
C PRO A 92 -0.77 22.89 -20.81
N GLU A 93 -1.60 23.16 -19.80
CA GLU A 93 -1.43 24.36 -18.96
C GLU A 93 -0.14 24.27 -18.14
N ILE A 94 0.18 23.06 -17.67
CA ILE A 94 1.44 22.77 -16.96
C ILE A 94 2.62 22.94 -17.91
N ARG A 95 2.51 22.36 -19.10
CA ARG A 95 3.56 22.44 -20.11
C ARG A 95 3.85 23.88 -20.55
N GLN A 96 2.80 24.67 -20.72
CA GLN A 96 2.96 26.06 -21.11
C GLN A 96 3.63 26.84 -19.97
N ALA A 97 3.20 26.59 -18.74
CA ALA A 97 3.78 27.26 -17.57
C ALA A 97 5.28 26.95 -17.44
N ILE A 98 5.65 25.73 -17.80
CA ILE A 98 7.06 25.31 -17.80
C ILE A 98 7.85 25.93 -18.98
N ALA A 99 7.22 26.00 -20.16
CA ALA A 99 7.86 26.59 -21.34
C ALA A 99 8.21 28.09 -21.17
N SER A 100 7.31 28.83 -20.52
CA SER A 100 7.52 30.27 -20.28
C SER A 100 8.43 30.56 -19.08
N GLY A 101 8.71 29.53 -18.28
CA GLY A 101 9.58 29.68 -17.12
C GLY A 101 8.87 29.96 -15.80
N LYS A 102 7.54 30.03 -15.83
CA LYS A 102 6.76 30.32 -14.61
C LYS A 102 6.77 29.16 -13.61
N LEU A 103 6.95 27.94 -14.08
CA LEU A 103 7.29 26.80 -13.22
C LEU A 103 8.73 26.37 -13.45
N ARG A 104 9.47 26.30 -12.36
CA ARG A 104 10.87 25.91 -12.40
C ARG A 104 11.05 24.54 -11.76
N ILE A 105 11.45 23.57 -12.58
CA ILE A 105 11.35 22.18 -12.21
C ILE A 105 12.70 21.48 -12.15
N GLY A 106 12.77 20.43 -11.33
CA GLY A 106 13.94 19.57 -11.27
C GLY A 106 15.14 20.12 -10.50
N PRO A 107 16.33 19.56 -10.74
CA PRO A 107 16.55 18.50 -11.71
C PRO A 107 16.44 17.07 -11.14
N PHE A 108 15.94 16.93 -9.91
CA PHE A 108 15.79 15.60 -9.31
C PHE A 108 14.35 15.10 -9.45
N TYR A 109 14.18 13.79 -9.24
CA TYR A 109 12.87 13.19 -9.18
C TYR A 109 12.27 13.40 -7.78
N ILE A 110 13.03 13.07 -6.74
CA ILE A 110 12.61 13.27 -5.36
C ILE A 110 13.74 13.95 -4.55
N LEU A 111 13.41 14.44 -3.36
CA LEU A 111 14.43 14.93 -2.42
C LEU A 111 14.76 13.85 -1.41
N GLN A 112 15.86 13.17 -1.66
CA GLN A 112 16.26 11.99 -0.91
C GLN A 112 16.83 12.29 0.47
N ASP A 113 16.99 11.21 1.23
CA ASP A 113 18.07 11.15 2.21
C ASP A 113 19.27 10.55 1.49
N ASP A 114 20.41 11.22 1.58
CA ASP A 114 21.63 10.80 0.88
C ASP A 114 22.10 9.43 1.37
N PHE A 115 22.27 9.31 2.68
CA PHE A 115 22.97 8.17 3.26
C PHE A 115 22.11 6.91 3.31
N LEU A 116 20.79 7.07 3.37
CA LEU A 116 19.90 5.95 3.57
C LEU A 116 19.37 5.32 2.28
N THR A 117 19.68 5.92 1.14
CA THR A 117 19.35 5.34 -0.17
C THR A 117 20.63 4.80 -0.77
N SER A 118 20.53 3.83 -1.68
CA SER A 118 21.72 3.21 -2.25
C SER A 118 22.53 4.22 -3.07
N SER A 119 23.80 3.92 -3.29
CA SER A 119 24.64 4.71 -4.17
C SER A 119 23.95 4.94 -5.49
N GLU A 120 23.61 3.86 -6.18
CA GLU A 120 22.90 3.92 -7.45
C GLU A 120 21.62 4.74 -7.33
N SER A 121 20.88 4.61 -6.23
CA SER A 121 19.63 5.35 -6.07
C SER A 121 19.88 6.87 -6.16
N ASN A 122 21.02 7.32 -5.65
CA ASN A 122 21.39 8.74 -5.74
C ASN A 122 21.64 9.17 -7.17
N VAL A 123 22.12 8.24 -7.99
CA VAL A 123 22.29 8.52 -9.41
C VAL A 123 20.95 8.42 -10.13
N ARG A 124 20.15 7.41 -9.81
CA ARG A 124 18.92 7.20 -10.57
C ARG A 124 17.90 8.29 -10.29
N ASN A 125 18.04 8.95 -9.15
CA ASN A 125 17.25 10.15 -8.83
C ASN A 125 17.52 11.24 -9.86
N MET A 126 18.78 11.36 -10.25
CA MET A 126 19.18 12.34 -11.26
C MET A 126 18.83 11.85 -12.65
N LEU A 127 19.04 10.57 -12.90
CA LEU A 127 18.71 9.99 -14.21
C LEU A 127 17.23 10.19 -14.54
N ILE A 128 16.35 9.79 -13.63
CA ILE A 128 14.91 9.88 -13.82
C ILE A 128 14.43 11.35 -13.83
N GLY A 129 15.00 12.16 -12.94
CA GLY A 129 14.73 13.59 -12.89
C GLY A 129 15.04 14.27 -14.21
N LYS A 130 16.19 13.96 -14.78
CA LYS A 130 16.59 14.55 -16.06
C LYS A 130 15.62 14.12 -17.15
N GLU A 131 15.24 12.85 -17.12
CA GLU A 131 14.34 12.29 -18.12
C GLU A 131 12.99 13.01 -18.05
N ASP A 132 12.49 13.23 -16.84
CA ASP A 132 11.24 13.97 -16.62
C ASP A 132 11.37 15.40 -17.12
N CYS A 133 12.51 16.04 -16.81
CA CYS A 133 12.79 17.41 -17.25
C CYS A 133 12.84 17.50 -18.77
N ASP A 134 13.42 16.49 -19.41
CA ASP A 134 13.48 16.47 -20.86
C ASP A 134 12.08 16.35 -21.47
N ARG A 135 11.24 15.53 -20.85
CA ARG A 135 9.85 15.37 -21.27
C ARG A 135 9.08 16.70 -21.18
N TRP A 136 9.37 17.49 -20.14
CA TRP A 136 8.68 18.75 -19.96
C TRP A 136 9.31 19.93 -20.72
N GLY A 137 10.63 19.86 -20.93
CA GLY A 137 11.33 20.85 -21.76
C GLY A 137 12.16 21.89 -21.01
N ALA A 138 12.37 21.68 -19.72
CA ALA A 138 13.17 22.59 -18.89
C ALA A 138 13.74 21.90 -17.65
N SER A 139 14.77 22.51 -17.08
CA SER A 139 15.42 22.03 -15.87
C SER A 139 16.16 23.18 -15.16
N VAL A 140 16.04 23.22 -13.84
CA VAL A 140 16.85 24.12 -13.02
C VAL A 140 18.23 23.49 -12.81
N PRO A 141 19.33 24.20 -13.17
CA PRO A 141 20.65 23.58 -13.06
C PRO A 141 21.24 23.73 -11.65
N LEU A 142 20.51 23.26 -10.65
CA LEU A 142 20.96 23.38 -9.27
C LEU A 142 20.61 22.12 -8.48
N GLY A 143 21.64 21.48 -7.92
CA GLY A 143 21.43 20.38 -6.99
C GLY A 143 20.67 20.89 -5.80
N TYR A 144 19.65 20.15 -5.36
CA TYR A 144 18.75 20.66 -4.34
C TYR A 144 18.64 19.76 -3.10
N PHE A 145 19.28 20.19 -2.02
CA PHE A 145 19.29 19.45 -0.77
C PHE A 145 18.89 20.35 0.39
N PRO A 146 17.73 21.00 0.29
CA PRO A 146 17.40 22.07 1.23
C PRO A 146 17.35 21.64 2.70
N ASP A 147 17.02 20.38 2.96
CA ASP A 147 16.68 19.93 4.29
C ASP A 147 17.40 18.63 4.69
N THR A 148 18.22 18.08 3.79
CA THR A 148 18.84 16.78 3.97
C THR A 148 19.59 16.65 5.31
N PHE A 149 19.41 15.53 5.98
CA PHE A 149 20.03 15.29 7.30
C PHE A 149 21.45 14.81 7.12
N GLY A 150 22.32 15.71 6.66
CA GLY A 150 23.68 15.33 6.34
C GLY A 150 23.79 15.17 4.84
N ASN A 151 24.92 15.62 4.29
CA ASN A 151 25.17 15.60 2.85
C ASN A 151 26.37 14.77 2.52
N MET A 152 26.20 13.84 1.57
CA MET A 152 27.25 12.90 1.20
C MET A 152 28.49 13.62 0.69
N GLY A 153 29.66 13.06 1.01
CA GLY A 153 30.94 13.64 0.62
C GLY A 153 31.14 13.75 -0.88
N GLN A 154 30.43 12.91 -1.62
CA GLN A 154 30.61 12.83 -3.07
C GLN A 154 29.68 13.77 -3.84
N THR A 155 28.97 14.65 -3.12
CA THR A 155 28.03 15.57 -3.76
C THR A 155 28.68 16.37 -4.90
N PRO A 156 29.92 16.87 -4.71
CA PRO A 156 30.53 17.58 -5.85
C PRO A 156 30.68 16.75 -7.14
N GLN A 157 31.30 15.57 -7.06
CA GLN A 157 31.44 14.71 -8.24
C GLN A 157 30.09 14.31 -8.84
N LEU A 158 29.09 14.12 -7.97
CA LEU A 158 27.78 13.66 -8.40
C LEU A 158 27.05 14.76 -9.13
N MET A 159 27.28 15.99 -8.70
CA MET A 159 26.71 17.14 -9.34
C MET A 159 27.39 17.38 -10.69
N LEU A 160 28.72 17.48 -10.69
CA LEU A 160 29.45 17.74 -11.93
C LEU A 160 29.11 16.72 -12.98
N LYS A 161 29.18 15.45 -12.60
CA LYS A 161 28.97 14.36 -13.55
C LYS A 161 27.49 14.13 -13.89
N ALA A 162 26.61 15.00 -13.39
CA ALA A 162 25.21 15.07 -13.81
C ALA A 162 24.89 16.42 -14.47
N GLY A 163 25.94 17.14 -14.87
CA GLY A 163 25.78 18.43 -15.54
C GLY A 163 25.37 19.58 -14.64
N LEU A 164 25.68 19.48 -13.35
CA LEU A 164 25.32 20.53 -12.39
C LEU A 164 26.56 21.16 -11.75
N GLN A 165 26.59 22.50 -11.69
CA GLN A 165 27.75 23.23 -11.17
C GLN A 165 27.58 23.74 -9.74
N ALA A 166 26.38 23.57 -9.19
CA ALA A 166 26.08 24.08 -7.84
C ALA A 166 25.01 23.26 -7.12
N ALA A 167 25.03 23.32 -5.79
CA ALA A 167 24.00 22.69 -4.97
C ALA A 167 23.61 23.61 -3.82
N ALA A 168 22.31 23.65 -3.53
CA ALA A 168 21.82 24.40 -2.39
C ALA A 168 21.48 23.46 -1.25
N PHE A 169 21.92 23.80 -0.04
CA PHE A 169 21.67 22.96 1.12
C PHE A 169 21.52 23.81 2.37
N GLY A 170 20.93 23.24 3.41
CA GLY A 170 20.60 24.00 4.62
C GLY A 170 21.25 23.57 5.92
N ARG A 171 21.75 22.35 5.98
CA ARG A 171 22.27 21.81 7.25
C ARG A 171 23.78 21.60 7.30
N GLY A 172 24.35 21.88 8.47
CA GLY A 172 25.69 21.42 8.79
C GLY A 172 26.84 22.37 8.56
N ILE A 173 26.55 23.57 8.07
CA ILE A 173 27.58 24.60 7.93
C ILE A 173 27.19 25.86 8.70
N ARG A 174 28.01 26.25 9.67
CA ARG A 174 27.77 27.44 10.47
C ARG A 174 28.34 28.69 9.80
N PRO A 175 27.46 29.62 9.42
CA PRO A 175 27.97 30.86 8.83
C PRO A 175 28.48 31.80 9.93
N THR A 176 29.73 32.22 9.80
CA THR A 176 30.32 33.20 10.71
C THR A 176 30.29 34.55 10.00
N GLY A 177 30.22 35.64 10.76
CA GLY A 177 30.14 36.96 10.14
C GLY A 177 31.25 37.30 9.15
N PHE A 178 31.00 38.30 8.31
CA PHE A 178 32.04 38.93 7.49
C PHE A 178 32.91 39.81 8.38
N ASN A 179 32.32 40.38 9.43
CA ASN A 179 33.00 41.29 10.37
C ASN A 179 33.86 40.60 11.43
N ASN A 180 33.77 39.27 11.50
CA ASN A 180 34.62 38.46 12.38
C ASN A 180 35.73 37.69 11.62
N GLN A 181 36.93 37.64 12.21
CA GLN A 181 38.04 36.85 11.65
C GLN A 181 37.74 35.34 11.66
N VAL A 182 38.04 34.67 10.53
CA VAL A 182 37.77 33.23 10.34
C VAL A 182 38.57 32.32 11.28
N ASP A 183 38.08 31.10 11.46
CA ASP A 183 38.79 30.06 12.23
C ASP A 183 39.19 28.91 11.30
N THR A 184 40.48 28.61 11.28
CA THR A 184 41.07 27.56 10.43
C THR A 184 40.89 26.17 11.07
N SER A 185 40.84 26.15 12.41
CA SER A 185 40.58 24.94 13.19
C SER A 185 39.17 24.33 12.99
N GLU A 186 38.19 25.18 12.67
CA GLU A 186 36.79 24.75 12.44
C GLU A 186 36.51 24.37 10.99
N LYS A 187 36.49 23.05 10.74
CA LYS A 187 36.30 22.50 9.40
C LYS A 187 34.95 22.84 8.75
N TYR A 188 33.92 23.08 9.55
CA TYR A 188 32.54 23.19 9.05
C TYR A 188 31.89 24.53 9.35
N SER A 189 32.74 25.56 9.37
CA SER A 189 32.28 26.94 9.37
C SER A 189 32.63 27.58 8.05
N SER A 190 31.81 28.55 7.66
CA SER A 190 32.05 29.33 6.46
C SER A 190 31.83 30.79 6.75
N GLN A 191 32.69 31.64 6.19
CA GLN A 191 32.53 33.08 6.31
C GLN A 191 31.27 33.58 5.60
N PHE A 192 30.98 33.04 4.43
CA PHE A 192 29.86 33.54 3.62
C PHE A 192 28.78 32.49 3.41
N SER A 193 27.60 32.95 3.01
CA SER A 193 26.50 32.04 2.64
C SER A 193 26.75 31.32 1.32
N GLU A 194 27.94 31.50 0.74
CA GLU A 194 28.35 30.82 -0.49
C GLU A 194 29.72 30.18 -0.25
N ILE A 195 29.85 28.91 -0.59
CA ILE A 195 31.07 28.16 -0.32
C ILE A 195 31.65 27.49 -1.55
N SER A 196 32.85 26.96 -1.40
CA SER A 196 33.43 26.09 -2.37
C SER A 196 33.47 24.70 -1.76
N TRP A 197 32.66 23.80 -2.31
CA TRP A 197 32.52 22.44 -1.83
C TRP A 197 33.42 21.53 -2.63
N GLN A 198 34.40 20.91 -1.97
CA GLN A 198 35.29 19.98 -2.65
C GLN A 198 35.01 18.56 -2.19
N GLY A 199 34.87 17.65 -3.15
CA GLY A 199 34.69 16.23 -2.83
C GLY A 199 36.00 15.48 -2.67
N PRO A 200 35.93 14.19 -2.28
CA PRO A 200 37.15 13.41 -2.10
C PRO A 200 37.93 13.16 -3.40
N ASP A 201 37.29 13.36 -4.56
CA ASP A 201 37.96 13.17 -5.85
C ASP A 201 38.53 14.47 -6.41
N ASN A 202 38.41 15.56 -5.66
CA ASN A 202 38.87 16.92 -6.03
C ASN A 202 37.91 17.70 -6.93
N SER A 203 36.70 17.17 -7.13
CA SER A 203 35.65 17.93 -7.80
C SER A 203 35.24 19.11 -6.92
N ARG A 204 34.96 20.23 -7.56
CA ARG A 204 34.52 21.43 -6.84
C ARG A 204 33.22 21.97 -7.44
N ILE A 205 32.30 22.34 -6.56
CA ILE A 205 31.05 22.98 -6.98
C ILE A 205 30.78 24.21 -6.14
N LEU A 206 29.96 25.11 -6.65
CA LEU A 206 29.45 26.20 -5.84
C LEU A 206 28.50 25.65 -4.77
N GLY A 207 28.77 25.97 -3.51
CA GLY A 207 27.86 25.62 -2.41
C GLY A 207 26.99 26.79 -2.00
N LEU A 208 25.68 26.61 -2.08
CA LEU A 208 24.74 27.68 -1.78
C LEU A 208 24.02 27.39 -0.47
N LEU A 209 24.41 28.08 0.58
CA LEU A 209 23.93 27.76 1.93
C LEU A 209 22.77 28.66 2.32
N PHE A 210 21.67 28.04 2.76
CA PHE A 210 20.55 28.78 3.32
C PHE A 210 20.91 29.20 4.75
N ALA A 211 21.77 30.21 4.83
CA ALA A 211 22.31 30.70 6.10
C ALA A 211 21.21 31.12 7.08
N ASN A 212 20.07 31.53 6.54
CA ASN A 212 18.94 31.94 7.38
C ASN A 212 17.72 31.04 7.17
N TRP A 213 18.00 29.79 6.75
CA TRP A 213 17.01 28.75 6.43
C TRP A 213 16.17 29.10 5.19
N TYR A 214 15.52 28.10 4.61
CA TYR A 214 14.81 28.30 3.34
C TYR A 214 13.47 28.99 3.55
N SER A 215 13.27 29.52 4.75
CA SER A 215 12.07 30.28 5.04
C SER A 215 12.36 31.76 5.34
N ASN A 216 13.58 32.21 5.03
CA ASN A 216 13.96 33.56 5.41
C ASN A 216 13.06 34.67 4.84
N GLY A 217 12.50 34.44 3.65
CA GLY A 217 11.58 35.39 3.01
C GLY A 217 10.13 34.93 2.96
N ASN A 218 9.74 34.06 3.89
CA ASN A 218 8.38 33.53 3.96
C ASN A 218 7.38 34.59 4.42
N GLU A 219 6.22 34.62 3.77
CA GLU A 219 5.12 35.53 4.11
C GLU A 219 5.55 37.00 4.25
N ILE A 220 6.04 37.58 3.14
CA ILE A 220 6.42 38.98 3.10
C ILE A 220 5.19 39.87 3.33
N PRO A 221 5.31 40.86 4.22
CA PRO A 221 4.17 41.73 4.54
C PRO A 221 3.82 42.68 3.41
N THR A 222 2.56 43.11 3.37
CA THR A 222 2.06 44.03 2.33
C THR A 222 1.64 45.41 2.88
N THR A 223 1.85 45.61 4.18
CA THR A 223 1.58 46.89 4.84
C THR A 223 2.89 47.46 5.40
N GLU A 224 3.01 48.79 5.41
CA GLU A 224 4.28 49.48 5.71
C GLU A 224 4.94 49.06 7.04
N ALA A 225 4.23 49.28 8.15
CA ALA A 225 4.78 49.07 9.49
C ALA A 225 5.33 47.66 9.67
N GLU A 226 4.57 46.68 9.19
CA GLU A 226 4.97 45.28 9.26
C GLU A 226 6.11 45.01 8.29
N ALA A 227 6.07 45.65 7.13
CA ALA A 227 7.09 45.45 6.10
C ALA A 227 8.44 45.96 6.57
N ARG A 228 8.43 47.10 7.24
CA ARG A 228 9.66 47.71 7.74
C ARG A 228 10.33 46.86 8.80
N LEU A 229 9.53 46.37 9.76
CA LEU A 229 10.01 45.49 10.81
C LEU A 229 10.61 44.21 10.23
N PHE A 230 9.93 43.65 9.23
CA PHE A 230 10.35 42.43 8.53
C PHE A 230 11.68 42.62 7.78
N TRP A 231 11.74 43.64 6.93
CA TRP A 231 12.91 43.84 6.09
C TRP A 231 14.14 44.36 6.82
N ASP A 232 13.94 45.14 7.88
CA ASP A 232 15.06 45.61 8.70
C ASP A 232 15.88 44.44 9.25
N LYS A 233 15.17 43.39 9.68
CA LYS A 233 15.75 42.16 10.18
C LYS A 233 16.30 41.27 9.07
N LYS A 234 15.46 40.98 8.08
CA LYS A 234 15.79 40.05 6.98
C LYS A 234 16.98 40.52 6.12
N LEU A 235 17.01 41.82 5.82
CA LEU A 235 18.11 42.39 5.06
C LEU A 235 19.42 42.31 5.83
N ALA A 236 19.40 42.65 7.11
CA ALA A 236 20.57 42.55 7.98
C ALA A 236 21.06 41.10 8.11
N ASP A 237 20.13 40.18 8.33
CA ASP A 237 20.43 38.75 8.41
C ASP A 237 21.08 38.17 7.14
N ALA A 238 20.65 38.64 5.97
CA ALA A 238 21.23 38.20 4.71
C ALA A 238 22.58 38.88 4.42
N GLU A 239 22.63 40.19 4.63
CA GLU A 239 23.81 41.00 4.34
C GLU A 239 25.02 40.58 5.15
N ARG A 240 24.75 40.00 6.32
CA ARG A 240 25.77 39.55 7.25
C ARG A 240 26.60 38.41 6.67
N PHE A 241 25.99 37.61 5.80
CA PHE A 241 26.65 36.41 5.25
C PHE A 241 26.96 36.45 3.76
N ALA A 242 26.24 37.29 3.01
CA ALA A 242 26.40 37.33 1.56
C ALA A 242 27.79 37.80 1.10
N SER A 243 28.41 37.00 0.24
CA SER A 243 29.69 37.36 -0.37
C SER A 243 29.54 38.37 -1.52
N THR A 244 28.31 38.64 -1.95
CA THR A 244 28.08 39.60 -3.04
C THR A 244 26.94 40.55 -2.70
N LYS A 245 26.54 41.36 -3.67
CA LYS A 245 25.41 42.28 -3.51
C LYS A 245 24.06 41.58 -3.72
N HIS A 246 24.09 40.30 -4.08
CA HIS A 246 22.87 39.54 -4.33
C HIS A 246 22.45 38.77 -3.09
N LEU A 247 21.32 39.22 -2.53
CA LEU A 247 20.76 38.66 -1.31
C LEU A 247 19.67 37.65 -1.65
N LEU A 248 19.76 36.45 -1.06
CA LEU A 248 18.82 35.38 -1.33
C LEU A 248 17.69 35.34 -0.31
N MET A 249 16.50 35.74 -0.75
CA MET A 249 15.30 35.63 0.06
C MET A 249 14.41 34.51 -0.47
N MET A 250 14.29 33.45 0.32
CA MET A 250 13.46 32.28 -0.03
C MET A 250 12.04 32.50 0.43
N ASN A 251 11.14 32.70 -0.53
CA ASN A 251 9.73 33.01 -0.26
C ASN A 251 8.85 31.75 -0.17
N GLY A 252 9.07 31.00 0.91
CA GLY A 252 8.28 29.82 1.23
C GLY A 252 8.74 29.11 2.48
N CYS A 253 8.10 27.99 2.79
CA CYS A 253 8.43 27.14 3.92
C CYS A 253 7.85 25.74 3.67
N ASP A 254 7.88 24.88 4.68
CA ASP A 254 7.30 23.55 4.60
C ASP A 254 5.83 23.63 4.22
N HIS A 255 5.48 23.02 3.08
CA HIS A 255 4.11 22.93 2.61
C HIS A 255 3.44 24.29 2.60
N GLN A 256 4.23 25.34 2.39
CA GLN A 256 3.74 26.69 2.38
C GLN A 256 2.90 26.93 1.13
N PRO A 257 1.66 27.42 1.32
CA PRO A 257 0.85 27.86 0.18
C PRO A 257 1.55 29.03 -0.52
N VAL A 258 1.35 29.16 -1.82
CA VAL A 258 1.98 30.23 -2.57
C VAL A 258 1.47 31.57 -2.07
N GLN A 259 2.39 32.54 -1.95
CA GLN A 259 2.02 33.90 -1.60
C GLN A 259 1.45 34.66 -2.79
N LEU A 260 0.12 34.75 -2.82
CA LEU A 260 -0.62 35.29 -3.96
C LEU A 260 -0.47 36.79 -4.17
N ASP A 261 -0.07 37.49 -3.12
CA ASP A 261 0.10 38.94 -3.16
C ASP A 261 1.57 39.35 -3.07
N VAL A 262 2.46 38.44 -3.51
CA VAL A 262 3.91 38.68 -3.44
C VAL A 262 4.35 39.87 -4.30
N THR A 263 3.70 40.04 -5.46
CA THR A 263 4.02 41.16 -6.36
C THR A 263 3.81 42.52 -5.66
N LYS A 264 2.67 42.64 -4.98
CA LYS A 264 2.34 43.82 -4.19
C LYS A 264 3.33 44.00 -3.02
N ALA A 265 3.78 42.89 -2.43
CA ALA A 265 4.78 42.93 -1.34
C ALA A 265 6.14 43.38 -1.85
N ILE A 266 6.50 42.98 -3.07
CA ILE A 266 7.75 43.39 -3.68
C ILE A 266 7.71 44.88 -4.03
N ALA A 267 6.58 45.32 -4.58
CA ALA A 267 6.38 46.74 -4.93
C ALA A 267 6.52 47.63 -3.71
N LEU A 268 5.94 47.23 -2.57
CA LEU A 268 6.06 47.98 -1.33
C LEU A 268 7.49 48.04 -0.85
N ALA A 269 8.18 46.91 -0.91
CA ALA A 269 9.57 46.82 -0.51
C ALA A 269 10.44 47.79 -1.30
N ASN A 270 10.18 47.91 -2.60
CA ASN A 270 10.92 48.83 -3.46
C ASN A 270 10.66 50.30 -3.14
N GLN A 271 9.44 50.58 -2.68
CA GLN A 271 9.02 51.90 -2.25
C GLN A 271 9.61 52.29 -0.88
N LEU A 272 9.96 51.31 -0.06
CA LEU A 272 10.44 51.62 1.30
C LEU A 272 11.96 51.65 1.44
N TYR A 273 12.65 50.94 0.55
CA TYR A 273 14.10 50.84 0.59
C TYR A 273 14.66 51.12 -0.79
N PRO A 274 14.91 52.42 -1.10
CA PRO A 274 15.35 52.87 -2.41
C PRO A 274 16.75 52.33 -2.74
N ASP A 275 17.47 51.96 -1.69
CA ASP A 275 18.82 51.44 -1.78
C ASP A 275 18.87 49.95 -2.15
N TYR A 276 17.72 49.27 -2.18
CA TYR A 276 17.66 47.83 -2.47
C TYR A 276 16.78 47.51 -3.68
N GLU A 277 17.33 46.75 -4.62
CA GLU A 277 16.59 46.32 -5.80
C GLU A 277 15.87 45.00 -5.54
N PHE A 278 14.62 45.08 -5.11
CA PHE A 278 13.80 43.89 -4.83
C PHE A 278 13.23 43.35 -6.13
N VAL A 279 13.62 42.14 -6.51
CA VAL A 279 13.11 41.51 -7.73
C VAL A 279 12.62 40.07 -7.55
N HIS A 280 11.48 39.77 -8.18
CA HIS A 280 10.97 38.40 -8.21
C HIS A 280 11.88 37.59 -9.12
N SER A 281 12.50 36.56 -8.56
CA SER A 281 13.62 35.90 -9.22
C SER A 281 13.49 34.37 -9.23
N CYS A 282 14.47 33.72 -9.85
CA CYS A 282 14.57 32.28 -9.86
C CYS A 282 16.03 31.92 -9.59
N PHE A 283 16.29 30.65 -9.29
CA PHE A 283 17.65 30.23 -8.95
C PHE A 283 18.61 30.41 -10.10
N GLU A 284 18.15 30.13 -11.32
CA GLU A 284 18.97 30.24 -12.52
C GLU A 284 19.54 31.67 -12.68
N ASP A 285 18.67 32.67 -12.50
CA ASP A 285 19.07 34.07 -12.57
C ASP A 285 19.99 34.45 -11.42
N TYR A 286 19.70 33.92 -10.23
CA TYR A 286 20.52 34.20 -9.05
C TYR A 286 21.92 33.62 -9.25
N LEU A 287 21.98 32.40 -9.77
CA LEU A 287 23.24 31.74 -10.11
C LEU A 287 24.07 32.53 -11.13
N ALA A 288 23.37 33.13 -12.10
CA ALA A 288 24.02 33.87 -13.18
C ALA A 288 24.63 35.18 -12.68
N ASP A 289 23.93 35.84 -11.76
CA ASP A 289 24.39 37.08 -11.12
C ASP A 289 25.59 36.81 -10.19
N LEU A 290 25.58 35.67 -9.51
CA LEU A 290 26.73 35.21 -8.73
C LEU A 290 27.94 34.87 -9.61
N ALA A 291 27.69 34.46 -10.85
CA ALA A 291 28.77 34.18 -11.79
C ALA A 291 29.61 35.43 -12.07
N ASP A 292 28.94 36.60 -12.13
CA ASP A 292 29.62 37.85 -12.43
C ASP A 292 30.36 38.45 -11.23
N ASP A 293 29.77 38.33 -10.04
CA ASP A 293 30.22 39.09 -8.86
C ASP A 293 30.81 38.29 -7.69
N LEU A 294 31.01 36.98 -7.88
CA LEU A 294 31.50 36.13 -6.79
C LEU A 294 33.00 36.31 -6.56
N PRO A 295 33.40 36.50 -5.29
CA PRO A 295 34.80 36.80 -4.96
C PRO A 295 35.69 35.56 -4.94
N GLU A 296 37.00 35.77 -5.02
CA GLU A 296 37.96 34.66 -5.07
C GLU A 296 38.33 34.08 -3.70
N ASN A 297 37.87 34.71 -2.63
CA ASN A 297 38.21 34.26 -1.27
C ASN A 297 37.14 33.41 -0.57
N LEU A 298 36.37 32.64 -1.33
CA LEU A 298 35.37 31.74 -0.74
C LEU A 298 36.03 30.63 0.07
N SER A 299 35.49 30.39 1.27
CA SER A 299 36.02 29.35 2.14
C SER A 299 35.63 27.97 1.61
N THR A 300 36.51 26.99 1.82
CA THR A 300 36.33 25.66 1.28
C THR A 300 35.83 24.69 2.35
N VAL A 301 34.83 23.89 1.97
CA VAL A 301 34.38 22.77 2.79
C VAL A 301 34.82 21.46 2.12
N GLN A 302 35.44 20.58 2.89
CA GLN A 302 35.99 19.32 2.39
C GLN A 302 35.15 18.09 2.77
N GLY A 303 34.64 17.37 1.77
CA GLY A 303 33.96 16.09 1.97
C GLY A 303 32.57 16.19 2.57
N GLU A 304 32.21 15.21 3.39
CA GLU A 304 30.84 15.09 3.90
C GLU A 304 30.49 16.13 4.96
N ILE A 305 29.26 16.59 4.93
CA ILE A 305 28.76 17.56 5.88
C ILE A 305 27.69 16.90 6.74
N THR A 306 28.08 16.46 7.94
CA THR A 306 27.15 15.71 8.78
C THR A 306 26.91 16.35 10.16
N SER A 307 27.14 17.66 10.27
CA SER A 307 26.94 18.39 11.53
C SER A 307 27.93 17.96 12.63
N GLN A 308 29.16 17.65 12.21
CA GLN A 308 30.27 17.28 13.10
C GLN A 308 30.55 18.33 14.17
N GLU A 309 30.41 19.61 13.82
CA GLU A 309 30.74 20.68 14.75
C GLU A 309 29.51 21.34 15.38
N THR A 310 28.65 20.51 15.96
CA THR A 310 27.45 20.95 16.68
C THR A 310 27.37 20.21 18.03
N ASP A 311 26.34 20.47 18.82
CA ASP A 311 26.18 19.73 20.07
C ASP A 311 25.91 18.24 19.84
N GLY A 312 25.50 17.89 18.62
CA GLY A 312 25.30 16.51 18.22
C GLY A 312 23.95 15.94 18.62
N TRP A 313 23.08 16.79 19.13
CA TRP A 313 21.76 16.37 19.57
C TRP A 313 20.70 16.56 18.49
N TYR A 314 21.03 17.28 17.43
CA TYR A 314 20.04 17.58 16.38
C TYR A 314 20.56 17.33 14.97
N THR A 315 21.38 16.29 14.85
CA THR A 315 21.91 15.86 13.56
C THR A 315 20.88 14.95 12.88
N LEU A 316 20.05 14.32 13.73
CA LEU A 316 18.95 13.45 13.31
C LEU A 316 19.48 12.16 12.68
N ALA A 317 20.72 11.82 12.99
CA ALA A 317 21.38 10.65 12.44
C ALA A 317 20.69 9.36 12.89
N ASN A 318 20.05 9.37 14.06
CA ASN A 318 19.26 8.21 14.49
C ASN A 318 18.08 7.85 13.57
N THR A 319 17.78 8.68 12.57
CA THR A 319 16.83 8.25 11.54
C THR A 319 17.34 6.96 10.90
N ALA A 320 18.65 6.74 10.96
CA ALA A 320 19.26 5.53 10.38
C ALA A 320 18.71 4.23 10.98
N SER A 321 18.24 4.29 12.23
CA SER A 321 17.77 3.09 12.94
C SER A 321 16.27 3.14 13.28
N ALA A 322 15.61 4.23 12.91
CA ALA A 322 14.17 4.29 12.98
C ALA A 322 13.61 3.30 11.98
N ARG A 323 12.68 2.46 12.42
CA ARG A 323 11.95 1.55 11.54
C ARG A 323 12.93 0.85 10.60
N ILE A 324 13.83 0.10 11.21
CA ILE A 324 14.88 -0.63 10.49
C ILE A 324 14.29 -1.55 9.42
N TYR A 325 13.12 -2.10 9.68
CA TYR A 325 12.44 -2.94 8.69
C TYR A 325 12.28 -2.20 7.34
N LEU A 326 12.13 -0.88 7.39
CA LEU A 326 12.06 -0.10 6.15
C LEU A 326 13.38 -0.14 5.42
N LYS A 327 14.47 0.00 6.16
CA LYS A 327 15.78 0.09 5.53
C LYS A 327 16.12 -1.26 4.93
N GLN A 328 15.72 -2.31 5.65
CA GLN A 328 15.85 -3.68 5.15
C GLN A 328 15.09 -3.88 3.84
N ALA A 329 13.84 -3.42 3.78
CA ALA A 329 13.04 -3.60 2.55
C ALA A 329 13.70 -2.83 1.42
N ASN A 330 14.12 -1.61 1.71
CA ASN A 330 14.80 -0.79 0.72
C ASN A 330 16.03 -1.45 0.16
N THR A 331 16.81 -2.10 1.03
CA THR A 331 18.02 -2.79 0.61
C THR A 331 17.64 -3.98 -0.29
N ARG A 332 16.60 -4.70 0.08
CA ARG A 332 16.09 -5.82 -0.70
C ARG A 332 15.76 -5.41 -2.13
N VAL A 333 14.99 -4.34 -2.27
CA VAL A 333 14.57 -3.89 -3.58
C VAL A 333 15.72 -3.26 -4.37
N SER A 334 16.60 -2.53 -3.69
CA SER A 334 17.71 -1.88 -4.38
C SER A 334 18.64 -2.91 -5.00
N ARG A 335 19.02 -3.91 -4.21
CA ARG A 335 19.77 -5.05 -4.71
C ARG A 335 19.05 -5.75 -5.87
N GLN A 336 17.75 -5.99 -5.72
CA GLN A 336 16.94 -6.61 -6.76
C GLN A 336 17.07 -5.87 -8.07
N LEU A 337 16.85 -4.56 -8.06
CA LEU A 337 16.93 -3.80 -9.31
C LEU A 337 18.34 -3.65 -9.83
N GLU A 338 19.27 -3.23 -8.97
CA GLU A 338 20.61 -2.87 -9.41
C GLU A 338 21.46 -4.09 -9.74
N ASN A 339 21.29 -5.15 -8.97
CA ASN A 339 22.29 -6.20 -8.98
C ASN A 339 21.79 -7.57 -9.46
N ILE A 340 20.47 -7.70 -9.63
CA ILE A 340 19.91 -8.93 -10.16
C ILE A 340 19.21 -8.70 -11.50
N THR A 341 18.17 -7.87 -11.48
CA THR A 341 17.35 -7.61 -12.65
C THR A 341 18.13 -6.94 -13.79
N GLU A 342 18.72 -5.79 -13.53
CA GLU A 342 19.43 -5.10 -14.59
C GLU A 342 20.56 -5.90 -15.21
N PRO A 343 21.47 -6.50 -14.40
CA PRO A 343 22.56 -7.23 -15.05
C PRO A 343 22.03 -8.42 -15.86
N LEU A 344 21.04 -9.11 -15.33
CA LEU A 344 20.46 -10.21 -16.07
C LEU A 344 19.83 -9.71 -17.38
N ALA A 345 19.02 -8.66 -17.31
CA ALA A 345 18.37 -8.13 -18.53
C ALA A 345 19.40 -7.52 -19.48
N ALA A 346 20.50 -7.02 -18.92
CA ALA A 346 21.57 -6.45 -19.72
C ALA A 346 22.21 -7.55 -20.58
N MET A 347 22.36 -8.74 -20.00
CA MET A 347 22.97 -9.82 -20.73
C MET A 347 21.98 -10.46 -21.71
N ALA A 348 20.73 -10.57 -21.29
CA ALA A 348 19.71 -11.22 -22.09
C ALA A 348 19.49 -10.48 -23.40
N TYR A 349 19.77 -9.18 -23.40
CA TYR A 349 19.68 -8.36 -24.61
C TYR A 349 20.46 -8.97 -25.78
N GLU A 350 21.67 -9.48 -25.50
CA GLU A 350 22.50 -10.08 -26.54
C GLU A 350 21.75 -11.20 -27.29
N VAL A 351 20.70 -11.70 -26.67
CA VAL A 351 19.93 -12.82 -27.20
C VAL A 351 18.57 -12.38 -27.73
N THR A 352 17.93 -11.43 -27.05
CA THR A 352 16.55 -11.04 -27.39
C THR A 352 16.48 -9.71 -28.17
N SER A 353 17.56 -8.95 -28.17
CA SER A 353 17.56 -7.62 -28.79
C SER A 353 16.50 -6.69 -28.19
N THR A 354 16.07 -7.00 -26.98
CA THR A 354 15.16 -6.14 -26.26
C THR A 354 15.50 -6.10 -24.77
N TYR A 355 15.07 -5.04 -24.10
CA TYR A 355 15.45 -4.75 -22.74
C TYR A 355 14.31 -3.94 -22.15
N PRO A 356 13.86 -4.29 -20.94
CA PRO A 356 12.60 -3.74 -20.45
C PRO A 356 12.71 -2.34 -19.83
N HIS A 357 12.92 -1.32 -20.67
CA HIS A 357 13.11 0.05 -20.17
C HIS A 357 11.87 0.61 -19.49
N ASP A 358 10.72 0.57 -20.16
CA ASP A 358 9.49 1.06 -19.55
C ASP A 358 9.18 0.40 -18.20
N GLN A 359 9.30 -0.93 -18.11
CA GLN A 359 9.03 -1.60 -16.84
C GLN A 359 10.02 -1.24 -15.75
N LEU A 360 11.28 -1.04 -16.16
CA LEU A 360 12.32 -0.69 -15.21
C LEU A 360 12.14 0.73 -14.70
N ARG A 361 11.69 1.62 -15.58
CA ARG A 361 11.37 2.98 -15.18
C ARG A 361 10.22 2.96 -14.18
N TYR A 362 9.22 2.14 -14.45
CA TYR A 362 8.08 1.98 -13.56
C TYR A 362 8.51 1.45 -12.18
N ALA A 363 9.46 0.52 -12.16
CA ALA A 363 9.97 -0.05 -10.91
C ALA A 363 10.77 0.96 -10.13
N TRP A 364 11.68 1.65 -10.82
CA TRP A 364 12.51 2.67 -10.18
C TRP A 364 11.70 3.83 -9.61
N LYS A 365 10.73 4.32 -10.38
CA LYS A 365 9.85 5.36 -9.87
C LYS A 365 9.10 4.88 -8.64
N THR A 366 8.65 3.63 -8.66
CA THR A 366 7.89 3.10 -7.55
C THR A 366 8.80 3.02 -6.32
N LEU A 367 10.02 2.50 -6.50
CA LEU A 367 10.97 2.44 -5.40
C LEU A 367 11.29 3.84 -4.86
N MET A 368 11.53 4.79 -5.75
CA MET A 368 11.97 6.11 -5.32
C MET A 368 10.89 6.96 -4.67
N GLN A 369 9.63 6.57 -4.83
CA GLN A 369 8.55 7.20 -4.07
C GLN A 369 8.73 6.93 -2.58
N ASN A 370 9.61 6.00 -2.25
CA ASN A 370 9.99 5.72 -0.88
C ASN A 370 11.29 6.44 -0.49
N HIS A 371 11.87 7.17 -1.43
CA HIS A 371 13.18 7.75 -1.18
C HIS A 371 13.19 9.19 -0.66
N PRO A 372 12.03 9.90 -0.73
CA PRO A 372 12.05 11.23 -0.08
C PRO A 372 12.44 11.05 1.38
N HIS A 373 13.17 12.02 1.91
CA HIS A 373 13.82 11.84 3.21
C HIS A 373 12.88 11.48 4.35
N ASP A 374 11.72 12.13 4.46
CA ASP A 374 10.83 11.76 5.57
C ASP A 374 10.29 10.35 5.45
N SER A 375 10.35 9.77 4.25
CA SER A 375 9.85 8.42 4.03
C SER A 375 10.90 7.42 4.47
N ILE A 376 12.01 7.38 3.74
CA ILE A 376 13.10 6.45 4.02
C ILE A 376 13.64 6.62 5.46
N CYS A 377 13.70 7.86 5.95
CA CYS A 377 14.23 8.10 7.29
C CYS A 377 13.38 7.44 8.40
N GLY A 378 12.15 7.07 8.08
CA GLY A 378 11.27 6.46 9.06
C GLY A 378 10.74 7.46 10.07
N CYS A 379 10.76 8.74 9.71
CA CYS A 379 10.39 9.81 10.63
C CYS A 379 9.08 10.50 10.24
N SER A 380 8.15 9.70 9.73
CA SER A 380 6.79 10.16 9.46
C SER A 380 5.81 9.39 10.36
N VAL A 381 4.52 9.56 10.09
CA VAL A 381 3.47 8.83 10.85
C VAL A 381 3.25 7.39 10.35
N ASP A 382 2.53 6.61 11.16
CA ASP A 382 2.33 5.18 10.92
C ASP A 382 1.79 4.84 9.56
N SER A 383 0.82 5.62 9.09
CA SER A 383 0.16 5.30 7.83
C SER A 383 1.11 5.52 6.65
N VAL A 384 1.97 6.53 6.74
CA VAL A 384 2.98 6.75 5.71
C VAL A 384 3.88 5.53 5.50
N HIS A 385 4.34 4.96 6.60
CA HIS A 385 5.27 3.87 6.50
C HIS A 385 4.61 2.57 6.09
N ARG A 386 3.32 2.42 6.42
CA ARG A 386 2.56 1.26 5.94
C ARG A 386 2.44 1.35 4.43
N GLU A 387 2.26 2.58 3.93
CA GLU A 387 2.19 2.77 2.48
C GLU A 387 3.54 2.48 1.78
N MET A 388 4.63 2.89 2.41
CA MET A 388 5.94 2.59 1.85
C MET A 388 6.13 1.09 1.66
N MET A 389 5.67 0.30 2.63
CA MET A 389 5.82 -1.14 2.54
C MET A 389 5.14 -1.71 1.29
N THR A 390 3.92 -1.24 1.02
CA THR A 390 3.23 -1.57 -0.22
C THR A 390 4.07 -1.22 -1.46
N ARG A 391 4.60 0.00 -1.52
CA ARG A 391 5.45 0.42 -2.63
C ARG A 391 6.69 -0.46 -2.80
N PHE A 392 7.36 -0.78 -1.71
CA PHE A 392 8.50 -1.71 -1.73
C PHE A 392 8.11 -3.03 -2.39
N GLU A 393 6.98 -3.60 -1.96
CA GLU A 393 6.48 -4.85 -2.53
C GLU A 393 6.22 -4.72 -4.01
N LYS A 394 5.59 -3.61 -4.41
CA LYS A 394 5.24 -3.42 -5.81
C LYS A 394 6.50 -3.35 -6.69
N ALA A 395 7.50 -2.57 -6.26
CA ALA A 395 8.75 -2.44 -7.00
C ALA A 395 9.48 -3.76 -7.07
N TYR A 396 9.53 -4.46 -5.94
CA TYR A 396 10.22 -5.75 -5.91
C TYR A 396 9.58 -6.76 -6.89
N GLU A 397 8.26 -6.86 -6.87
CA GLU A 397 7.62 -7.82 -7.73
C GLU A 397 7.99 -7.56 -9.18
N VAL A 398 7.96 -6.29 -9.60
CA VAL A 398 8.31 -5.93 -10.99
C VAL A 398 9.73 -6.35 -11.31
N GLY A 399 10.66 -6.03 -10.40
CA GLY A 399 12.06 -6.39 -10.57
C GLY A 399 12.21 -7.89 -10.65
N HIS A 400 11.49 -8.59 -9.80
CA HIS A 400 11.59 -10.03 -9.69
C HIS A 400 11.00 -10.70 -10.93
N TYR A 401 9.91 -10.17 -11.46
CA TYR A 401 9.36 -10.73 -12.66
C TYR A 401 10.41 -10.62 -13.77
N LEU A 402 10.94 -9.42 -13.95
CA LEU A 402 11.88 -9.14 -15.02
C LEU A 402 13.14 -9.97 -14.92
N ALA A 403 13.59 -10.22 -13.68
CA ALA A 403 14.80 -10.99 -13.45
C ALA A 403 14.62 -12.45 -13.85
N LYS A 404 13.50 -13.04 -13.48
CA LYS A 404 13.22 -14.41 -13.86
C LYS A 404 13.09 -14.57 -15.36
N GLU A 405 12.50 -13.58 -16.00
CA GLU A 405 12.38 -13.57 -17.46
C GLU A 405 13.76 -13.53 -18.12
N ALA A 406 14.63 -12.63 -17.66
CA ALA A 406 15.95 -12.48 -18.24
C ALA A 406 16.74 -13.77 -18.10
N ALA A 407 16.66 -14.38 -16.93
CA ALA A 407 17.42 -15.58 -16.63
C ALA A 407 17.00 -16.76 -17.52
N LYS A 408 15.68 -16.93 -17.71
CA LYS A 408 15.19 -17.97 -18.59
C LYS A 408 15.62 -17.69 -20.03
N GLN A 409 15.53 -16.43 -20.46
CA GLN A 409 15.94 -16.08 -21.82
C GLN A 409 17.41 -16.48 -22.10
N ILE A 410 18.31 -16.15 -21.17
CA ILE A 410 19.71 -16.56 -21.29
C ILE A 410 19.86 -18.10 -21.33
N ALA A 411 19.26 -18.76 -20.34
CA ALA A 411 19.36 -20.21 -20.24
C ALA A 411 18.79 -20.92 -21.48
N ASP A 412 17.71 -20.40 -22.02
CA ASP A 412 17.11 -21.01 -23.21
C ASP A 412 18.01 -20.92 -24.45
N ALA A 413 18.97 -19.99 -24.44
CA ALA A 413 19.86 -19.77 -25.56
C ALA A 413 21.21 -20.46 -25.36
N ILE A 414 21.41 -21.04 -24.19
CA ILE A 414 22.62 -21.81 -23.90
C ILE A 414 22.59 -23.18 -24.58
N ASP A 415 23.72 -23.61 -25.16
CA ASP A 415 23.85 -24.95 -25.68
C ASP A 415 24.07 -25.88 -24.53
N THR A 416 23.03 -26.64 -24.18
CA THR A 416 23.05 -27.48 -22.98
C THR A 416 23.25 -28.96 -23.32
N ARG A 417 23.70 -29.23 -24.54
CA ARG A 417 23.79 -30.60 -25.04
C ARG A 417 24.97 -31.42 -24.54
N ASP A 418 25.79 -30.87 -23.66
CA ASP A 418 26.84 -31.68 -23.02
C ASP A 418 26.26 -32.53 -21.88
N PHE A 419 24.98 -32.32 -21.57
CA PHE A 419 24.34 -33.01 -20.46
C PHE A 419 23.43 -34.12 -20.93
N PRO A 420 23.69 -35.36 -20.50
CA PRO A 420 22.94 -36.52 -20.96
C PRO A 420 21.45 -36.36 -20.69
N MET A 421 20.64 -37.03 -21.50
CA MET A 421 19.19 -36.94 -21.42
C MET A 421 18.60 -37.27 -20.06
N ASP A 422 19.30 -38.08 -19.28
CA ASP A 422 18.82 -38.45 -17.96
C ASP A 422 18.98 -37.33 -16.91
N SER A 423 19.66 -36.26 -17.26
CA SER A 423 19.96 -35.20 -16.29
C SER A 423 19.13 -33.96 -16.54
N GLN A 424 18.99 -33.13 -15.51
CA GLN A 424 18.23 -31.90 -15.60
C GLN A 424 19.16 -30.71 -15.47
N PRO A 425 19.42 -30.02 -16.58
CA PRO A 425 20.35 -28.90 -16.52
C PRO A 425 19.80 -27.71 -15.73
N PHE A 426 20.71 -27.00 -15.11
CA PHE A 426 20.39 -25.73 -14.49
C PHE A 426 21.61 -24.80 -14.57
N VAL A 427 21.34 -23.50 -14.54
CA VAL A 427 22.34 -22.49 -14.79
C VAL A 427 22.41 -21.62 -13.56
N LEU A 428 23.62 -21.38 -13.10
CA LEU A 428 23.84 -20.53 -11.95
C LEU A 428 24.46 -19.22 -12.44
N PHE A 429 24.02 -18.11 -11.87
CA PHE A 429 24.57 -16.81 -12.24
C PHE A 429 25.17 -16.15 -11.02
N ASN A 430 26.36 -15.57 -11.22
CA ASN A 430 26.89 -14.53 -10.37
C ASN A 430 26.70 -13.20 -11.08
N THR A 431 25.82 -12.35 -10.55
CA THR A 431 25.52 -11.05 -11.18
C THR A 431 26.25 -9.89 -10.51
N SER A 432 27.25 -10.20 -9.69
CA SER A 432 28.06 -9.19 -9.03
C SER A 432 29.37 -8.97 -9.79
N GLY A 433 30.14 -7.95 -9.39
CA GLY A 433 31.33 -7.56 -10.14
C GLY A 433 32.65 -8.20 -9.71
N HIS A 434 32.63 -9.06 -8.71
CA HIS A 434 33.81 -9.81 -8.35
C HIS A 434 33.51 -11.30 -8.25
N SER A 435 34.55 -12.13 -8.22
CA SER A 435 34.38 -13.55 -8.01
C SER A 435 33.44 -13.81 -6.83
N LYS A 436 32.53 -14.76 -6.98
CA LYS A 436 31.59 -15.06 -5.89
C LYS A 436 31.77 -16.48 -5.39
N THR A 437 32.28 -16.61 -4.18
CA THR A 437 32.52 -17.90 -3.58
C THR A 437 31.49 -18.05 -2.47
N SER A 438 30.65 -19.07 -2.61
CA SER A 438 29.65 -19.35 -1.58
C SER A 438 29.21 -20.80 -1.63
N VAL A 439 28.47 -21.19 -0.61
CA VAL A 439 27.79 -22.46 -0.63
C VAL A 439 26.36 -22.12 -0.99
N ALA A 440 26.01 -22.34 -2.25
CA ALA A 440 24.71 -21.93 -2.78
C ALA A 440 23.60 -22.83 -2.25
N GLU A 441 22.51 -22.22 -1.82
CA GLU A 441 21.37 -22.96 -1.29
C GLU A 441 20.27 -23.06 -2.36
N LEU A 442 20.06 -24.27 -2.88
CA LEU A 442 19.24 -24.45 -4.09
C LEU A 442 18.04 -25.36 -3.90
N SER A 443 16.99 -25.08 -4.67
CA SER A 443 15.84 -25.95 -4.76
C SER A 443 15.52 -26.19 -6.23
N LEU A 444 15.65 -27.43 -6.70
CA LEU A 444 15.47 -27.74 -8.11
C LEU A 444 14.28 -28.65 -8.37
N THR A 445 13.56 -28.41 -9.45
CA THR A 445 12.53 -29.33 -9.87
C THR A 445 13.12 -30.49 -10.67
N TRP A 446 12.89 -31.70 -10.17
CA TRP A 446 13.37 -32.90 -10.80
C TRP A 446 12.37 -33.47 -11.83
N LYS A 447 11.09 -33.53 -11.46
CA LYS A 447 10.00 -33.99 -12.33
C LYS A 447 8.75 -33.19 -12.07
N LYS A 448 7.89 -33.11 -13.06
CA LYS A 448 6.59 -32.44 -12.91
C LYS A 448 5.46 -33.43 -13.16
N TYR A 449 4.49 -33.45 -12.25
CA TYR A 449 3.31 -34.29 -12.41
C TYR A 449 2.11 -33.40 -12.68
N HIS A 450 1.80 -33.22 -13.96
CA HIS A 450 0.71 -32.35 -14.39
C HIS A 450 -0.66 -32.87 -13.97
N PHE A 451 -1.53 -31.94 -13.60
CA PHE A 451 -2.91 -32.21 -13.21
C PHE A 451 -3.67 -32.74 -14.41
N GLY A 452 -3.58 -32.01 -15.53
CA GLY A 452 -4.36 -32.34 -16.71
C GLY A 452 -5.84 -32.31 -16.36
N GLN A 453 -6.53 -33.41 -16.65
CA GLN A 453 -7.97 -33.51 -16.40
C GLN A 453 -8.28 -34.49 -15.27
N ARG A 454 -7.31 -34.71 -14.39
CA ARG A 454 -7.45 -35.70 -13.33
C ARG A 454 -7.68 -35.03 -11.98
N PHE A 455 -8.20 -35.77 -11.01
CA PHE A 455 -8.29 -35.25 -9.64
C PHE A 455 -6.88 -35.10 -9.07
N PRO A 456 -6.55 -33.89 -8.59
CA PRO A 456 -5.22 -33.61 -8.05
C PRO A 456 -4.74 -34.64 -7.02
N LYS A 457 -5.64 -35.15 -6.18
CA LYS A 457 -5.24 -36.15 -5.17
C LYS A 457 -4.64 -37.41 -5.76
N GLU A 458 -5.07 -37.78 -6.97
CA GLU A 458 -4.55 -38.98 -7.64
C GLU A 458 -3.16 -38.72 -8.23
N VAL A 459 -2.97 -37.52 -8.79
CA VAL A 459 -1.67 -37.11 -9.28
C VAL A 459 -0.68 -37.00 -8.12
N TYR A 460 -1.15 -36.52 -6.97
CA TYR A 460 -0.31 -36.38 -5.79
C TYR A 460 0.21 -37.75 -5.37
N GLN A 461 -0.68 -38.74 -5.42
CA GLN A 461 -0.35 -40.11 -5.04
C GLN A 461 0.70 -40.72 -5.99
N GLU A 462 0.64 -40.37 -7.27
CA GLU A 462 1.64 -40.80 -8.24
C GLU A 462 3.02 -40.33 -7.84
N ALA A 463 3.10 -39.06 -7.46
CA ALA A 463 4.34 -38.44 -7.07
C ALA A 463 4.89 -39.10 -5.82
N GLN A 464 4.02 -39.37 -4.85
CA GLN A 464 4.42 -40.07 -3.62
C GLN A 464 4.99 -41.42 -3.94
N GLU A 465 4.30 -42.13 -4.84
CA GLU A 465 4.72 -43.45 -5.27
C GLU A 465 6.08 -43.41 -5.96
N TYR A 466 6.31 -42.42 -6.81
CA TYR A 466 7.63 -42.22 -7.41
C TYR A 466 8.73 -42.10 -6.37
N LEU A 467 8.53 -41.22 -5.38
CA LEU A 467 9.53 -41.02 -4.33
C LEU A 467 9.80 -42.25 -3.47
N ALA A 468 8.83 -43.15 -3.40
CA ALA A 468 8.98 -44.38 -2.63
C ALA A 468 9.73 -45.45 -3.42
N ARG A 469 9.48 -45.54 -4.72
CA ARG A 469 10.24 -46.44 -5.61
C ARG A 469 11.72 -46.07 -5.71
N LEU A 470 12.06 -44.84 -5.38
CA LEU A 470 13.40 -44.29 -5.64
C LEU A 470 14.50 -44.95 -4.82
N SER A 471 15.46 -45.56 -5.50
CA SER A 471 16.62 -46.17 -4.81
C SER A 471 17.95 -45.45 -5.05
N GLN A 472 18.00 -44.60 -6.06
CA GLN A 472 19.24 -43.90 -6.39
C GLN A 472 19.39 -42.58 -5.64
N SER A 473 20.64 -42.09 -5.56
CA SER A 473 20.97 -40.81 -4.91
C SER A 473 21.14 -39.72 -5.95
N PHE A 474 20.68 -38.52 -5.64
CA PHE A 474 20.92 -37.38 -6.52
C PHE A 474 22.36 -36.92 -6.50
N GLN A 475 22.85 -36.50 -7.65
CA GLN A 475 24.19 -35.96 -7.77
C GLN A 475 24.18 -34.78 -8.77
N ILE A 476 25.21 -33.95 -8.69
CA ILE A 476 25.36 -32.82 -9.59
C ILE A 476 26.57 -33.06 -10.49
N ILE A 477 26.38 -32.82 -11.79
CA ILE A 477 27.43 -33.01 -12.80
C ILE A 477 27.74 -31.73 -13.58
N ASP A 478 28.97 -31.59 -14.04
CA ASP A 478 29.35 -30.47 -14.93
C ASP A 478 29.32 -30.90 -16.41
N THR A 479 29.69 -29.97 -17.29
CA THR A 479 29.65 -30.22 -18.74
C THR A 479 30.54 -31.37 -19.19
N SER A 480 31.57 -31.67 -18.41
CA SER A 480 32.48 -32.75 -18.76
C SER A 480 32.11 -34.07 -18.08
N GLY A 481 30.87 -34.16 -17.60
CA GLY A 481 30.35 -35.40 -17.04
C GLY A 481 30.86 -35.75 -15.66
N GLN A 482 31.62 -34.84 -15.06
CA GLN A 482 32.21 -35.09 -13.75
C GLN A 482 31.26 -34.71 -12.61
N VAL A 483 31.18 -35.62 -11.63
CA VAL A 483 30.38 -35.42 -10.43
C VAL A 483 31.07 -34.40 -9.52
N ARG A 484 30.27 -33.57 -8.87
CA ARG A 484 30.73 -32.64 -7.86
C ARG A 484 30.45 -33.26 -6.51
N PRO A 485 31.47 -33.89 -5.91
CA PRO A 485 31.26 -34.64 -4.69
C PRO A 485 30.99 -33.75 -3.48
N GLU A 486 31.32 -32.47 -3.60
CA GLU A 486 31.16 -31.51 -2.49
C GLU A 486 29.70 -31.11 -2.30
N ALA A 487 28.89 -31.22 -3.35
CA ALA A 487 27.46 -30.94 -3.25
C ALA A 487 26.82 -31.81 -2.17
N GLU A 488 25.80 -31.28 -1.52
CA GLU A 488 25.06 -32.03 -0.50
C GLU A 488 23.55 -31.99 -0.76
N ILE A 489 22.94 -33.16 -0.85
CA ILE A 489 21.50 -33.27 -1.04
C ILE A 489 20.85 -33.28 0.32
N LEU A 490 19.96 -32.32 0.55
CA LEU A 490 19.35 -32.17 1.87
C LEU A 490 18.05 -32.94 1.99
N GLY A 491 17.31 -33.04 0.88
CA GLY A 491 16.04 -33.73 0.90
C GLY A 491 15.26 -33.64 -0.39
N THR A 492 14.23 -34.47 -0.48
CA THR A 492 13.30 -34.40 -1.58
C THR A 492 11.91 -34.17 -0.99
N SER A 493 11.02 -33.60 -1.77
CA SER A 493 9.67 -33.31 -1.30
C SER A 493 8.76 -33.14 -2.51
N ILE A 494 7.47 -33.05 -2.25
CA ILE A 494 6.48 -32.80 -3.30
C ILE A 494 5.85 -31.44 -3.05
N ALA A 495 5.85 -30.59 -4.07
CA ALA A 495 5.29 -29.26 -3.91
C ALA A 495 4.46 -28.88 -5.10
N PHE A 496 3.27 -28.39 -4.84
CA PHE A 496 2.47 -27.78 -5.86
C PHE A 496 3.26 -26.62 -6.44
N ASP A 497 3.19 -26.51 -7.76
CA ASP A 497 3.79 -25.41 -8.47
C ASP A 497 3.01 -25.26 -9.77
N TYR A 498 3.36 -24.25 -10.57
CA TYR A 498 2.65 -24.02 -11.83
C TYR A 498 3.54 -23.25 -12.82
N ASP A 499 3.28 -23.43 -14.10
CA ASP A 499 3.98 -22.65 -15.12
C ASP A 499 2.98 -21.74 -15.80
N LEU A 500 3.45 -20.57 -16.22
CA LEU A 500 2.63 -19.61 -16.95
C LEU A 500 3.29 -19.33 -18.29
N PRO A 501 2.96 -20.15 -19.31
CA PRO A 501 3.57 -19.97 -20.62
C PRO A 501 3.21 -18.63 -21.30
N LYS A 502 4.03 -18.24 -22.26
CA LYS A 502 3.82 -17.04 -23.06
C LYS A 502 2.63 -17.13 -24.01
N ARG A 503 2.29 -18.34 -24.44
CA ARG A 503 1.38 -18.54 -25.56
C ARG A 503 0.24 -19.51 -25.29
N SER A 504 0.02 -19.86 -24.02
CA SER A 504 -1.09 -20.73 -23.64
C SER A 504 -1.46 -20.67 -22.16
N PHE A 505 -2.44 -21.48 -21.75
CA PHE A 505 -3.03 -21.45 -20.41
C PHE A 505 -2.09 -21.93 -19.30
N ARG A 506 -2.34 -21.44 -18.08
CA ARG A 506 -1.60 -21.86 -16.87
C ARG A 506 -1.52 -23.39 -16.77
N GLU A 507 -0.41 -23.90 -16.25
CA GLU A 507 -0.20 -25.35 -16.17
C GLU A 507 0.15 -25.75 -14.74
N PRO A 508 -0.83 -26.21 -13.97
CA PRO A 508 -0.54 -26.67 -12.61
C PRO A 508 0.07 -28.06 -12.58
N TYR A 509 0.90 -28.32 -11.56
CA TYR A 509 1.51 -29.62 -11.36
C TYR A 509 2.04 -29.80 -9.96
N PHE A 510 2.18 -31.06 -9.54
CA PHE A 510 2.98 -31.36 -8.37
C PHE A 510 4.42 -31.62 -8.83
N ALA A 511 5.35 -30.91 -8.22
CA ALA A 511 6.77 -31.02 -8.55
C ALA A 511 7.51 -31.85 -7.52
N ILE A 512 8.37 -32.74 -7.99
CA ILE A 512 9.37 -33.36 -7.12
C ILE A 512 10.51 -32.37 -7.01
N LYS A 513 10.79 -31.89 -5.80
CA LYS A 513 11.81 -30.86 -5.60
C LYS A 513 13.00 -31.44 -4.90
N VAL A 514 14.20 -31.12 -5.37
CA VAL A 514 15.42 -31.54 -4.69
C VAL A 514 16.10 -30.34 -4.07
N ARG A 515 16.23 -30.40 -2.74
CA ARG A 515 16.80 -29.31 -1.96
C ARG A 515 18.23 -29.67 -1.66
N LEU A 516 19.15 -28.80 -2.06
CA LEU A 516 20.56 -29.09 -1.94
C LEU A 516 21.41 -27.87 -1.73
N ARG A 517 22.62 -28.10 -1.25
CA ARG A 517 23.60 -27.03 -1.16
C ARG A 517 24.82 -27.36 -2.02
N LEU A 518 25.39 -26.31 -2.61
CA LEU A 518 26.44 -26.47 -3.59
C LEU A 518 27.58 -25.46 -3.41
N PRO A 519 28.72 -25.92 -2.89
CA PRO A 519 29.92 -25.07 -2.89
C PRO A 519 30.30 -24.73 -4.32
N ILE A 520 30.46 -23.45 -4.63
CA ILE A 520 30.83 -23.02 -5.97
C ILE A 520 31.49 -21.65 -5.95
N THR A 521 32.45 -21.45 -6.87
CA THR A 521 33.04 -20.15 -7.08
C THR A 521 32.73 -19.71 -8.50
N LEU A 522 32.00 -18.59 -8.62
CA LEU A 522 31.64 -18.11 -9.93
C LEU A 522 32.35 -16.82 -10.26
N PRO A 523 33.09 -16.77 -11.38
CA PRO A 523 33.70 -15.52 -11.81
C PRO A 523 32.68 -14.38 -11.90
N ALA A 524 33.18 -13.15 -11.84
CA ALA A 524 32.36 -11.96 -11.93
C ALA A 524 31.47 -12.02 -13.15
N MET A 525 30.20 -11.64 -12.98
CA MET A 525 29.24 -11.53 -14.08
C MET A 525 29.29 -12.74 -15.02
N SER A 526 29.05 -13.92 -14.45
CA SER A 526 29.23 -15.17 -15.13
C SER A 526 28.07 -16.09 -14.92
N TRP A 527 27.90 -17.01 -15.86
CA TRP A 527 27.06 -18.14 -15.63
C TRP A 527 27.84 -19.43 -15.81
N LYS A 528 27.41 -20.48 -15.11
CA LYS A 528 27.91 -21.83 -15.30
C LYS A 528 26.72 -22.78 -15.29
N THR A 529 26.67 -23.67 -16.26
CA THR A 529 25.60 -24.66 -16.36
C THR A 529 26.05 -25.97 -15.73
N LEU A 530 25.19 -26.53 -14.91
CA LEU A 530 25.38 -27.87 -14.37
C LEU A 530 24.11 -28.67 -14.59
N ALA A 531 24.06 -29.89 -14.07
CA ALA A 531 22.88 -30.71 -14.22
C ALA A 531 22.63 -31.58 -13.00
N LEU A 532 21.36 -31.87 -12.75
CA LEU A 532 20.94 -32.73 -11.67
C LEU A 532 20.62 -34.12 -12.25
N LYS A 533 21.13 -35.18 -11.62
CA LYS A 533 20.80 -36.55 -12.05
C LYS A 533 20.83 -37.56 -10.93
N LEU A 534 20.27 -38.74 -11.20
CA LEU A 534 20.36 -39.87 -10.29
C LEU A 534 21.60 -40.70 -10.55
N GLY A 535 22.20 -41.22 -9.49
CA GLY A 535 23.38 -42.05 -9.61
C GLY A 535 23.58 -42.90 -8.38
N ASN A 536 24.66 -43.66 -8.37
CA ASN A 536 25.00 -44.43 -7.18
C ASN A 536 25.74 -43.57 -6.17
N GLU A 537 25.55 -43.89 -4.89
CA GLU A 537 26.17 -43.20 -3.77
C GLU A 537 25.53 -43.69 -2.48
N THR A 543 36.83 -36.22 5.34
CA THR A 543 36.58 -34.77 5.50
C THR A 543 36.08 -34.40 6.92
N VAL A 544 36.71 -33.38 7.51
CA VAL A 544 36.43 -32.95 8.89
C VAL A 544 35.31 -31.90 8.92
N SER A 545 34.34 -32.09 9.81
CA SER A 545 33.28 -31.09 10.00
C SER A 545 33.81 -29.76 10.52
N LEU A 546 33.18 -28.68 10.09
CA LEU A 546 33.63 -27.34 10.48
C LEU A 546 33.43 -27.05 11.96
N TYR A 547 32.37 -27.61 12.55
CA TYR A 547 32.11 -27.41 13.96
C TYR A 547 32.56 -28.58 14.78
N ASP A 548 33.40 -28.29 15.79
CA ASP A 548 33.85 -29.26 16.76
C ASP A 548 32.97 -29.15 18.01
N ASP A 549 32.17 -30.18 18.19
CA ASP A 549 31.13 -30.25 19.20
C ASP A 549 31.65 -30.31 20.63
N SER A 550 32.85 -30.88 20.82
CA SER A 550 33.40 -31.04 22.16
C SER A 550 34.05 -29.75 22.66
N ASN A 551 34.42 -28.88 21.71
CA ASN A 551 35.21 -27.68 21.92
C ASN A 551 34.39 -26.40 21.75
N GLN A 552 33.12 -26.54 21.38
CA GLN A 552 32.23 -25.44 20.94
C GLN A 552 32.93 -24.51 19.96
N CYS A 553 33.43 -25.09 18.88
CA CYS A 553 34.36 -24.39 18.04
C CYS A 553 34.12 -24.54 16.52
N LEU A 554 33.91 -23.42 15.84
CA LEU A 554 33.85 -23.36 14.37
C LEU A 554 35.22 -23.00 13.84
N GLU A 555 35.72 -23.77 12.89
CA GLU A 555 37.06 -23.50 12.33
C GLU A 555 37.16 -23.85 10.86
N ASN A 556 37.62 -22.90 10.06
CA ASN A 556 37.99 -23.15 8.67
C ASN A 556 39.41 -22.69 8.43
N GLY A 557 39.76 -22.38 7.18
CA GLY A 557 41.12 -21.98 6.85
C GLY A 557 41.46 -20.56 7.29
N PHE A 558 40.44 -19.78 7.61
CA PHE A 558 40.62 -18.36 7.89
C PHE A 558 40.47 -18.00 9.35
N LEU A 559 39.54 -18.66 10.03
CA LEU A 559 39.14 -18.28 11.36
C LEU A 559 38.93 -19.48 12.27
N LYS A 560 39.21 -19.29 13.55
CA LYS A 560 38.80 -20.23 14.58
C LYS A 560 37.84 -19.46 15.50
N VAL A 561 36.60 -19.90 15.55
CA VAL A 561 35.58 -19.21 16.33
C VAL A 561 35.17 -20.08 17.49
N MET A 562 35.50 -19.65 18.70
CA MET A 562 35.13 -20.38 19.91
CA MET A 562 35.13 -20.38 19.90
C MET A 562 33.87 -19.76 20.49
N ILE A 563 32.91 -20.59 20.84
CA ILE A 563 31.74 -20.08 21.52
C ILE A 563 31.96 -20.14 23.02
N GLN A 564 32.00 -18.96 23.63
CA GLN A 564 32.25 -18.84 25.07
C GLN A 564 31.05 -19.36 25.83
N THR A 565 31.25 -19.77 27.08
CA THR A 565 30.11 -20.24 27.87
C THR A 565 29.01 -19.18 28.00
N ASP A 566 29.37 -17.89 27.95
CA ASP A 566 28.36 -16.82 28.00
C ASP A 566 27.77 -16.45 26.61
N GLY A 567 28.24 -17.12 25.57
CA GLY A 567 27.65 -16.95 24.24
C GLY A 567 28.37 -15.97 23.34
N ARG A 568 29.30 -15.21 23.90
CA ARG A 568 30.11 -14.32 23.08
C ARG A 568 31.21 -15.12 22.39
N LEU A 569 31.92 -14.49 21.47
CA LEU A 569 32.82 -15.20 20.58
C LEU A 569 34.27 -14.80 20.78
N THR A 570 35.15 -15.79 20.79
CA THR A 570 36.58 -15.55 20.71
C THR A 570 37.01 -16.00 19.32
N ILE A 571 37.45 -15.05 18.52
CA ILE A 571 37.78 -15.32 17.13
C ILE A 571 39.27 -15.15 16.96
N THR A 572 39.92 -16.19 16.43
CA THR A 572 41.34 -16.14 16.12
C THR A 572 41.49 -16.13 14.61
N ASP A 573 42.20 -15.13 14.10
CA ASP A 573 42.51 -15.07 12.69
C ASP A 573 43.69 -16.00 12.44
N LYS A 574 43.49 -17.02 11.62
CA LYS A 574 44.49 -18.09 11.48
C LYS A 574 45.69 -17.74 10.59
N GLN A 575 45.60 -16.60 9.92
CA GLN A 575 46.71 -16.14 9.09
CA GLN A 575 46.66 -16.09 9.04
C GLN A 575 47.49 -14.99 9.74
N SER A 576 46.80 -14.04 10.39
CA SER A 576 47.51 -12.98 11.10
C SER A 576 47.90 -13.39 12.52
N GLY A 577 47.10 -14.25 13.15
CA GLY A 577 47.38 -14.77 14.48
C GLY A 577 46.68 -14.02 15.59
N LEU A 578 46.02 -12.91 15.25
CA LEU A 578 45.39 -12.04 16.23
C LEU A 578 44.16 -12.66 16.86
N ILE A 579 44.04 -12.54 18.17
CA ILE A 579 42.89 -13.07 18.89
C ILE A 579 41.99 -11.96 19.38
N TYR A 580 40.69 -12.10 19.11
CA TYR A 580 39.67 -11.16 19.56
C TYR A 580 38.70 -11.87 20.48
N GLN A 581 38.67 -11.49 21.76
CA GLN A 581 37.73 -12.06 22.72
C GLN A 581 36.48 -11.21 22.86
N ASP A 582 35.45 -11.84 23.41
CA ASP A 582 34.18 -11.18 23.78
C ASP A 582 33.48 -10.47 22.61
N LEU A 583 33.59 -11.03 21.41
CA LEU A 583 32.87 -10.45 20.27
C LEU A 583 31.41 -10.90 20.29
N LEU A 584 30.58 -10.21 19.52
CA LEU A 584 29.16 -10.52 19.36
C LEU A 584 28.39 -10.37 20.66
N ARG A 585 28.43 -9.18 21.24
CA ARG A 585 27.68 -8.91 22.45
C ARG A 585 26.42 -8.14 22.14
N PHE A 586 25.31 -8.62 22.69
CA PHE A 586 24.01 -7.97 22.51
C PHE A 586 23.67 -7.09 23.69
N GLU A 587 23.28 -5.86 23.37
CA GLU A 587 23.08 -4.83 24.36
C GLU A 587 21.69 -4.22 24.18
N ASP A 588 20.92 -4.18 25.26
CA ASP A 588 19.61 -3.56 25.22
C ASP A 588 19.57 -2.36 26.15
N CYS A 589 19.22 -1.20 25.59
CA CYS A 589 19.12 0.05 26.34
C CYS A 589 17.75 0.69 26.18
N GLY A 590 17.37 1.51 27.15
CA GLY A 590 16.14 2.28 27.03
C GLY A 590 16.28 3.30 25.90
N ASP A 591 15.16 3.67 25.31
CA ASP A 591 15.13 4.78 24.39
C ASP A 591 13.86 5.55 24.61
N ILE A 592 14.02 6.78 25.11
CA ILE A 592 12.90 7.65 25.38
C ILE A 592 12.88 8.78 24.37
N GLY A 593 13.48 8.53 23.21
CA GLY A 593 13.51 9.52 22.13
C GLY A 593 12.35 9.41 21.14
N ASN A 594 12.64 9.74 19.90
CA ASN A 594 11.62 9.79 18.87
C ASN A 594 12.19 9.17 17.59
N GLU A 595 11.59 9.44 16.44
CA GLU A 595 12.06 8.79 15.21
C GLU A 595 13.32 9.42 14.64
N TYR A 596 13.67 10.60 15.12
CA TYR A 596 14.82 11.31 14.61
C TYR A 596 16.05 11.10 15.51
N ILE A 597 15.80 10.95 16.82
CA ILE A 597 16.85 11.08 17.82
C ILE A 597 16.69 10.02 18.92
N SER A 598 17.76 9.31 19.21
CA SER A 598 17.77 8.32 20.28
C SER A 598 18.24 8.93 21.59
N ARG A 599 17.51 8.66 22.66
CA ARG A 599 17.92 9.12 23.99
C ARG A 599 17.81 8.01 25.03
N GLN A 600 18.92 7.68 25.66
CA GLN A 600 18.89 6.75 26.78
C GLN A 600 18.48 7.51 28.04
N PRO A 601 17.60 6.92 28.87
CA PRO A 601 17.17 7.63 30.07
C PRO A 601 18.26 7.86 31.12
N ASN A 602 17.95 8.67 32.12
CA ASN A 602 18.86 8.94 33.22
C ASN A 602 19.27 7.67 33.95
N HIS A 603 20.57 7.55 34.23
CA HIS A 603 21.10 6.40 34.98
C HIS A 603 20.62 5.08 34.37
N ASP A 604 20.62 5.03 33.05
CA ASP A 604 20.23 3.86 32.26
C ASP A 604 21.39 2.90 32.24
N GLN A 605 21.17 1.70 32.75
CA GLN A 605 22.17 0.63 32.69
C GLN A 605 21.78 -0.36 31.63
N PRO A 606 22.70 -0.69 30.73
CA PRO A 606 22.43 -1.68 29.66
C PRO A 606 22.11 -3.06 30.19
N PHE A 607 21.25 -3.80 29.50
CA PHE A 607 21.07 -5.23 29.77
C PHE A 607 21.81 -6.02 28.69
N TYR A 608 22.57 -7.03 29.11
CA TYR A 608 23.40 -7.79 28.20
C TYR A 608 22.89 -9.21 28.13
N ALA A 609 22.76 -9.72 26.91
CA ALA A 609 22.21 -11.05 26.67
C ALA A 609 23.12 -12.15 27.24
N ASP A 610 24.43 -11.89 27.27
CA ASP A 610 25.38 -12.86 27.81
C ASP A 610 25.23 -13.05 29.33
N GLN A 611 24.45 -12.19 29.96
CA GLN A 611 24.20 -12.34 31.38
C GLN A 611 22.91 -13.13 31.66
N GLY A 612 22.31 -13.66 30.59
CA GLY A 612 21.10 -14.48 30.69
C GLY A 612 21.36 -15.97 30.58
N THR A 613 20.38 -16.70 30.05
CA THR A 613 20.49 -18.14 29.87
C THR A 613 20.87 -18.45 28.42
N ILE A 614 21.87 -19.29 28.24
CA ILE A 614 22.49 -19.54 26.93
C ILE A 614 22.29 -21.00 26.54
N LYS A 615 21.78 -21.21 25.33
CA LYS A 615 21.54 -22.52 24.77
C LYS A 615 22.21 -22.57 23.41
N LEU A 616 22.86 -23.69 23.11
CA LEU A 616 23.46 -23.91 21.80
C LEU A 616 22.69 -24.94 21.00
N ASN A 617 22.66 -24.76 19.69
CA ASN A 617 21.90 -25.65 18.82
C ASN A 617 22.58 -25.72 17.47
N ILE A 618 22.96 -26.93 17.07
CA ILE A 618 23.56 -27.18 15.78
C ILE A 618 22.46 -27.35 14.74
N ILE A 619 22.39 -26.45 13.76
CA ILE A 619 21.42 -26.57 12.69
C ILE A 619 21.98 -27.50 11.60
N SER A 620 23.24 -27.31 11.24
CA SER A 620 23.90 -28.18 10.29
C SER A 620 25.40 -28.14 10.53
N ASN A 621 26.11 -29.17 10.08
CA ASN A 621 27.54 -29.29 10.33
C ASN A 621 28.18 -30.26 9.35
N THR A 622 28.87 -29.73 8.35
CA THR A 622 29.60 -30.58 7.41
C THR A 622 30.99 -29.99 7.18
N ALA A 623 31.77 -30.60 6.30
CA ALA A 623 33.06 -30.05 5.92
C ALA A 623 32.96 -28.75 5.08
N GLN A 624 31.77 -28.48 4.53
CA GLN A 624 31.56 -27.35 3.64
C GLN A 624 30.92 -26.16 4.34
N VAL A 625 29.98 -26.45 5.22
CA VAL A 625 29.21 -25.41 5.87
C VAL A 625 28.82 -25.90 7.25
N ALA A 626 28.81 -24.99 8.21
CA ALA A 626 28.24 -25.25 9.51
C ALA A 626 27.35 -24.07 9.88
N GLU A 627 26.23 -24.38 10.53
CA GLU A 627 25.27 -23.39 10.98
C GLU A 627 25.02 -23.61 12.46
N LEU A 628 25.38 -22.62 13.27
CA LEU A 628 25.25 -22.78 14.68
C LEU A 628 24.35 -21.71 15.26
N GLU A 629 23.42 -22.10 16.11
CA GLU A 629 22.55 -21.16 16.78
C GLU A 629 22.93 -20.91 18.23
N ILE A 630 23.13 -19.64 18.57
CA ILE A 630 23.32 -19.21 19.95
C ILE A 630 22.06 -18.53 20.41
N GLN A 631 21.42 -19.10 21.41
CA GLN A 631 20.19 -18.54 21.93
C GLN A 631 20.40 -17.97 23.32
N GLN A 632 19.98 -16.73 23.52
CA GLN A 632 20.03 -16.08 24.83
C GLN A 632 18.63 -15.68 25.27
N THR A 633 18.31 -15.99 26.52
CA THR A 633 17.11 -15.49 27.15
C THR A 633 17.53 -14.57 28.29
N PHE A 634 17.05 -13.34 28.25
CA PHE A 634 17.31 -12.39 29.33
C PHE A 634 16.13 -11.47 29.51
N ALA A 635 15.88 -11.06 30.75
CA ALA A 635 14.76 -10.21 31.07
C ALA A 635 15.13 -8.74 30.84
N ILE A 636 14.29 -8.02 30.10
CA ILE A 636 14.45 -6.58 29.90
C ILE A 636 13.17 -5.86 30.27
N PRO A 637 13.26 -4.53 30.54
CA PRO A 637 12.05 -3.76 30.82
C PRO A 637 11.07 -3.84 29.65
N ILE A 638 9.77 -3.97 29.96
CA ILE A 638 8.75 -4.12 28.91
C ILE A 638 8.44 -2.80 28.20
N SER A 639 8.77 -1.67 28.83
CA SER A 639 8.47 -0.36 28.24
C SER A 639 9.21 0.75 28.98
N ALA A 640 8.89 1.99 28.62
CA ALA A 640 9.27 3.12 29.45
C ALA A 640 8.19 3.26 30.50
N ASP A 641 8.46 3.97 31.59
CA ASP A 641 7.46 4.16 32.63
C ASP A 641 6.36 5.13 32.20
N LYS A 642 5.35 5.31 33.06
CA LYS A 642 4.16 6.07 32.71
C LYS A 642 4.44 7.57 32.48
N LEU A 643 5.64 8.03 32.83
CA LEU A 643 6.01 9.43 32.69
C LEU A 643 6.25 9.87 31.23
N LEU A 644 6.82 9.00 30.41
CA LEU A 644 7.16 9.35 29.02
C LEU A 644 5.95 9.85 28.21
N GLN A 645 4.82 9.19 28.41
CA GLN A 645 3.58 9.58 27.76
C GLN A 645 3.26 11.05 28.06
N ALA A 646 3.36 11.43 29.33
CA ALA A 646 3.15 12.84 29.73
C ALA A 646 4.17 13.78 29.10
N GLU A 647 5.40 13.30 28.92
CA GLU A 647 6.48 14.13 28.38
C GLU A 647 6.38 14.34 26.87
N MET A 648 5.87 13.34 26.16
CA MET A 648 5.63 13.46 24.72
C MET A 648 4.44 14.37 24.46
N GLU A 649 3.37 14.20 25.22
CA GLU A 649 2.14 14.97 25.04
C GLU A 649 2.41 16.46 25.24
N ALA A 650 3.38 16.77 26.09
CA ALA A 650 3.70 18.17 26.37
C ALA A 650 4.84 18.68 25.49
N VAL A 651 5.34 17.83 24.59
CA VAL A 651 6.42 18.21 23.67
C VAL A 651 7.66 18.72 24.44
N ILE A 652 8.02 17.99 25.50
CA ILE A 652 9.27 18.19 26.22
C ILE A 652 10.43 17.71 25.35
N ASP A 653 11.43 18.56 25.17
CA ASP A 653 12.63 18.19 24.43
C ASP A 653 13.24 16.90 25.01
N ILE A 654 13.76 16.07 24.12
CA ILE A 654 14.27 14.77 24.50
C ILE A 654 15.42 14.85 25.53
N THR A 655 16.16 15.96 25.54
CA THR A 655 17.28 16.13 26.49
C THR A 655 16.85 16.43 27.93
N GLU A 656 15.59 16.82 28.11
CA GLU A 656 15.08 17.20 29.43
C GLU A 656 14.21 16.13 30.08
N ARG A 657 13.97 15.03 29.38
CA ARG A 657 13.01 14.01 29.81
C ARG A 657 13.52 13.19 30.99
N GLN A 658 12.63 13.01 31.97
CA GLN A 658 12.97 12.34 33.21
C GLN A 658 12.43 10.91 33.29
N ALA A 659 11.75 10.48 32.22
CA ALA A 659 11.22 9.12 32.14
C ALA A 659 12.32 8.09 32.11
N ARG A 660 12.02 6.94 32.69
CA ARG A 660 12.96 5.82 32.75
C ARG A 660 12.30 4.55 32.24
N ARG A 661 13.06 3.47 32.25
CA ARG A 661 12.54 2.18 31.84
C ARG A 661 11.66 1.65 32.94
N SER A 662 10.57 0.99 32.58
CA SER A 662 9.67 0.46 33.58
C SER A 662 10.36 -0.56 34.51
N GLN A 663 9.85 -0.68 35.74
CA GLN A 663 10.39 -1.65 36.68
CA GLN A 663 10.36 -1.67 36.70
C GLN A 663 10.01 -3.09 36.25
N GLU A 664 8.86 -3.23 35.61
CA GLU A 664 8.41 -4.54 35.13
C GLU A 664 9.20 -5.01 33.91
N LYS A 665 9.52 -6.30 33.91
CA LYS A 665 10.36 -6.88 32.88
C LYS A 665 9.75 -8.12 32.27
N ALA A 666 10.21 -8.48 31.07
CA ALA A 666 9.79 -9.71 30.40
C ALA A 666 10.98 -10.36 29.72
N GLU A 667 10.92 -11.67 29.54
CA GLU A 667 11.99 -12.41 28.90
C GLU A 667 12.01 -12.21 27.39
N LEU A 668 13.17 -11.79 26.87
CA LEU A 668 13.42 -11.68 25.44
C LEU A 668 14.38 -12.79 24.99
N THR A 669 14.05 -13.46 23.90
CA THR A 669 14.86 -14.56 23.43
C THR A 669 15.47 -14.22 22.10
N LEU A 670 16.79 -14.19 22.05
CA LEU A 670 17.51 -13.87 20.84
C LEU A 670 18.12 -15.14 20.33
N THR A 671 17.97 -15.41 19.03
CA THR A 671 18.66 -16.51 18.43
C THR A 671 19.49 -15.91 17.31
N THR A 672 20.77 -16.25 17.29
CA THR A 672 21.67 -15.84 16.23
C THR A 672 22.20 -17.10 15.58
N LEU A 673 22.00 -17.18 14.27
CA LEU A 673 22.51 -18.27 13.49
C LEU A 673 23.84 -17.83 12.92
N ILE A 674 24.87 -18.62 13.12
CA ILE A 674 26.19 -18.32 12.60
C ILE A 674 26.44 -19.29 11.46
N ARG A 675 26.67 -18.75 10.28
CA ARG A 675 27.01 -19.58 9.13
C ARG A 675 28.46 -19.37 8.78
N MET A 676 29.23 -20.44 8.90
CA MET A 676 30.59 -20.48 8.39
C MET A 676 30.66 -21.41 7.18
N GLU A 677 31.34 -20.95 6.13
CA GLU A 677 31.55 -21.76 4.95
C GLU A 677 33.03 -22.03 4.79
N LYS A 678 33.35 -23.16 4.19
CA LYS A 678 34.73 -23.60 4.04
C LYS A 678 35.70 -22.62 3.38
N ASN A 679 35.36 -22.08 2.22
CA ASN A 679 36.35 -21.24 1.54
C ASN A 679 36.07 -19.74 1.65
N ASN A 680 35.38 -19.38 2.73
CA ASN A 680 34.83 -18.06 2.88
C ASN A 680 35.33 -17.40 4.17
N PRO A 681 36.11 -16.31 4.04
CA PRO A 681 36.62 -15.60 5.21
C PRO A 681 35.54 -14.84 5.98
N ARG A 682 34.41 -14.56 5.33
CA ARG A 682 33.35 -13.76 5.92
C ARG A 682 32.41 -14.64 6.73
N LEU A 683 32.25 -14.30 8.00
CA LEU A 683 31.41 -15.08 8.90
C LEU A 683 30.06 -14.40 8.98
N GLN A 684 29.00 -15.13 8.66
CA GLN A 684 27.67 -14.55 8.53
C GLN A 684 26.82 -14.77 9.79
N PHE A 685 26.12 -13.72 10.22
CA PHE A 685 25.23 -13.80 11.38
C PHE A 685 23.80 -13.44 10.98
N THR A 686 22.82 -14.10 11.58
CA THR A 686 21.43 -13.69 11.43
C THR A 686 20.79 -13.77 12.80
N THR A 687 20.34 -12.63 13.30
CA THR A 687 19.78 -12.55 14.64
C THR A 687 18.28 -12.34 14.55
N ARG A 688 17.57 -13.13 15.33
CA ARG A 688 16.16 -13.38 15.18
C ARG A 688 15.52 -13.25 16.57
N PHE A 689 14.42 -12.52 16.65
CA PHE A 689 13.67 -12.43 17.89
C PHE A 689 12.28 -11.91 17.60
N ASP A 690 11.40 -12.02 18.58
CA ASP A 690 10.10 -11.37 18.53
C ASP A 690 10.09 -10.16 19.46
N ASN A 691 10.10 -8.96 18.90
CA ASN A 691 10.06 -7.77 19.77
C ASN A 691 8.67 -7.48 20.36
N GLN A 692 8.53 -7.63 21.68
CA GLN A 692 7.29 -7.29 22.37
C GLN A 692 7.55 -6.23 23.43
N MET A 693 8.58 -5.41 23.23
CA MET A 693 8.93 -4.40 24.21
C MET A 693 9.03 -3.03 23.56
N THR A 694 8.67 -2.00 24.30
CA THR A 694 8.63 -0.66 23.73
C THR A 694 9.74 0.24 24.30
N ASN A 695 10.09 1.28 23.53
CA ASN A 695 11.07 2.30 23.92
C ASN A 695 12.41 1.74 24.38
N HIS A 696 13.09 1.09 23.45
CA HIS A 696 14.37 0.48 23.72
C HIS A 696 15.14 0.33 22.45
N ARG A 697 16.40 -0.03 22.59
CA ARG A 697 17.32 -0.17 21.47
C ARG A 697 18.16 -1.42 21.73
N LEU A 698 18.40 -2.18 20.68
CA LEU A 698 19.21 -3.39 20.74
C LEU A 698 20.37 -3.24 19.77
N ARG A 699 21.58 -3.48 20.24
CA ARG A 699 22.77 -3.40 19.39
C ARG A 699 23.60 -4.67 19.53
N VAL A 700 24.36 -5.01 18.48
CA VAL A 700 25.38 -6.05 18.57
C VAL A 700 26.75 -5.37 18.56
N LEU A 701 27.67 -5.83 19.41
CA LEU A 701 28.93 -5.13 19.61
C LEU A 701 30.13 -5.98 19.27
N PHE A 702 31.09 -5.38 18.57
CA PHE A 702 32.34 -6.04 18.24
C PHE A 702 33.48 -5.19 18.74
N PRO A 703 33.93 -5.44 19.98
CA PRO A 703 35.11 -4.76 20.50
C PRO A 703 36.38 -5.24 19.82
N THR A 704 37.04 -4.33 19.10
CA THR A 704 38.22 -4.70 18.33
C THR A 704 39.51 -4.37 19.08
N HIS A 705 39.48 -3.32 19.90
CA HIS A 705 40.70 -2.82 20.57
C HIS A 705 41.86 -2.54 19.62
N LEU A 706 41.55 -2.28 18.36
CA LEU A 706 42.57 -1.96 17.37
C LEU A 706 43.10 -0.57 17.68
N LYS A 707 44.37 -0.35 17.40
CA LYS A 707 45.01 0.93 17.71
C LYS A 707 45.01 1.90 16.54
N THR A 708 43.92 2.64 16.45
CA THR A 708 43.73 3.65 15.40
C THR A 708 42.71 4.69 15.87
N ASP A 709 42.78 5.90 15.34
CA ASP A 709 41.89 6.98 15.78
C ASP A 709 40.79 7.28 14.79
N HIS A 710 40.76 6.53 13.70
CA HIS A 710 39.77 6.72 12.65
CA HIS A 710 39.79 6.71 12.63
C HIS A 710 39.15 5.38 12.24
N HIS A 711 38.10 5.44 11.43
CA HIS A 711 37.47 4.24 10.87
C HIS A 711 36.99 4.53 9.46
N LEU A 712 36.72 3.48 8.71
CA LEU A 712 36.23 3.64 7.34
C LEU A 712 34.79 3.18 7.23
N ALA A 713 33.96 4.02 6.61
CA ALA A 713 32.55 3.68 6.46
C ALA A 713 32.14 3.72 5.00
N ASP A 714 31.27 2.78 4.64
CA ASP A 714 30.74 2.69 3.30
C ASP A 714 29.73 3.78 3.12
N SER A 715 30.07 4.77 2.30
CA SER A 715 29.14 5.84 2.01
C SER A 715 28.74 5.79 0.55
N ILE A 716 28.12 6.87 0.07
CA ILE A 716 27.65 6.97 -1.31
C ILE A 716 28.85 7.13 -2.25
N PHE A 717 29.13 6.07 -3.01
CA PHE A 717 30.31 5.98 -3.89
C PHE A 717 31.65 6.32 -3.23
N GLU A 718 31.78 6.02 -1.94
CA GLU A 718 33.06 6.27 -1.26
C GLU A 718 33.18 5.51 0.04
N THR A 719 34.42 5.19 0.38
CA THR A 719 34.73 4.66 1.70
C THR A 719 35.26 5.84 2.50
N VAL A 720 34.38 6.48 3.25
CA VAL A 720 34.69 7.72 3.92
C VAL A 720 35.42 7.45 5.24
N LYS A 721 36.48 8.21 5.46
CA LYS A 721 37.23 8.20 6.70
C LYS A 721 36.54 9.11 7.73
N ARG A 722 36.34 8.59 8.92
CA ARG A 722 35.73 9.36 9.98
C ARG A 722 36.52 9.19 11.26
N PRO A 723 36.53 10.22 12.12
CA PRO A 723 37.27 10.03 13.40
C PRO A 723 36.51 9.10 14.32
N ASN A 724 37.21 8.41 15.20
CA ASN A 724 36.55 7.53 16.16
C ASN A 724 35.94 8.28 17.34
N HIS A 725 36.44 9.48 17.62
CA HIS A 725 35.87 10.39 18.61
C HIS A 725 35.10 11.48 17.88
N PRO A 726 33.91 11.85 18.39
CA PRO A 726 33.34 13.10 17.91
C PRO A 726 34.15 14.32 18.41
N ASP A 727 33.84 15.51 17.88
CA ASP A 727 34.59 16.72 18.21
C ASP A 727 34.20 17.27 19.59
N ALA A 728 35.07 17.06 20.57
CA ALA A 728 34.78 17.39 21.99
C ALA A 728 34.64 18.89 22.26
N THR A 729 35.14 19.72 21.34
CA THR A 729 34.91 21.16 21.38
C THR A 729 33.40 21.50 21.32
N PHE A 730 32.66 20.77 20.48
CA PHE A 730 31.24 21.07 20.25
C PHE A 730 30.28 20.03 20.80
N TRP A 731 30.65 18.75 20.71
CA TRP A 731 29.74 17.63 20.93
C TRP A 731 29.28 17.49 22.36
N LYS A 732 27.97 17.42 22.58
CA LYS A 732 27.43 17.24 23.93
C LYS A 732 26.70 15.91 24.09
N ASN A 733 26.16 15.40 22.98
CA ASN A 733 25.50 14.10 22.95
C ASN A 733 26.48 12.99 23.35
N PRO A 734 26.14 12.21 24.39
CA PRO A 734 27.03 11.09 24.75
C PRO A 734 27.24 10.13 23.57
N SER A 735 26.25 10.03 22.68
CA SER A 735 26.29 9.09 21.55
C SER A 735 26.80 9.76 20.28
N ASN A 736 27.46 8.97 19.43
CA ASN A 736 27.86 9.46 18.10
C ASN A 736 27.44 8.50 16.96
N PRO A 737 26.11 8.35 16.74
CA PRO A 737 25.64 7.46 15.67
C PRO A 737 26.05 7.97 14.28
N GLN A 738 26.41 7.05 13.39
CA GLN A 738 26.78 7.41 12.03
C GLN A 738 26.04 6.51 11.02
N HIS A 739 26.02 6.93 9.76
CA HIS A 739 25.36 6.19 8.68
C HIS A 739 26.37 5.31 7.97
N GLN A 740 25.90 4.19 7.43
CA GLN A 740 26.72 3.31 6.62
C GLN A 740 25.83 2.68 5.60
N GLU A 741 26.41 2.31 4.46
CA GLU A 741 25.67 1.54 3.47
C GLU A 741 25.88 0.05 3.77
N CYS A 742 26.87 -0.60 3.15
CA CYS A 742 27.04 -2.06 3.31
C CYS A 742 28.02 -2.52 4.39
N PHE A 743 28.90 -1.63 4.84
CA PHE A 743 29.90 -2.03 5.81
C PHE A 743 30.51 -0.86 6.56
N VAL A 744 31.12 -1.17 7.70
CA VAL A 744 31.98 -0.23 8.41
C VAL A 744 33.25 -1.00 8.77
N SER A 745 34.37 -0.31 8.91
CA SER A 745 35.65 -0.99 9.07
C SER A 745 36.66 -0.22 9.94
N LEU A 746 37.50 -0.97 10.65
CA LEU A 746 38.61 -0.39 11.40
C LEU A 746 39.88 -1.09 10.94
N PHE A 747 40.92 -0.30 10.71
CA PHE A 747 42.17 -0.82 10.19
C PHE A 747 43.33 -0.03 10.77
N ASP A 748 44.34 -0.72 11.30
CA ASP A 748 45.45 -0.03 11.96
C ASP A 748 46.67 0.17 11.09
N GLY A 749 46.57 -0.24 9.83
CA GLY A 749 47.70 -0.17 8.91
C GLY A 749 48.19 -1.55 8.51
N GLU A 750 48.03 -2.52 9.42
CA GLU A 750 48.45 -3.89 9.13
C GLU A 750 47.31 -4.89 9.27
N ASN A 751 46.40 -4.62 10.20
CA ASN A 751 45.30 -5.52 10.57
C ASN A 751 44.05 -4.76 10.91
N GLY A 752 42.90 -5.41 10.73
CA GLY A 752 41.62 -4.78 11.07
C GLY A 752 40.40 -5.66 10.99
N VAL A 753 39.24 -5.02 11.12
CA VAL A 753 37.97 -5.74 11.13
C VAL A 753 36.97 -5.00 10.23
N THR A 754 36.32 -5.76 9.35
CA THR A 754 35.21 -5.28 8.55
C THR A 754 33.91 -5.96 9.02
N ILE A 755 32.97 -5.15 9.49
CA ILE A 755 31.63 -5.63 9.82
C ILE A 755 30.66 -5.27 8.69
N GLY A 756 30.07 -6.27 8.05
CA GLY A 756 29.09 -6.04 7.00
C GLY A 756 27.68 -6.10 7.55
N ASN A 757 26.75 -5.43 6.89
CA ASN A 757 25.35 -5.48 7.26
C ASN A 757 24.44 -5.57 6.04
N TYR A 758 23.15 -5.79 6.29
CA TYR A 758 22.13 -5.81 5.27
C TYR A 758 20.94 -5.00 5.79
N GLY A 759 20.86 -3.74 5.38
CA GLY A 759 19.80 -2.85 5.82
C GLY A 759 19.97 -2.32 7.23
N LEU A 760 21.16 -2.48 7.80
CA LEU A 760 21.46 -2.00 9.15
C LEU A 760 22.37 -0.77 9.03
N ASN A 761 21.75 0.38 8.88
CA ASN A 761 22.47 1.56 8.40
C ASN A 761 23.02 2.43 9.50
N GLU A 762 22.76 2.08 10.75
CA GLU A 762 23.30 2.84 11.87
C GLU A 762 24.37 2.03 12.60
N TYR A 763 25.57 2.61 12.69
CA TYR A 763 26.61 2.03 13.52
C TYR A 763 27.12 3.13 14.44
N GLU A 764 27.86 2.73 15.47
CA GLU A 764 28.60 3.67 16.28
C GLU A 764 29.94 3.03 16.64
N ILE A 765 30.98 3.87 16.72
CA ILE A 765 32.27 3.43 17.24
C ILE A 765 32.37 3.83 18.69
N LEU A 766 32.67 2.89 19.57
CA LEU A 766 32.87 3.17 20.97
C LEU A 766 34.37 3.27 21.21
N PRO A 767 34.87 4.51 21.39
CA PRO A 767 36.29 4.86 21.29
C PRO A 767 37.20 4.28 22.37
N ASP A 768 36.67 4.06 23.58
CA ASP A 768 37.48 3.49 24.68
C ASP A 768 38.12 2.16 24.28
N THR A 769 37.38 1.35 23.51
CA THR A 769 37.76 -0.04 23.23
C THR A 769 37.79 -0.28 21.71
N ASN A 770 37.50 0.78 20.95
CA ASN A 770 37.22 0.68 19.52
C ASN A 770 36.23 -0.42 19.16
N THR A 771 35.08 -0.37 19.81
CA THR A 771 33.99 -1.30 19.54
C THR A 771 33.14 -0.83 18.38
N ILE A 772 32.87 -1.72 17.45
CA ILE A 772 31.89 -1.45 16.41
C ILE A 772 30.53 -1.90 16.93
N ALA A 773 29.59 -0.97 17.02
CA ALA A 773 28.25 -1.27 17.52
C ALA A 773 27.27 -1.08 16.39
N ILE A 774 26.52 -2.15 16.05
CA ILE A 774 25.56 -2.10 14.95
C ILE A 774 24.16 -2.11 15.53
N THR A 775 23.33 -1.11 15.19
CA THR A 775 21.98 -1.07 15.71
C THR A 775 21.08 -2.08 15.00
N LEU A 776 20.49 -2.98 15.78
CA LEU A 776 19.64 -4.03 15.26
C LEU A 776 18.15 -3.72 15.36
N LEU A 777 17.80 -2.84 16.30
CA LEU A 777 16.41 -2.48 16.56
C LEU A 777 16.38 -1.18 17.36
N ARG A 778 15.53 -0.24 16.93
CA ARG A 778 15.19 0.89 17.76
C ARG A 778 13.68 1.09 17.80
N SER A 779 13.12 1.01 19.01
CA SER A 779 11.69 1.14 19.20
C SER A 779 11.33 2.44 19.90
N VAL A 780 10.54 3.28 19.25
CA VAL A 780 10.02 4.51 19.87
C VAL A 780 8.53 4.70 19.58
N GLY A 781 7.90 5.65 20.25
CA GLY A 781 6.45 5.79 20.22
C GLY A 781 5.91 7.06 19.58
N GLU A 782 6.80 7.89 19.03
CA GLU A 782 6.39 9.17 18.45
C GLU A 782 7.32 9.60 17.32
N MET A 783 6.80 10.47 16.45
CA MET A 783 7.57 11.02 15.32
C MET A 783 8.69 11.93 15.79
N GLY A 784 8.33 12.99 16.51
CA GLY A 784 9.29 13.96 16.99
C GLY A 784 9.03 15.31 16.35
N ASP A 785 10.10 16.09 16.20
CA ASP A 785 10.06 17.42 15.58
C ASP A 785 8.97 18.35 16.17
N TRP A 786 8.25 19.06 15.31
CA TRP A 786 7.48 20.24 15.72
C TRP A 786 6.25 20.02 16.60
N GLY A 787 5.75 18.80 16.70
CA GLY A 787 4.60 18.57 17.57
C GLY A 787 4.59 17.21 18.24
N TYR A 788 3.42 16.83 18.74
CA TYR A 788 3.22 15.49 19.28
C TYR A 788 2.41 14.65 18.29
N PHE A 789 3.08 13.67 17.69
CA PHE A 789 2.49 12.78 16.69
C PHE A 789 2.74 11.34 17.09
N PRO A 790 1.79 10.76 17.82
CA PRO A 790 1.97 9.39 18.33
C PRO A 790 2.16 8.42 17.18
N THR A 791 3.16 7.55 17.29
CA THR A 791 3.39 6.55 16.25
C THR A 791 3.63 5.19 16.87
N PRO A 792 2.57 4.52 17.37
CA PRO A 792 2.82 3.25 18.08
C PRO A 792 3.51 2.21 17.21
N GLU A 793 3.36 2.31 15.89
CA GLU A 793 3.99 1.32 15.02
C GLU A 793 5.51 1.51 14.85
N ALA A 794 6.02 2.68 15.24
CA ALA A 794 7.46 2.90 15.31
C ALA A 794 8.14 2.01 16.39
N GLN A 795 7.34 1.35 17.22
CA GLN A 795 7.87 0.45 18.23
C GLN A 795 8.38 -0.85 17.61
N CYS A 796 8.03 -1.10 16.35
CA CYS A 796 8.51 -2.28 15.63
C CYS A 796 8.26 -3.60 16.38
N LEU A 797 7.03 -3.77 16.86
CA LEU A 797 6.65 -5.01 17.50
C LEU A 797 6.57 -6.12 16.45
N GLY A 798 6.84 -7.35 16.88
CA GLY A 798 6.79 -8.49 15.95
C GLY A 798 8.15 -9.09 15.66
N LYS A 799 8.17 -10.04 14.72
CA LYS A 799 9.38 -10.78 14.39
C LYS A 799 10.36 -9.94 13.58
N HIS A 800 11.65 -10.09 13.88
CA HIS A 800 12.72 -9.42 13.17
C HIS A 800 13.77 -10.42 12.82
N SER A 801 14.57 -10.11 11.80
CA SER A 801 15.66 -10.97 11.43
C SER A 801 16.74 -10.08 10.83
N LEU A 802 17.88 -9.97 11.47
CA LEU A 802 18.89 -9.00 11.02
C LEU A 802 20.13 -9.72 10.57
N SER A 803 20.61 -9.39 9.37
CA SER A 803 21.81 -10.02 8.86
C SER A 803 22.99 -9.08 8.85
N TYR A 804 24.14 -9.59 9.30
CA TYR A 804 25.38 -8.82 9.37
C TYR A 804 26.54 -9.81 9.43
N SER A 805 27.77 -9.33 9.24
CA SER A 805 28.89 -10.25 9.16
C SER A 805 30.18 -9.72 9.80
N PHE A 806 31.12 -10.64 10.04
CA PHE A 806 32.44 -10.31 10.55
C PHE A 806 33.51 -10.83 9.60
N GLU A 807 34.50 -10.01 9.33
CA GLU A 807 35.68 -10.46 8.61
C GLU A 807 36.93 -9.81 9.18
N SER A 808 37.94 -10.64 9.46
CA SER A 808 39.22 -10.19 9.97
C SER A 808 40.13 -9.91 8.79
N ILE A 809 40.72 -8.72 8.74
CA ILE A 809 41.45 -8.31 7.54
C ILE A 809 42.94 -7.97 7.73
N THR A 810 43.68 -8.10 6.64
CA THR A 810 45.06 -7.60 6.51
C THR A 810 45.10 -6.62 5.35
N LYS A 811 46.24 -5.95 5.18
CA LYS A 811 46.46 -5.09 4.03
C LYS A 811 46.02 -5.79 2.72
N GLN A 812 46.39 -7.05 2.56
CA GLN A 812 46.10 -7.78 1.33
C GLN A 812 44.61 -8.12 1.11
N THR A 813 43.81 -8.11 2.17
CA THR A 813 42.41 -8.49 2.00
C THR A 813 41.43 -7.37 2.31
N GLN A 814 41.95 -6.21 2.68
CA GLN A 814 41.09 -5.09 3.06
C GLN A 814 39.98 -4.75 2.06
N PHE A 815 40.37 -4.51 0.81
CA PHE A 815 39.40 -4.15 -0.20
C PHE A 815 38.43 -5.26 -0.55
N ALA A 816 38.92 -6.49 -0.61
CA ALA A 816 38.07 -7.64 -0.88
C ALA A 816 36.99 -7.79 0.19
N SER A 817 37.34 -7.44 1.43
CA SER A 817 36.37 -7.50 2.51
C SER A 817 35.24 -6.50 2.24
N TYR A 818 35.57 -5.39 1.57
CA TYR A 818 34.59 -4.37 1.20
C TYR A 818 33.65 -4.87 0.14
N TRP A 819 34.17 -5.40 -0.96
CA TRP A 819 33.28 -5.89 -2.00
C TRP A 819 32.47 -7.12 -1.58
N ARG A 820 33.02 -7.91 -0.67
CA ARG A 820 32.29 -9.05 -0.17
C ARG A 820 31.08 -8.60 0.62
N ALA A 821 31.24 -7.59 1.46
CA ALA A 821 30.12 -7.05 2.21
C ALA A 821 29.07 -6.48 1.27
N GLN A 822 29.52 -5.92 0.15
CA GLN A 822 28.61 -5.37 -0.86
C GLN A 822 27.89 -6.47 -1.65
N GLU A 823 28.67 -7.39 -2.22
CA GLU A 823 28.14 -8.37 -3.15
C GLU A 823 27.53 -9.58 -2.45
N GLY A 824 27.94 -9.78 -1.20
CA GLY A 824 27.35 -10.83 -0.36
C GLY A 824 25.89 -10.61 -0.10
N GLN A 825 25.39 -9.41 -0.38
CA GLN A 825 23.96 -9.09 -0.24
C GLN A 825 23.14 -9.70 -1.38
N VAL A 826 23.84 -10.18 -2.40
CA VAL A 826 23.23 -10.66 -3.62
C VAL A 826 23.45 -12.16 -3.76
N PRO A 827 22.36 -12.92 -3.84
CA PRO A 827 22.47 -14.37 -3.97
C PRO A 827 22.87 -14.77 -5.37
N VAL A 828 23.45 -15.96 -5.49
CA VAL A 828 23.59 -16.64 -6.78
C VAL A 828 22.18 -16.87 -7.34
N ILE A 829 21.98 -16.65 -8.62
CA ILE A 829 20.67 -16.80 -9.24
C ILE A 829 20.66 -18.13 -9.98
N THR A 830 19.54 -18.83 -9.96
CA THR A 830 19.47 -20.15 -10.57
C THR A 830 18.25 -20.29 -11.47
N THR A 831 18.42 -20.93 -12.62
CA THR A 831 17.31 -21.19 -13.54
C THR A 831 17.43 -22.54 -14.26
N GLN A 832 16.30 -23.17 -14.56
CA GLN A 832 16.33 -24.48 -15.19
C GLN A 832 15.95 -24.43 -16.65
N THR A 833 16.51 -25.35 -17.44
CA THR A 833 16.22 -25.47 -18.85
C THR A 833 16.56 -26.89 -19.27
N ASN A 834 16.07 -27.29 -20.44
CA ASN A 834 16.30 -28.63 -20.98
CA ASN A 834 16.33 -28.64 -20.93
C ASN A 834 17.53 -28.69 -21.90
N GLN A 835 17.81 -29.87 -22.44
CA GLN A 835 18.87 -30.06 -23.43
C GLN A 835 18.46 -29.46 -24.78
N HIS A 836 19.27 -28.54 -25.29
CA HIS A 836 19.01 -27.92 -26.59
C HIS A 836 20.22 -27.20 -27.16
N GLU A 837 20.23 -27.04 -28.47
CA GLU A 837 21.13 -26.13 -29.18
C GLU A 837 20.94 -24.72 -28.65
N GLY A 838 21.99 -23.92 -28.75
CA GLY A 838 21.90 -22.51 -28.44
C GLY A 838 23.10 -21.74 -28.90
N THR A 839 22.95 -20.42 -28.99
CA THR A 839 24.02 -19.54 -29.44
C THR A 839 25.03 -19.21 -28.34
N LEU A 840 24.68 -19.53 -27.10
CA LEU A 840 25.53 -19.18 -25.95
C LEU A 840 26.28 -20.37 -25.36
N ALA A 841 27.49 -20.12 -24.88
CA ALA A 841 28.28 -21.13 -24.19
C ALA A 841 27.66 -21.52 -22.84
N ALA A 842 27.92 -22.76 -22.42
CA ALA A 842 27.42 -23.28 -21.16
C ALA A 842 28.06 -22.61 -19.94
N GLU A 843 29.28 -22.12 -20.14
CA GLU A 843 30.06 -21.48 -19.10
C GLU A 843 30.60 -20.19 -19.70
N TYR A 844 30.29 -19.04 -19.11
CA TYR A 844 30.70 -17.77 -19.71
C TYR A 844 30.92 -16.64 -18.72
N SER A 845 32.01 -15.90 -18.91
CA SER A 845 32.25 -14.65 -18.16
C SER A 845 31.93 -13.45 -19.05
N TYR A 846 31.01 -12.61 -18.59
CA TYR A 846 30.58 -11.45 -19.38
C TYR A 846 31.59 -10.31 -19.30
N LEU A 847 32.36 -10.26 -18.22
CA LEU A 847 33.40 -9.27 -18.07
C LEU A 847 34.65 -9.87 -17.43
N THR A 848 35.78 -9.18 -17.61
CA THR A 848 37.05 -9.56 -17.02
C THR A 848 37.80 -8.30 -16.56
N GLY A 849 38.94 -8.51 -15.91
CA GLY A 849 39.81 -7.42 -15.46
C GLY A 849 39.30 -6.80 -14.18
N THR A 850 38.96 -7.64 -13.21
CA THR A 850 38.49 -7.14 -11.93
C THR A 850 39.64 -6.75 -10.98
N ASN A 851 39.38 -5.71 -10.20
CA ASN A 851 40.30 -5.22 -9.17
CA ASN A 851 40.30 -5.22 -9.17
C ASN A 851 39.58 -5.22 -7.82
N ASP A 852 40.28 -5.67 -6.78
CA ASP A 852 39.72 -5.64 -5.45
C ASP A 852 39.36 -4.22 -5.04
N GLN A 853 40.10 -3.25 -5.57
CA GLN A 853 39.94 -1.86 -5.18
C GLN A 853 38.90 -1.13 -6.01
N VAL A 854 38.34 -1.81 -7.00
CA VAL A 854 37.31 -1.22 -7.86
C VAL A 854 35.96 -1.91 -7.69
N ALA A 855 34.98 -1.17 -7.21
CA ALA A 855 33.64 -1.71 -7.05
C ALA A 855 32.83 -1.54 -8.31
N LEU A 856 31.92 -2.49 -8.55
CA LEU A 856 30.96 -2.40 -9.64
C LEU A 856 29.58 -2.15 -9.05
N THR A 857 28.93 -1.04 -9.41
CA THR A 857 27.61 -0.74 -8.86
C THR A 857 26.49 -0.82 -9.88
N ALA A 858 26.81 -0.61 -11.14
CA ALA A 858 25.81 -0.65 -12.21
C ALA A 858 26.26 -1.52 -13.37
N PHE A 859 25.30 -2.26 -13.92
CA PHE A 859 25.50 -3.09 -15.09
C PHE A 859 24.12 -3.20 -15.72
N LYS A 860 23.86 -2.33 -16.68
CA LYS A 860 22.51 -2.07 -17.15
C LYS A 860 22.59 -1.73 -18.63
N ARG A 861 21.48 -1.29 -19.21
CA ARG A 861 21.51 -0.78 -20.57
C ARG A 861 20.93 0.63 -20.66
N ARG A 862 21.27 1.32 -21.73
CA ARG A 862 20.88 2.70 -21.93
C ARG A 862 19.64 2.77 -22.85
N LEU A 863 18.73 3.68 -22.52
CA LEU A 863 17.46 3.79 -23.27
C LEU A 863 17.65 4.17 -24.74
N ALA A 864 18.50 5.16 -25.01
CA ALA A 864 18.65 5.70 -26.38
C ALA A 864 18.99 4.65 -27.44
N ASP A 865 19.98 3.79 -27.16
CA ASP A 865 20.56 2.91 -28.16
C ASP A 865 20.93 1.52 -27.64
N ASN A 866 20.50 1.21 -26.41
CA ASN A 866 20.77 -0.06 -25.74
C ASN A 866 22.26 -0.37 -25.51
N ALA A 867 23.09 0.65 -25.42
CA ALA A 867 24.47 0.44 -25.02
C ALA A 867 24.51 -0.15 -23.59
N LEU A 868 25.50 -1.00 -23.31
CA LEU A 868 25.61 -1.57 -21.98
C LEU A 868 26.36 -0.58 -21.12
N ILE A 869 25.65 -0.03 -20.11
CA ILE A 869 26.20 0.97 -19.23
C ILE A 869 26.76 0.28 -17.98
N THR A 870 28.02 0.56 -17.68
CA THR A 870 28.60 0.10 -16.42
C THR A 870 29.02 1.31 -15.57
N ARG A 871 28.96 1.16 -14.25
CA ARG A 871 29.54 2.17 -13.36
C ARG A 871 30.40 1.52 -12.29
N SER A 872 31.60 2.08 -12.12
CA SER A 872 32.58 1.58 -11.17
C SER A 872 33.10 2.75 -10.34
N TYR A 873 33.52 2.46 -9.12
CA TYR A 873 34.15 3.50 -8.33
C TYR A 873 35.31 2.95 -7.53
N ASN A 874 36.25 3.84 -7.22
CA ASN A 874 37.42 3.51 -6.43
C ASN A 874 37.07 3.38 -4.95
N LEU A 875 37.23 2.17 -4.40
CA LEU A 875 36.91 1.92 -3.00
C LEU A 875 37.81 2.69 -2.00
N SER A 876 38.85 3.35 -2.50
CA SER A 876 39.74 4.13 -1.67
C SER A 876 39.62 5.65 -1.93
N ASN A 877 39.62 6.42 -0.85
CA ASN A 877 39.72 7.89 -0.93
C ASN A 877 41.16 8.39 -0.99
N ASP A 878 42.12 7.53 -0.68
CA ASP A 878 43.51 7.91 -0.57
C ASP A 878 44.26 7.77 -1.87
N LYS A 879 44.19 6.56 -2.46
CA LYS A 879 45.04 6.24 -3.58
C LYS A 879 44.34 5.73 -4.80
N THR A 880 44.99 5.97 -5.93
CA THR A 880 44.58 5.50 -7.22
C THR A 880 44.80 4.00 -7.32
N CYS A 881 44.28 3.41 -8.40
CA CYS A 881 44.50 2.01 -8.70
C CYS A 881 44.37 1.80 -10.19
N ASP A 882 44.81 0.63 -10.66
CA ASP A 882 44.64 0.28 -12.06
C ASP A 882 43.16 0.02 -12.37
N PHE A 883 42.69 0.54 -13.50
CA PHE A 883 41.36 0.21 -14.02
C PHE A 883 41.51 -0.57 -15.31
N SER A 884 40.93 -1.76 -15.35
CA SER A 884 41.13 -2.66 -16.48
C SER A 884 39.88 -3.51 -16.76
N LEU A 885 38.73 -2.96 -16.39
CA LEU A 885 37.44 -3.57 -16.69
C LEU A 885 37.32 -3.76 -18.20
N SER A 886 36.85 -4.93 -18.60
CA SER A 886 36.69 -5.23 -20.00
C SER A 886 35.51 -6.18 -20.24
N LEU A 887 34.67 -5.83 -21.20
CA LEU A 887 33.62 -6.70 -21.67
C LEU A 887 34.00 -7.24 -23.03
N PRO A 888 34.40 -8.53 -23.11
CA PRO A 888 34.81 -9.08 -24.41
C PRO A 888 33.69 -8.95 -25.45
N ASN A 889 34.08 -8.61 -26.68
CA ASN A 889 33.15 -8.33 -27.81
C ASN A 889 32.59 -6.90 -27.80
N TYR A 890 32.99 -6.09 -26.84
CA TYR A 890 32.47 -4.72 -26.73
C TYR A 890 33.59 -3.68 -26.70
N ASN A 891 33.28 -2.48 -27.17
CA ASN A 891 34.17 -1.33 -26.99
C ASN A 891 33.52 -0.27 -26.12
N ALA A 892 34.33 0.36 -25.26
CA ALA A 892 33.80 1.33 -24.33
C ALA A 892 34.11 2.77 -24.72
N LYS A 893 33.21 3.67 -24.34
CA LYS A 893 33.52 5.09 -24.21
C LYS A 893 32.90 5.69 -22.94
N VAL A 894 33.54 6.72 -22.41
CA VAL A 894 33.15 7.35 -21.17
C VAL A 894 31.84 8.08 -21.33
N THR A 895 30.95 7.93 -20.37
CA THR A 895 29.77 8.80 -20.31
C THR A 895 29.70 9.51 -18.95
N ASN A 896 28.79 10.46 -18.81
CA ASN A 896 28.51 10.99 -17.49
C ASN A 896 27.51 10.08 -16.75
N LEU A 897 27.17 10.46 -15.52
CA LEU A 897 26.30 9.65 -14.69
C LEU A 897 24.94 9.45 -15.37
N LEU A 898 24.55 10.40 -16.20
CA LEU A 898 23.27 10.36 -16.90
C LEU A 898 23.37 9.70 -18.27
N GLU A 899 24.49 9.00 -18.50
CA GLU A 899 24.68 8.13 -19.66
C GLU A 899 24.82 8.88 -21.01
N LYS A 900 25.04 10.18 -20.94
CA LYS A 900 25.36 10.97 -22.13
C LYS A 900 26.85 10.83 -22.43
N ASP A 901 27.17 10.38 -23.64
CA ASP A 901 28.57 10.21 -24.09
C ASP A 901 29.37 11.47 -23.86
N SER A 902 30.63 11.32 -23.50
CA SER A 902 31.56 12.43 -23.50
C SER A 902 32.71 12.12 -24.45
N LYS A 903 33.53 13.14 -24.70
CA LYS A 903 34.65 13.04 -25.64
C LYS A 903 35.80 12.30 -24.99
N GLN A 904 35.86 12.40 -23.67
CA GLN A 904 36.91 11.81 -22.85
C GLN A 904 37.13 10.32 -23.16
N SER A 905 38.38 9.90 -23.14
CA SER A 905 38.75 8.53 -23.48
C SER A 905 38.83 7.65 -22.23
N THR A 906 38.71 6.34 -22.42
CA THR A 906 38.70 5.38 -21.32
C THR A 906 40.01 5.39 -20.53
N PRO A 907 39.95 5.68 -19.23
CA PRO A 907 41.16 5.69 -18.40
C PRO A 907 41.73 4.29 -18.17
N SER A 908 43.02 4.25 -17.86
CA SER A 908 43.68 3.01 -17.48
C SER A 908 43.84 2.93 -15.95
N GLN A 909 43.48 4.02 -15.28
CA GLN A 909 43.57 4.17 -13.82
C GLN A 909 42.40 5.00 -13.30
N LEU A 910 41.96 4.69 -12.07
CA LEU A 910 41.01 5.55 -11.37
C LEU A 910 41.72 6.51 -10.43
N GLY A 911 41.29 7.77 -10.44
CA GLY A 911 41.69 8.71 -9.41
C GLY A 911 41.07 8.30 -8.09
N LYS A 912 41.56 8.90 -7.00
CA LYS A 912 40.99 8.61 -5.70
C LYS A 912 39.51 9.00 -5.72
N ALA A 913 38.67 8.09 -5.25
CA ALA A 913 37.22 8.30 -5.22
C ALA A 913 36.59 8.62 -6.58
N GLU A 914 37.23 8.21 -7.68
CA GLU A 914 36.62 8.36 -9.00
C GLU A 914 35.44 7.41 -9.23
N ILE A 915 34.37 7.97 -9.75
CA ILE A 915 33.21 7.21 -10.21
C ILE A 915 33.27 7.21 -11.73
N LEU A 916 33.41 6.05 -12.35
CA LEU A 916 33.52 5.98 -13.79
C LEU A 916 32.33 5.28 -14.41
N THR A 917 31.67 5.98 -15.32
CA THR A 917 30.51 5.43 -16.04
C THR A 917 30.88 5.25 -17.51
N LEU A 918 30.58 4.05 -18.03
CA LEU A 918 31.00 3.65 -19.36
C LEU A 918 29.86 3.08 -20.17
N ALA A 919 29.81 3.46 -21.45
CA ALA A 919 28.89 2.86 -22.40
C ALA A 919 29.62 1.86 -23.28
N TRP A 920 29.20 0.60 -23.24
CA TRP A 920 29.81 -0.45 -24.03
C TRP A 920 28.89 -0.80 -25.19
N LYS A 921 29.47 -0.83 -26.39
CA LYS A 921 28.74 -1.17 -27.62
C LYS A 921 29.36 -2.37 -28.30
N LYS A 922 28.51 -3.29 -28.75
CA LYS A 922 28.93 -4.54 -29.40
C LYS A 922 29.76 -4.23 -30.62
N GLN A 923 30.96 -4.82 -30.72
CA GLN A 923 31.85 -4.56 -31.85
C GLN A 923 31.47 -5.39 -33.10
N THR B 25 -25.18 -22.49 -43.32
CA THR B 25 -26.46 -22.40 -42.55
C THR B 25 -26.28 -22.04 -41.07
N LYS B 26 -25.07 -22.24 -40.54
CA LYS B 26 -24.72 -21.82 -39.18
C LYS B 26 -23.56 -20.83 -39.24
N LYS B 27 -23.59 -19.83 -38.38
CA LYS B 27 -22.54 -18.80 -38.32
C LYS B 27 -21.82 -18.79 -36.96
N VAL B 28 -20.55 -19.17 -36.99
CA VAL B 28 -19.76 -19.32 -35.76
C VAL B 28 -18.94 -18.06 -35.45
N HIS B 29 -19.38 -17.32 -34.44
CA HIS B 29 -18.70 -16.11 -33.99
C HIS B 29 -17.53 -16.41 -33.04
N ILE B 30 -16.32 -16.19 -33.53
CA ILE B 30 -15.13 -16.32 -32.71
C ILE B 30 -14.80 -14.94 -32.12
N ILE B 31 -14.99 -14.81 -30.80
CA ILE B 31 -14.59 -13.60 -30.11
C ILE B 31 -13.32 -13.89 -29.32
N SER B 32 -12.21 -13.32 -29.78
CA SER B 32 -10.95 -13.40 -29.05
C SER B 32 -11.06 -12.48 -27.84
N HIS B 33 -10.59 -12.95 -26.70
CA HIS B 33 -10.64 -12.18 -25.48
C HIS B 33 -9.59 -12.72 -24.49
N SER B 34 -9.49 -12.05 -23.35
CA SER B 34 -8.75 -12.59 -22.23
C SER B 34 -9.49 -12.18 -20.97
N HIS B 35 -9.74 -13.13 -20.09
CA HIS B 35 -10.34 -12.80 -18.81
C HIS B 35 -9.25 -12.39 -17.81
N TRP B 36 -9.10 -11.08 -17.63
CA TRP B 36 -7.95 -10.57 -16.91
C TRP B 36 -8.25 -10.13 -15.50
N ASP B 37 -8.11 -11.07 -14.56
CA ASP B 37 -8.23 -10.75 -13.15
C ASP B 37 -7.07 -9.88 -12.77
N ARG B 38 -7.40 -8.69 -12.28
CA ARG B 38 -6.39 -7.68 -12.04
C ARG B 38 -5.30 -8.21 -11.11
N GLU B 39 -5.72 -8.88 -10.04
CA GLU B 39 -4.80 -9.45 -9.05
C GLU B 39 -5.53 -10.65 -8.46
N TRP B 40 -4.83 -11.76 -8.27
CA TRP B 40 -5.46 -13.00 -7.78
C TRP B 40 -4.47 -13.91 -7.04
N TYR B 41 -3.96 -14.94 -7.71
CA TYR B 41 -3.08 -15.89 -7.06
C TYR B 41 -1.63 -15.41 -7.05
N MET B 42 -1.37 -14.29 -7.71
CA MET B 42 -0.08 -13.65 -7.62
C MET B 42 -0.28 -12.20 -7.19
N ALA B 43 0.79 -11.55 -6.72
CA ALA B 43 0.76 -10.12 -6.43
C ALA B 43 0.33 -9.37 -7.69
N TYR B 44 -0.30 -8.21 -7.54
CA TYR B 44 -0.80 -7.45 -8.68
C TYR B 44 0.27 -7.24 -9.74
N GLU B 45 1.44 -6.77 -9.33
CA GLU B 45 2.47 -6.41 -10.29
C GLU B 45 2.89 -7.58 -11.20
N GLN B 46 2.86 -8.81 -10.64
CA GLN B 46 3.10 -10.03 -11.43
C GLN B 46 2.07 -10.20 -12.55
N HIS B 47 0.80 -9.95 -12.25
CA HIS B 47 -0.25 -10.00 -13.26
C HIS B 47 -0.08 -8.80 -14.20
N HIS B 48 0.27 -7.66 -13.63
CA HIS B 48 0.44 -6.38 -14.35
C HIS B 48 1.43 -6.50 -15.49
N MET B 49 2.58 -7.13 -15.21
CA MET B 49 3.65 -7.28 -16.19
C MET B 49 3.21 -8.18 -17.32
N ARG B 50 2.41 -9.18 -17.00
CA ARG B 50 1.87 -10.09 -18.03
C ARG B 50 0.81 -9.40 -18.86
N LEU B 51 0.06 -8.49 -18.24
CA LEU B 51 -0.85 -7.63 -18.99
C LEU B 51 -0.09 -6.84 -20.07
N ILE B 52 1.04 -6.23 -19.70
CA ILE B 52 1.88 -5.52 -20.66
C ILE B 52 2.21 -6.42 -21.86
N ASN B 53 2.56 -7.67 -21.59
CA ASN B 53 2.78 -8.64 -22.67
C ASN B 53 1.55 -8.90 -23.53
N LEU B 54 0.37 -8.96 -22.91
CA LEU B 54 -0.88 -9.14 -23.67
C LEU B 54 -1.12 -8.00 -24.65
N ILE B 55 -1.07 -6.77 -24.14
CA ILE B 55 -1.33 -5.58 -24.99
C ILE B 55 -0.22 -5.39 -26.03
N ASP B 56 1.04 -5.57 -25.65
CA ASP B 56 2.15 -5.57 -26.61
C ASP B 56 1.87 -6.53 -27.78
N ASP B 57 1.54 -7.78 -27.45
CA ASP B 57 1.21 -8.78 -28.46
C ASP B 57 0.07 -8.34 -29.38
N LEU B 58 -0.95 -7.71 -28.80
CA LEU B 58 -2.10 -7.27 -29.56
C LEU B 58 -1.73 -6.18 -30.56
N LEU B 59 -1.03 -5.15 -30.09
CA LEU B 59 -0.65 -4.04 -30.96
C LEU B 59 0.22 -4.54 -32.12
N GLU B 60 1.07 -5.52 -31.83
CA GLU B 60 1.95 -6.13 -32.80
C GLU B 60 1.16 -6.94 -33.84
N VAL B 61 0.21 -7.75 -33.39
CA VAL B 61 -0.60 -8.58 -34.28
C VAL B 61 -1.58 -7.73 -35.11
N PHE B 62 -1.85 -6.52 -34.65
CA PHE B 62 -2.67 -5.61 -35.43
C PHE B 62 -1.90 -5.12 -36.64
N GLN B 63 -0.58 -5.02 -36.49
CA GLN B 63 0.30 -4.60 -37.58
C GLN B 63 0.63 -5.74 -38.55
N THR B 64 0.84 -6.95 -38.02
CA THR B 64 1.34 -8.06 -38.85
C THR B 64 0.24 -8.89 -39.52
N ASP B 65 -0.93 -8.95 -38.87
CA ASP B 65 -2.06 -9.71 -39.40
C ASP B 65 -3.26 -8.76 -39.57
N PRO B 66 -3.43 -8.22 -40.80
CA PRO B 66 -4.54 -7.31 -41.10
C PRO B 66 -5.92 -7.95 -40.95
N ASP B 67 -5.96 -9.28 -41.05
CA ASP B 67 -7.20 -10.06 -40.99
C ASP B 67 -7.73 -10.24 -39.56
N PHE B 68 -6.88 -9.97 -38.56
CA PHE B 68 -7.28 -10.04 -37.16
C PHE B 68 -8.32 -8.96 -36.89
N HIS B 69 -9.52 -9.38 -36.52
CA HIS B 69 -10.69 -8.49 -36.45
C HIS B 69 -10.70 -7.51 -35.27
N SER B 70 -10.63 -8.05 -34.05
CA SER B 70 -10.80 -7.29 -32.82
C SER B 70 -10.43 -8.18 -31.65
N PHE B 71 -10.26 -7.57 -30.48
CA PHE B 71 -10.03 -8.29 -29.25
C PHE B 71 -10.94 -7.66 -28.18
N HIS B 72 -11.68 -8.50 -27.47
CA HIS B 72 -12.54 -8.02 -26.38
C HIS B 72 -11.75 -7.94 -25.08
N LEU B 73 -11.57 -6.72 -24.57
CA LEU B 73 -10.77 -6.49 -23.37
C LEU B 73 -11.57 -6.62 -22.09
N ASP B 74 -12.14 -7.79 -21.89
CA ASP B 74 -12.74 -8.24 -20.62
C ASP B 74 -13.76 -7.27 -20.01
N GLY B 75 -14.37 -6.42 -20.85
CA GLY B 75 -15.37 -5.45 -20.38
C GLY B 75 -14.91 -4.40 -19.38
N GLN B 76 -13.60 -4.26 -19.16
CA GLN B 76 -13.08 -3.36 -18.11
C GLN B 76 -12.03 -2.33 -18.61
N THR B 77 -12.33 -1.03 -18.48
CA THR B 77 -11.46 0.01 -19.02
C THR B 77 -10.16 0.21 -18.21
N ILE B 78 -10.14 -0.25 -16.97
CA ILE B 78 -8.96 -0.13 -16.14
C ILE B 78 -7.71 -0.74 -16.79
N ILE B 79 -7.91 -1.76 -17.63
CA ILE B 79 -6.80 -2.40 -18.37
C ILE B 79 -5.94 -1.37 -19.14
N LEU B 80 -6.61 -0.44 -19.80
CA LEU B 80 -5.93 0.61 -20.56
C LEU B 80 -5.16 1.56 -19.66
N ASP B 81 -5.74 1.93 -18.51
CA ASP B 81 -5.02 2.78 -17.55
C ASP B 81 -3.76 2.07 -17.07
N ASP B 82 -3.90 0.80 -16.68
CA ASP B 82 -2.79 -0.01 -16.18
C ASP B 82 -1.66 -0.16 -17.20
N TYR B 83 -2.03 -0.35 -18.47
CA TYR B 83 -1.04 -0.44 -19.52
C TYR B 83 -0.29 0.87 -19.73
N LEU B 84 -1.00 1.99 -19.68
CA LEU B 84 -0.40 3.29 -19.93
C LEU B 84 0.44 3.78 -18.75
N LYS B 85 0.20 3.25 -17.56
CA LYS B 85 1.03 3.58 -16.42
C LYS B 85 2.45 3.07 -16.62
N VAL B 86 2.60 2.02 -17.41
CA VAL B 86 3.91 1.46 -17.73
C VAL B 86 4.42 1.96 -19.08
N ARG B 87 3.53 2.01 -20.08
CA ARG B 87 3.90 2.46 -21.43
C ARG B 87 3.09 3.69 -21.90
N PRO B 88 3.28 4.86 -21.25
CA PRO B 88 2.45 6.03 -21.60
C PRO B 88 2.67 6.54 -23.03
N GLU B 89 3.83 6.25 -23.61
CA GLU B 89 4.18 6.70 -24.97
C GLU B 89 3.44 5.94 -26.07
N ARG B 90 2.66 4.93 -25.68
CA ARG B 90 1.91 4.11 -26.62
C ARG B 90 0.44 4.48 -26.68
N GLU B 91 0.06 5.58 -26.05
CA GLU B 91 -1.32 6.07 -26.12
C GLU B 91 -1.85 6.29 -27.55
N PRO B 92 -1.04 6.88 -28.45
CA PRO B 92 -1.55 7.01 -29.84
C PRO B 92 -1.91 5.67 -30.49
N GLU B 93 -1.05 4.66 -30.29
CA GLU B 93 -1.25 3.35 -30.87
CA GLU B 93 -1.25 3.33 -30.86
C GLU B 93 -2.52 2.69 -30.32
N ILE B 94 -2.74 2.85 -29.01
CA ILE B 94 -3.92 2.36 -28.32
C ILE B 94 -5.18 3.02 -28.86
N ARG B 95 -5.16 4.34 -28.96
CA ARG B 95 -6.27 5.14 -29.49
C ARG B 95 -6.62 4.75 -30.94
N GLN B 96 -5.59 4.50 -31.76
CA GLN B 96 -5.80 4.09 -33.14
C GLN B 96 -6.47 2.72 -33.18
N ALA B 97 -5.95 1.79 -32.39
CA ALA B 97 -6.50 0.45 -32.30
C ALA B 97 -7.94 0.43 -31.76
N ILE B 98 -8.26 1.40 -30.90
CA ILE B 98 -9.62 1.56 -30.40
C ILE B 98 -10.54 2.19 -31.45
N ALA B 99 -10.03 3.19 -32.18
CA ALA B 99 -10.78 3.89 -33.23
C ALA B 99 -11.17 2.95 -34.38
N SER B 100 -10.26 2.04 -34.73
CA SER B 100 -10.48 1.13 -35.85
C SER B 100 -11.32 -0.10 -35.45
N GLY B 101 -11.49 -0.28 -34.13
CA GLY B 101 -12.33 -1.34 -33.59
C GLY B 101 -11.56 -2.57 -33.19
N LYS B 102 -10.24 -2.53 -33.38
CA LYS B 102 -9.39 -3.68 -33.10
C LYS B 102 -9.23 -3.97 -31.61
N LEU B 103 -9.48 -2.96 -30.77
CA LEU B 103 -9.65 -3.17 -29.32
C LEU B 103 -11.06 -2.79 -28.93
N ARG B 104 -11.77 -3.71 -28.29
CA ARG B 104 -13.15 -3.46 -27.86
C ARG B 104 -13.16 -3.31 -26.36
N ILE B 105 -13.57 -2.13 -25.90
CA ILE B 105 -13.36 -1.75 -24.49
C ILE B 105 -14.64 -1.43 -23.74
N GLY B 106 -14.56 -1.48 -22.42
CA GLY B 106 -15.69 -1.13 -21.57
C GLY B 106 -16.81 -2.15 -21.66
N PRO B 107 -18.00 -1.80 -21.15
CA PRO B 107 -18.41 -0.47 -20.69
C PRO B 107 -18.10 -0.17 -19.22
N PHE B 108 -17.56 -1.15 -18.49
CA PHE B 108 -17.26 -0.96 -17.06
C PHE B 108 -15.82 -0.53 -16.83
N TYR B 109 -15.55 0.02 -15.64
CA TYR B 109 -14.17 0.28 -15.20
C TYR B 109 -13.52 -1.01 -14.70
N ILE B 110 -14.21 -1.71 -13.80
CA ILE B 110 -13.75 -2.99 -13.30
C ILE B 110 -14.82 -4.08 -13.37
N LEU B 111 -14.41 -5.33 -13.20
CA LEU B 111 -15.35 -6.44 -13.08
C LEU B 111 -15.55 -6.79 -11.61
N GLN B 112 -16.65 -6.28 -11.05
CA GLN B 112 -16.87 -6.34 -9.62
C GLN B 112 -17.42 -7.67 -9.13
N ASP B 113 -17.40 -7.84 -7.81
CA ASP B 113 -18.40 -8.68 -7.17
C ASP B 113 -19.62 -7.80 -6.94
N ASP B 114 -20.78 -8.24 -7.41
CA ASP B 114 -21.99 -7.45 -7.28
C ASP B 114 -22.31 -7.16 -5.82
N PHE B 115 -22.42 -8.22 -5.03
CA PHE B 115 -23.00 -8.12 -3.69
C PHE B 115 -22.10 -7.46 -2.66
N LEU B 116 -20.79 -7.65 -2.80
CA LEU B 116 -19.85 -7.22 -1.76
C LEU B 116 -19.45 -5.75 -1.87
N THR B 117 -19.86 -5.12 -2.97
CA THR B 117 -19.65 -3.69 -3.17
C THR B 117 -20.96 -2.95 -2.88
N SER B 118 -20.87 -1.66 -2.54
CA SER B 118 -22.05 -0.86 -2.22
C SER B 118 -23.01 -0.73 -3.39
N SER B 119 -24.25 -0.35 -3.12
CA SER B 119 -25.19 -0.06 -4.21
C SER B 119 -24.60 0.97 -5.18
N GLU B 120 -24.13 2.09 -4.64
CA GLU B 120 -23.59 3.18 -5.45
C GLU B 120 -22.37 2.76 -6.24
N SER B 121 -21.54 1.91 -5.63
CA SER B 121 -20.34 1.39 -6.28
C SER B 121 -20.67 0.72 -7.61
N ASN B 122 -21.74 -0.07 -7.63
CA ASN B 122 -22.19 -0.73 -8.83
C ASN B 122 -22.61 0.25 -9.93
N VAL B 123 -23.08 1.44 -9.55
CA VAL B 123 -23.37 2.49 -10.54
C VAL B 123 -22.07 3.17 -10.99
N ARG B 124 -21.20 3.48 -10.02
CA ARG B 124 -19.99 4.25 -10.31
C ARG B 124 -19.04 3.49 -11.21
N ASN B 125 -19.03 2.16 -11.08
CA ASN B 125 -18.29 1.32 -12.01
C ASN B 125 -18.69 1.61 -13.45
N MET B 126 -19.99 1.84 -13.66
CA MET B 126 -20.51 2.17 -14.99
C MET B 126 -20.27 3.63 -15.33
N LEU B 127 -20.42 4.50 -14.34
CA LEU B 127 -20.20 5.92 -14.56
C LEU B 127 -18.77 6.20 -15.02
N ILE B 128 -17.82 5.68 -14.25
CA ILE B 128 -16.41 5.87 -14.54
C ILE B 128 -16.02 5.11 -15.81
N GLY B 129 -16.57 3.91 -15.97
CA GLY B 129 -16.39 3.14 -17.20
C GLY B 129 -16.82 3.91 -18.43
N LYS B 130 -17.99 4.54 -18.36
CA LYS B 130 -18.50 5.34 -19.45
C LYS B 130 -17.58 6.53 -19.75
N GLU B 131 -17.20 7.25 -18.69
CA GLU B 131 -16.30 8.38 -18.81
C GLU B 131 -14.98 7.98 -19.49
N ASP B 132 -14.43 6.84 -19.10
CA ASP B 132 -13.24 6.29 -19.73
C ASP B 132 -13.47 5.99 -21.21
N CYS B 133 -14.57 5.30 -21.50
CA CYS B 133 -14.95 4.96 -22.88
C CYS B 133 -15.19 6.21 -23.75
N ASP B 134 -15.81 7.24 -23.18
CA ASP B 134 -16.06 8.46 -23.93
C ASP B 134 -14.73 9.15 -24.26
N ARG B 135 -13.78 9.08 -23.34
CA ARG B 135 -12.45 9.65 -23.54
C ARG B 135 -11.68 8.91 -24.64
N TRP B 136 -11.85 7.59 -24.71
CA TRP B 136 -11.16 6.76 -25.71
C TRP B 136 -11.89 6.75 -27.06
N GLY B 137 -13.20 6.95 -27.03
CA GLY B 137 -13.99 7.13 -28.26
C GLY B 137 -14.82 5.94 -28.75
N ALA B 138 -14.83 4.84 -27.99
CA ALA B 138 -15.65 3.67 -28.32
C ALA B 138 -16.05 2.90 -27.06
N SER B 139 -17.03 2.02 -27.19
CA SER B 139 -17.56 1.28 -26.06
C SER B 139 -18.28 0.03 -26.56
N VAL B 140 -18.16 -1.07 -25.83
CA VAL B 140 -18.98 -2.26 -26.13
C VAL B 140 -20.33 -2.10 -25.44
N PRO B 141 -21.42 -2.29 -26.18
CA PRO B 141 -22.73 -2.09 -25.54
C PRO B 141 -23.22 -3.39 -24.88
N LEU B 142 -22.44 -3.90 -23.93
CA LEU B 142 -22.77 -5.14 -23.24
C LEU B 142 -22.24 -5.13 -21.81
N GLY B 143 -23.15 -5.11 -20.84
CA GLY B 143 -22.83 -5.39 -19.45
C GLY B 143 -22.10 -6.73 -19.37
N TYR B 144 -21.04 -6.77 -18.56
CA TYR B 144 -20.14 -7.89 -18.58
C TYR B 144 -19.97 -8.47 -17.18
N PHE B 145 -20.50 -9.66 -16.97
CA PHE B 145 -20.41 -10.33 -15.67
C PHE B 145 -19.94 -11.78 -15.85
N PRO B 146 -18.83 -11.98 -16.58
CA PRO B 146 -18.42 -13.32 -17.02
C PRO B 146 -18.22 -14.34 -15.89
N ASP B 147 -17.78 -13.89 -14.72
CA ASP B 147 -17.42 -14.81 -13.66
C ASP B 147 -18.03 -14.48 -12.30
N THR B 148 -18.74 -13.35 -12.21
CA THR B 148 -19.36 -12.90 -10.96
C THR B 148 -20.00 -14.04 -10.14
N PHE B 149 -19.65 -14.10 -8.86
CA PHE B 149 -20.18 -15.12 -7.94
C PHE B 149 -21.59 -14.75 -7.48
N GLY B 150 -22.57 -14.84 -8.37
CA GLY B 150 -23.91 -14.42 -8.05
C GLY B 150 -24.18 -13.09 -8.72
N ASN B 151 -25.36 -12.96 -9.32
CA ASN B 151 -25.74 -11.75 -10.01
C ASN B 151 -26.93 -11.08 -9.33
N MET B 152 -26.79 -9.79 -9.04
CA MET B 152 -27.81 -8.99 -8.34
C MET B 152 -29.14 -8.93 -9.09
N GLY B 153 -30.24 -9.09 -8.36
CA GLY B 153 -31.58 -9.03 -8.94
C GLY B 153 -31.85 -7.80 -9.80
N GLN B 154 -31.17 -6.69 -9.50
CA GLN B 154 -31.43 -5.42 -10.17
C GLN B 154 -30.60 -5.19 -11.42
N THR B 155 -29.94 -6.24 -11.90
CA THR B 155 -29.06 -6.16 -13.08
C THR B 155 -29.77 -5.56 -14.31
N PRO B 156 -31.01 -6.02 -14.61
CA PRO B 156 -31.69 -5.47 -15.77
C PRO B 156 -31.93 -3.96 -15.69
N GLN B 157 -32.48 -3.47 -14.59
CA GLN B 157 -32.69 -2.04 -14.45
C GLN B 157 -31.37 -1.30 -14.58
N LEU B 158 -30.35 -1.80 -13.88
CA LEU B 158 -29.03 -1.15 -13.87
C LEU B 158 -28.40 -1.08 -15.27
N MET B 159 -28.62 -2.13 -16.06
CA MET B 159 -28.16 -2.15 -17.44
C MET B 159 -28.94 -1.17 -18.33
N LEU B 160 -30.27 -1.22 -18.27
CA LEU B 160 -31.09 -0.33 -19.11
C LEU B 160 -30.88 1.14 -18.77
N LYS B 161 -30.83 1.46 -17.48
CA LYS B 161 -30.70 2.87 -17.08
C LYS B 161 -29.24 3.33 -17.15
N ALA B 162 -28.40 2.49 -17.76
CA ALA B 162 -27.04 2.84 -18.10
C ALA B 162 -26.81 2.73 -19.62
N GLY B 163 -27.89 2.55 -20.37
CA GLY B 163 -27.83 2.47 -21.84
C GLY B 163 -27.40 1.11 -22.39
N LEU B 164 -27.68 0.05 -21.63
CA LEU B 164 -27.29 -1.30 -22.03
C LEU B 164 -28.51 -2.24 -22.11
N GLN B 165 -28.69 -2.91 -23.24
CA GLN B 165 -29.83 -3.81 -23.43
C GLN B 165 -29.48 -5.29 -23.26
N ALA B 166 -28.24 -5.58 -22.86
CA ALA B 166 -27.80 -6.97 -22.66
C ALA B 166 -26.65 -7.10 -21.68
N ALA B 167 -26.60 -8.26 -21.01
CA ALA B 167 -25.51 -8.59 -20.12
C ALA B 167 -25.06 -10.02 -20.42
N ALA B 168 -23.76 -10.24 -20.45
CA ALA B 168 -23.20 -11.59 -20.52
C ALA B 168 -22.82 -12.04 -19.11
N PHE B 169 -23.01 -13.33 -18.83
CA PHE B 169 -22.65 -13.89 -17.53
C PHE B 169 -22.47 -15.40 -17.61
N GLY B 170 -21.77 -15.96 -16.62
CA GLY B 170 -21.41 -17.37 -16.64
C GLY B 170 -22.02 -18.28 -15.60
N ARG B 171 -22.52 -17.72 -14.50
CA ARG B 171 -22.92 -18.54 -13.36
C ARG B 171 -24.39 -18.48 -13.00
N GLY B 172 -24.96 -19.64 -12.70
CA GLY B 172 -26.23 -19.74 -12.01
C GLY B 172 -27.44 -20.07 -12.85
N ILE B 173 -27.22 -20.27 -14.15
CA ILE B 173 -28.28 -20.73 -15.02
C ILE B 173 -27.88 -22.03 -15.69
N ARG B 174 -28.71 -23.06 -15.48
CA ARG B 174 -28.47 -24.38 -16.05
C ARG B 174 -29.19 -24.50 -17.40
N PRO B 175 -28.43 -24.52 -18.50
CA PRO B 175 -29.08 -24.66 -19.81
C PRO B 175 -29.48 -26.11 -20.07
N THR B 176 -30.76 -26.32 -20.37
CA THR B 176 -31.28 -27.63 -20.74
C THR B 176 -31.45 -27.64 -22.26
N GLY B 177 -31.17 -28.77 -22.89
CA GLY B 177 -31.24 -28.85 -24.35
C GLY B 177 -32.57 -28.43 -24.98
N PHE B 178 -32.54 -28.14 -26.28
CA PHE B 178 -33.77 -27.95 -27.06
C PHE B 178 -34.43 -29.31 -27.38
N ASN B 179 -33.67 -30.38 -27.14
CA ASN B 179 -34.17 -31.76 -27.26
C ASN B 179 -35.04 -32.19 -26.08
N ASN B 180 -34.72 -31.67 -24.89
CA ASN B 180 -35.51 -31.93 -23.68
C ASN B 180 -36.58 -30.86 -23.42
N GLN B 181 -37.76 -31.30 -22.96
CA GLN B 181 -38.87 -30.41 -22.63
C GLN B 181 -38.49 -29.39 -21.53
N VAL B 182 -38.97 -28.16 -21.67
CA VAL B 182 -38.67 -27.08 -20.70
C VAL B 182 -39.44 -27.21 -19.38
N ASP B 183 -38.69 -27.31 -18.29
CA ASP B 183 -39.23 -27.50 -16.95
C ASP B 183 -39.68 -26.17 -16.35
N THR B 184 -40.99 -26.03 -16.13
CA THR B 184 -41.58 -24.82 -15.55
C THR B 184 -41.26 -24.66 -14.07
N SER B 185 -41.12 -25.81 -13.38
CA SER B 185 -40.83 -25.86 -11.94
C SER B 185 -39.49 -25.20 -11.53
N GLU B 186 -38.51 -25.22 -12.44
CA GLU B 186 -37.16 -24.71 -12.15
C GLU B 186 -36.99 -23.25 -12.55
N LYS B 187 -36.89 -22.39 -11.55
CA LYS B 187 -36.74 -20.94 -11.72
C LYS B 187 -35.45 -20.55 -12.44
N TYR B 188 -34.40 -21.36 -12.28
CA TYR B 188 -33.05 -21.03 -12.74
C TYR B 188 -32.49 -21.99 -13.78
N SER B 189 -33.39 -22.52 -14.61
CA SER B 189 -33.03 -23.28 -15.79
C SER B 189 -33.50 -22.57 -17.05
N SER B 190 -32.72 -22.72 -18.12
CA SER B 190 -33.04 -22.13 -19.41
C SER B 190 -32.97 -23.18 -20.52
N GLN B 191 -33.90 -23.08 -21.47
CA GLN B 191 -33.84 -23.94 -22.65
C GLN B 191 -32.67 -23.54 -23.57
N PHE B 192 -32.40 -22.24 -23.69
CA PHE B 192 -31.35 -21.77 -24.59
C PHE B 192 -30.21 -21.04 -23.86
N SER B 193 -29.16 -20.72 -24.61
CA SER B 193 -28.04 -19.95 -24.11
C SER B 193 -28.32 -18.43 -24.11
N GLU B 194 -29.54 -18.07 -24.53
CA GLU B 194 -30.00 -16.69 -24.49
C GLU B 194 -31.28 -16.65 -23.68
N ILE B 195 -31.38 -15.67 -22.79
CA ILE B 195 -32.56 -15.53 -21.92
C ILE B 195 -33.09 -14.11 -21.93
N SER B 196 -34.32 -13.98 -21.43
CA SER B 196 -34.86 -12.68 -21.10
C SER B 196 -34.74 -12.61 -19.59
N TRP B 197 -34.00 -11.63 -19.11
CA TRP B 197 -33.77 -11.47 -17.68
C TRP B 197 -34.66 -10.36 -17.16
N GLN B 198 -35.56 -10.69 -16.24
CA GLN B 198 -36.55 -9.73 -15.75
C GLN B 198 -36.29 -9.27 -14.30
N GLY B 199 -36.05 -7.97 -14.14
CA GLY B 199 -35.79 -7.38 -12.82
C GLY B 199 -37.03 -7.24 -11.97
N PRO B 200 -36.86 -6.89 -10.67
CA PRO B 200 -38.00 -6.74 -9.76
C PRO B 200 -38.89 -5.53 -10.06
N ASP B 201 -38.44 -4.66 -10.97
CA ASP B 201 -39.18 -3.48 -11.41
C ASP B 201 -39.81 -3.68 -12.79
N ASN B 202 -39.62 -4.88 -13.34
CA ASN B 202 -40.10 -5.28 -14.66
C ASN B 202 -39.21 -4.89 -15.85
N SER B 203 -38.05 -4.30 -15.57
CA SER B 203 -37.05 -4.05 -16.61
C SER B 203 -36.60 -5.40 -17.18
N ARG B 204 -36.60 -5.51 -18.51
CA ARG B 204 -36.11 -6.72 -19.18
C ARG B 204 -34.84 -6.46 -20.00
N ILE B 205 -33.89 -7.38 -19.89
CA ILE B 205 -32.71 -7.33 -20.76
C ILE B 205 -32.47 -8.68 -21.43
N LEU B 206 -31.67 -8.65 -22.49
CA LEU B 206 -31.15 -9.88 -23.09
C LEU B 206 -30.05 -10.47 -22.20
N GLY B 207 -30.26 -11.71 -21.78
CA GLY B 207 -29.28 -12.42 -20.99
C GLY B 207 -28.47 -13.33 -21.89
N LEU B 208 -27.17 -13.19 -21.84
CA LEU B 208 -26.28 -13.98 -22.66
C LEU B 208 -25.49 -14.90 -21.73
N LEU B 209 -25.86 -16.18 -21.71
CA LEU B 209 -25.20 -17.13 -20.83
C LEU B 209 -24.04 -17.83 -21.53
N PHE B 210 -22.88 -17.86 -20.88
CA PHE B 210 -21.75 -18.65 -21.38
C PHE B 210 -22.05 -20.11 -21.02
N ALA B 211 -22.91 -20.71 -21.82
CA ALA B 211 -23.44 -22.05 -21.54
C ALA B 211 -22.34 -23.10 -21.50
N ASN B 212 -21.26 -22.85 -22.24
CA ASN B 212 -20.08 -23.72 -22.26
C ASN B 212 -18.83 -23.02 -21.69
N TRP B 213 -19.07 -21.98 -20.89
CA TRP B 213 -18.04 -21.15 -20.25
C TRP B 213 -17.32 -20.25 -21.26
N TYR B 214 -16.69 -19.19 -20.73
CA TYR B 214 -16.01 -18.20 -21.57
C TYR B 214 -14.68 -18.72 -22.11
N SER B 215 -14.45 -20.02 -21.95
CA SER B 215 -13.28 -20.65 -22.53
C SER B 215 -13.64 -21.66 -23.63
N ASN B 216 -14.91 -21.72 -24.02
CA ASN B 216 -15.35 -22.76 -24.95
C ASN B 216 -14.58 -22.77 -26.27
N GLY B 217 -14.10 -21.60 -26.69
CA GLY B 217 -13.31 -21.48 -27.92
C GLY B 217 -11.83 -21.21 -27.73
N ASN B 218 -11.29 -21.56 -26.56
CA ASN B 218 -9.89 -21.31 -26.26
C ASN B 218 -8.94 -22.24 -27.02
N GLU B 219 -7.88 -21.65 -27.57
CA GLU B 219 -6.77 -22.37 -28.19
C GLU B 219 -7.21 -23.26 -29.33
N ILE B 220 -7.78 -22.62 -30.35
CA ILE B 220 -8.23 -23.31 -31.56
C ILE B 220 -7.04 -23.83 -32.37
N PRO B 221 -7.08 -25.12 -32.75
CA PRO B 221 -5.94 -25.78 -33.40
C PRO B 221 -5.74 -25.34 -34.85
N THR B 222 -4.49 -25.43 -35.31
CA THR B 222 -4.14 -25.03 -36.66
C THR B 222 -3.76 -26.21 -37.56
N THR B 223 -4.07 -27.43 -37.12
CA THR B 223 -3.79 -28.65 -37.89
C THR B 223 -5.05 -29.52 -38.02
N GLU B 224 -5.25 -30.09 -39.22
CA GLU B 224 -6.48 -30.77 -39.61
C GLU B 224 -7.03 -31.77 -38.59
N ALA B 225 -6.20 -32.71 -38.15
CA ALA B 225 -6.62 -33.75 -37.22
C ALA B 225 -7.14 -33.19 -35.89
N GLU B 226 -6.35 -32.33 -35.26
CA GLU B 226 -6.74 -31.65 -34.01
C GLU B 226 -7.98 -30.78 -34.18
N ALA B 227 -8.03 -30.05 -35.29
CA ALA B 227 -9.15 -29.15 -35.59
C ALA B 227 -10.49 -29.87 -35.66
N ARG B 228 -10.52 -31.01 -36.36
CA ARG B 228 -11.76 -31.78 -36.49
C ARG B 228 -12.19 -32.35 -35.14
N LEU B 229 -11.25 -32.91 -34.38
CA LEU B 229 -11.53 -33.36 -33.01
C LEU B 229 -12.08 -32.23 -32.16
N PHE B 230 -11.47 -31.07 -32.29
CA PHE B 230 -11.85 -29.86 -31.55
C PHE B 230 -13.25 -29.38 -31.94
N TRP B 231 -13.45 -29.14 -33.24
CA TRP B 231 -14.71 -28.54 -33.70
C TRP B 231 -15.93 -29.46 -33.68
N ASP B 232 -15.73 -30.77 -33.86
CA ASP B 232 -16.83 -31.72 -33.72
C ASP B 232 -17.52 -31.56 -32.35
N LYS B 233 -16.71 -31.37 -31.29
CA LYS B 233 -17.25 -31.26 -29.94
C LYS B 233 -17.79 -29.85 -29.64
N LYS B 234 -17.00 -28.85 -29.96
CA LYS B 234 -17.35 -27.46 -29.65
C LYS B 234 -18.59 -26.97 -30.37
N LEU B 235 -18.73 -27.35 -31.64
CA LEU B 235 -19.90 -26.98 -32.43
C LEU B 235 -21.15 -27.66 -31.89
N ALA B 236 -21.04 -28.93 -31.56
CA ALA B 236 -22.16 -29.66 -30.96
C ALA B 236 -22.49 -29.09 -29.57
N ASP B 237 -21.47 -28.68 -28.82
CA ASP B 237 -21.66 -28.06 -27.50
C ASP B 237 -22.46 -26.77 -27.58
N ALA B 238 -22.13 -25.93 -28.56
CA ALA B 238 -22.86 -24.68 -28.79
C ALA B 238 -24.25 -24.89 -29.42
N GLU B 239 -24.34 -25.73 -30.46
CA GLU B 239 -25.62 -25.96 -31.16
C GLU B 239 -26.71 -26.45 -30.25
N ARG B 240 -26.30 -27.18 -29.19
CA ARG B 240 -27.21 -27.75 -28.21
C ARG B 240 -28.04 -26.70 -27.46
N PHE B 241 -27.51 -25.49 -27.33
CA PHE B 241 -28.17 -24.45 -26.54
C PHE B 241 -28.59 -23.22 -27.35
N ALA B 242 -27.88 -22.97 -28.45
CA ALA B 242 -28.13 -21.79 -29.27
C ALA B 242 -29.58 -21.74 -29.82
N SER B 243 -30.27 -20.64 -29.51
CA SER B 243 -31.63 -20.40 -29.99
C SER B 243 -31.65 -19.99 -31.46
N THR B 244 -30.52 -19.48 -31.93
CA THR B 244 -30.39 -18.98 -33.29
C THR B 244 -29.27 -19.73 -33.99
N LYS B 245 -29.06 -19.42 -35.27
CA LYS B 245 -27.99 -20.02 -36.05
C LYS B 245 -26.61 -19.46 -35.69
N HIS B 246 -26.58 -18.53 -34.72
CA HIS B 246 -25.36 -17.85 -34.31
C HIS B 246 -24.73 -18.48 -33.09
N LEU B 247 -23.54 -19.01 -33.28
CA LEU B 247 -22.83 -19.73 -32.22
C LEU B 247 -21.71 -18.89 -31.60
N LEU B 248 -21.73 -18.76 -30.28
CA LEU B 248 -20.74 -17.98 -29.54
C LEU B 248 -19.52 -18.81 -29.14
N MET B 249 -18.40 -18.57 -29.83
CA MET B 249 -17.12 -19.18 -29.47
C MET B 249 -16.19 -18.15 -28.83
N MET B 250 -16.00 -18.28 -27.52
CA MET B 250 -15.16 -17.36 -26.74
C MET B 250 -13.72 -17.85 -26.80
N ASN B 251 -12.91 -17.14 -27.56
CA ASN B 251 -11.52 -17.53 -27.82
C ASN B 251 -10.55 -16.98 -26.76
N GLY B 252 -10.55 -17.60 -25.58
CA GLY B 252 -9.70 -17.16 -24.48
C GLY B 252 -10.07 -17.81 -23.16
N CYS B 253 -9.40 -17.37 -22.09
CA CYS B 253 -9.60 -17.92 -20.75
C CYS B 253 -8.91 -16.98 -19.73
N ASP B 254 -8.87 -17.41 -18.47
CA ASP B 254 -8.22 -16.59 -17.42
C ASP B 254 -6.79 -16.29 -17.81
N HIS B 255 -6.46 -15.01 -17.95
CA HIS B 255 -5.09 -14.58 -18.24
C HIS B 255 -4.49 -15.22 -19.48
N GLN B 256 -5.36 -15.57 -20.43
CA GLN B 256 -4.94 -16.25 -21.64
C GLN B 256 -4.19 -15.27 -22.52
N PRO B 257 -3.00 -15.66 -23.00
CA PRO B 257 -2.32 -14.87 -24.03
C PRO B 257 -3.19 -14.82 -25.25
N VAL B 258 -3.04 -13.79 -26.05
CA VAL B 258 -3.80 -13.70 -27.30
C VAL B 258 -3.36 -14.87 -28.18
N GLN B 259 -4.30 -15.49 -28.89
CA GLN B 259 -3.95 -16.52 -29.87
C GLN B 259 -3.46 -15.87 -31.17
N LEU B 260 -2.14 -15.88 -31.36
CA LEU B 260 -1.51 -15.13 -32.45
C LEU B 260 -1.82 -15.70 -33.83
N ASP B 261 -2.20 -16.98 -33.89
CA ASP B 261 -2.45 -17.65 -35.17
C ASP B 261 -3.93 -18.01 -35.38
N VAL B 262 -4.82 -17.17 -34.87
CA VAL B 262 -6.25 -17.45 -34.92
C VAL B 262 -6.81 -17.31 -36.34
N THR B 263 -6.32 -16.33 -37.09
CA THR B 263 -6.71 -16.16 -38.48
C THR B 263 -6.51 -17.48 -39.23
N LYS B 264 -5.31 -18.05 -39.08
CA LYS B 264 -4.99 -19.35 -39.67
C LYS B 264 -6.00 -20.41 -39.23
N ALA B 265 -6.33 -20.43 -37.95
CA ALA B 265 -7.25 -21.42 -37.38
C ALA B 265 -8.69 -21.27 -37.92
N ILE B 266 -9.09 -20.02 -38.17
CA ILE B 266 -10.42 -19.72 -38.73
C ILE B 266 -10.53 -20.13 -40.22
N ALA B 267 -9.43 -19.96 -40.96
CA ALA B 267 -9.37 -20.36 -42.36
C ALA B 267 -9.41 -21.89 -42.49
N LEU B 268 -8.73 -22.58 -41.57
CA LEU B 268 -8.75 -24.04 -41.52
C LEU B 268 -10.14 -24.56 -41.20
N ALA B 269 -10.78 -23.95 -40.20
CA ALA B 269 -12.16 -24.28 -39.84
C ALA B 269 -13.11 -24.14 -41.05
N ASN B 270 -12.93 -23.09 -41.84
CA ASN B 270 -13.75 -22.88 -43.02
C ASN B 270 -13.51 -23.90 -44.14
N GLN B 271 -12.26 -24.32 -44.30
CA GLN B 271 -11.92 -25.36 -45.28
C GLN B 271 -12.53 -26.71 -44.86
N LEU B 272 -12.53 -26.99 -43.57
CA LEU B 272 -13.04 -28.26 -43.04
C LEU B 272 -14.56 -28.38 -42.94
N TYR B 273 -15.24 -27.27 -42.72
CA TYR B 273 -16.69 -27.28 -42.54
C TYR B 273 -17.39 -26.33 -43.54
N PRO B 274 -17.82 -26.87 -44.70
CA PRO B 274 -18.53 -26.07 -45.72
C PRO B 274 -19.88 -25.55 -45.23
N ASP B 275 -20.52 -26.34 -44.35
CA ASP B 275 -21.81 -26.02 -43.73
C ASP B 275 -21.74 -24.87 -42.73
N TYR B 276 -20.53 -24.52 -42.29
CA TYR B 276 -20.34 -23.54 -41.24
C TYR B 276 -19.57 -22.32 -41.72
N GLU B 277 -20.01 -21.14 -41.28
CA GLU B 277 -19.33 -19.90 -41.59
C GLU B 277 -18.63 -19.36 -40.32
N PHE B 278 -17.35 -19.69 -40.19
CA PHE B 278 -16.54 -19.21 -39.07
C PHE B 278 -16.07 -17.80 -39.37
N VAL B 279 -16.39 -16.86 -38.49
CA VAL B 279 -15.89 -15.50 -38.62
C VAL B 279 -15.27 -14.96 -37.33
N HIS B 280 -14.15 -14.26 -37.48
CA HIS B 280 -13.59 -13.49 -36.39
C HIS B 280 -14.53 -12.28 -36.12
N SER B 281 -15.21 -12.32 -34.98
CA SER B 281 -16.29 -11.38 -34.67
C SER B 281 -16.04 -10.59 -33.39
N CYS B 282 -17.04 -9.80 -32.99
CA CYS B 282 -17.02 -9.03 -31.75
C CYS B 282 -18.42 -9.08 -31.16
N PHE B 283 -18.57 -8.64 -29.91
CA PHE B 283 -19.86 -8.70 -29.24
C PHE B 283 -20.94 -7.84 -29.89
N GLU B 284 -20.55 -6.68 -30.42
CA GLU B 284 -21.49 -5.78 -31.08
C GLU B 284 -22.12 -6.45 -32.31
N ASP B 285 -21.27 -7.05 -33.13
CA ASP B 285 -21.73 -7.78 -34.32
C ASP B 285 -22.57 -8.97 -33.91
N TYR B 286 -22.16 -9.64 -32.82
CA TYR B 286 -22.91 -10.78 -32.32
C TYR B 286 -24.30 -10.38 -31.86
N LEU B 287 -24.42 -9.29 -31.12
CA LEU B 287 -25.70 -8.77 -30.64
C LEU B 287 -26.61 -8.30 -31.77
N ALA B 288 -26.01 -7.68 -32.80
CA ALA B 288 -26.76 -7.18 -33.96
C ALA B 288 -27.40 -8.32 -34.76
N ASP B 289 -26.63 -9.38 -34.98
CA ASP B 289 -27.14 -10.59 -35.60
C ASP B 289 -28.26 -11.24 -34.77
N LEU B 290 -28.08 -11.24 -33.46
CA LEU B 290 -29.07 -11.78 -32.54
C LEU B 290 -30.41 -11.06 -32.61
N ALA B 291 -30.37 -9.72 -32.69
CA ALA B 291 -31.58 -8.92 -32.77
C ALA B 291 -32.44 -9.34 -33.95
N ASP B 292 -31.79 -9.71 -35.06
CA ASP B 292 -32.49 -10.20 -36.25
C ASP B 292 -33.21 -11.53 -35.95
N ASP B 293 -32.45 -12.49 -35.41
CA ASP B 293 -32.87 -13.90 -35.41
C ASP B 293 -33.41 -14.48 -34.09
N LEU B 294 -33.32 -13.74 -33.00
CA LEU B 294 -33.89 -14.18 -31.72
C LEU B 294 -35.38 -14.49 -31.84
N PRO B 295 -35.79 -15.71 -31.43
CA PRO B 295 -37.22 -16.03 -31.39
C PRO B 295 -37.87 -15.38 -30.17
N GLU B 296 -39.21 -15.25 -30.17
CA GLU B 296 -39.94 -14.76 -29.00
C GLU B 296 -40.21 -15.91 -28.03
N ASN B 297 -39.33 -16.90 -28.09
CA ASN B 297 -39.49 -18.20 -27.42
C ASN B 297 -38.52 -18.41 -26.23
N LEU B 298 -37.86 -17.34 -25.77
CA LEU B 298 -36.82 -17.43 -24.74
C LEU B 298 -37.34 -17.54 -23.31
N SER B 299 -36.71 -18.43 -22.54
CA SER B 299 -37.00 -18.59 -21.11
C SER B 299 -36.85 -17.25 -20.38
N THR B 300 -37.61 -17.09 -19.30
CA THR B 300 -37.47 -15.91 -18.45
C THR B 300 -36.87 -16.30 -17.10
N VAL B 301 -35.88 -15.53 -16.66
CA VAL B 301 -35.30 -15.67 -15.32
C VAL B 301 -35.70 -14.43 -14.53
N GLN B 302 -36.23 -14.63 -13.34
CA GLN B 302 -36.68 -13.50 -12.50
C GLN B 302 -35.73 -13.23 -11.31
N GLY B 303 -35.34 -11.97 -11.14
CA GLY B 303 -34.56 -11.54 -9.98
C GLY B 303 -33.10 -11.97 -9.93
N GLU B 304 -32.58 -12.15 -8.71
CA GLU B 304 -31.17 -12.48 -8.51
C GLU B 304 -30.82 -13.90 -8.92
N ILE B 305 -29.62 -14.07 -9.44
CA ILE B 305 -29.12 -15.37 -9.88
C ILE B 305 -27.94 -15.76 -8.98
N THR B 306 -28.19 -16.64 -8.03
CA THR B 306 -27.19 -16.95 -7.00
C THR B 306 -26.89 -18.44 -6.86
N SER B 307 -27.22 -19.21 -7.91
CA SER B 307 -27.03 -20.67 -7.90
C SER B 307 -27.93 -21.35 -6.85
N GLN B 308 -29.16 -20.84 -6.71
CA GLN B 308 -30.12 -21.36 -5.72
C GLN B 308 -30.46 -22.82 -5.97
N GLU B 309 -30.45 -23.22 -7.24
CA GLU B 309 -30.81 -24.59 -7.64
C GLU B 309 -29.57 -25.41 -8.02
N THR B 310 -28.59 -25.41 -7.13
CA THR B 310 -27.40 -26.27 -7.27
C THR B 310 -27.23 -27.05 -5.97
N ASP B 311 -26.11 -27.75 -5.84
CA ASP B 311 -25.83 -28.47 -4.60
C ASP B 311 -25.44 -27.51 -3.46
N GLY B 312 -25.08 -26.29 -3.83
CA GLY B 312 -24.79 -25.24 -2.87
C GLY B 312 -23.39 -25.20 -2.30
N TRP B 313 -22.50 -26.03 -2.87
CA TRP B 313 -21.13 -26.09 -2.42
C TRP B 313 -20.22 -25.15 -3.21
N TYR B 314 -20.63 -24.81 -4.42
CA TYR B 314 -19.75 -24.03 -5.31
C TYR B 314 -20.36 -22.71 -5.75
N THR B 315 -21.20 -22.15 -4.89
CA THR B 315 -21.76 -20.81 -5.09
C THR B 315 -20.69 -19.75 -4.81
N LEU B 316 -19.72 -20.12 -3.97
CA LEU B 316 -18.64 -19.24 -3.52
C LEU B 316 -19.15 -18.10 -2.66
N ALA B 317 -20.33 -18.29 -2.08
CA ALA B 317 -20.98 -17.25 -1.31
C ALA B 317 -20.19 -16.85 -0.07
N ASN B 318 -19.44 -17.80 0.51
CA ASN B 318 -18.62 -17.54 1.69
C ASN B 318 -17.47 -16.55 1.46
N THR B 319 -17.27 -16.14 0.20
CA THR B 319 -16.40 -15.00 -0.08
C THR B 319 -16.85 -13.81 0.75
N ALA B 320 -18.14 -13.72 1.04
CA ALA B 320 -18.66 -12.64 1.87
C ALA B 320 -18.03 -12.57 3.27
N SER B 321 -17.53 -13.68 3.80
CA SER B 321 -16.91 -13.67 5.13
C SER B 321 -15.40 -13.92 5.11
N ALA B 322 -14.87 -14.16 3.92
CA ALA B 322 -13.44 -14.14 3.75
C ALA B 322 -12.93 -12.74 4.07
N ARG B 323 -11.95 -12.67 4.98
CA ARG B 323 -11.24 -11.45 5.31
C ARG B 323 -12.22 -10.30 5.55
N ILE B 324 -13.01 -10.42 6.61
CA ILE B 324 -14.04 -9.44 6.96
C ILE B 324 -13.49 -8.02 7.14
N TYR B 325 -12.27 -7.89 7.68
CA TYR B 325 -11.59 -6.60 7.79
C TYR B 325 -11.61 -5.80 6.48
N LEU B 326 -11.48 -6.48 5.34
CA LEU B 326 -11.55 -5.81 4.03
C LEU B 326 -12.92 -5.21 3.76
N LYS B 327 -13.95 -5.97 4.10
CA LYS B 327 -15.34 -5.54 3.88
C LYS B 327 -15.63 -4.37 4.80
N GLN B 328 -15.13 -4.43 6.03
CA GLN B 328 -15.27 -3.32 6.96
C GLN B 328 -14.63 -2.07 6.39
N ALA B 329 -13.39 -2.22 5.91
CA ALA B 329 -12.66 -1.09 5.32
C ALA B 329 -13.42 -0.54 4.12
N ASN B 330 -13.95 -1.44 3.30
CA ASN B 330 -14.62 -1.03 2.09
C ASN B 330 -15.89 -0.24 2.40
N THR B 331 -16.57 -0.64 3.46
CA THR B 331 -17.76 0.01 3.95
C THR B 331 -17.39 1.40 4.45
N ARG B 332 -16.30 1.49 5.20
CA ARG B 332 -15.82 2.75 5.76
C ARG B 332 -15.59 3.79 4.64
N VAL B 333 -14.88 3.37 3.60
CA VAL B 333 -14.56 4.26 2.49
C VAL B 333 -15.82 4.54 1.65
N SER B 334 -16.66 3.52 1.50
CA SER B 334 -17.89 3.68 0.72
C SER B 334 -18.80 4.71 1.37
N ARG B 335 -19.02 4.60 2.68
CA ARG B 335 -19.80 5.61 3.40
C ARG B 335 -19.17 7.00 3.34
N GLN B 336 -17.83 7.04 3.42
CA GLN B 336 -17.08 8.29 3.38
C GLN B 336 -17.33 9.07 2.11
N LEU B 337 -17.21 8.38 0.97
CA LEU B 337 -17.38 9.04 -0.32
C LEU B 337 -18.86 9.32 -0.59
N GLU B 338 -19.70 8.30 -0.49
CA GLU B 338 -21.12 8.41 -0.86
C GLU B 338 -21.95 9.31 0.06
N ASN B 339 -21.70 9.23 1.35
CA ASN B 339 -22.63 9.77 2.33
C ASN B 339 -22.06 10.89 3.18
N ILE B 340 -20.77 11.17 3.01
CA ILE B 340 -20.16 12.28 3.73
C ILE B 340 -19.50 13.28 2.76
N THR B 341 -18.49 12.83 2.02
CA THR B 341 -17.74 13.72 1.16
C THR B 341 -18.62 14.39 0.11
N GLU B 342 -19.32 13.57 -0.67
CA GLU B 342 -20.16 14.11 -1.72
C GLU B 342 -21.32 14.96 -1.22
N PRO B 343 -22.07 14.48 -0.20
CA PRO B 343 -23.15 15.36 0.28
C PRO B 343 -22.66 16.70 0.78
N LEU B 344 -21.51 16.75 1.44
CA LEU B 344 -20.98 18.02 1.93
C LEU B 344 -20.48 18.91 0.80
N ALA B 345 -19.73 18.33 -0.14
CA ALA B 345 -19.24 19.07 -1.30
C ALA B 345 -20.40 19.56 -2.19
N ALA B 346 -21.47 18.76 -2.29
CA ALA B 346 -22.61 19.13 -3.11
C ALA B 346 -23.25 20.39 -2.56
N MET B 347 -23.33 20.48 -1.24
CA MET B 347 -23.86 21.66 -0.56
C MET B 347 -22.87 22.83 -0.62
N ALA B 348 -21.59 22.56 -0.36
CA ALA B 348 -20.60 23.63 -0.33
C ALA B 348 -20.53 24.38 -1.65
N TYR B 349 -20.88 23.71 -2.73
CA TYR B 349 -20.88 24.31 -4.05
C TYR B 349 -21.71 25.59 -4.08
N GLU B 350 -22.81 25.61 -3.34
CA GLU B 350 -23.67 26.79 -3.24
C GLU B 350 -22.88 28.06 -2.86
N VAL B 351 -21.76 27.86 -2.18
CA VAL B 351 -20.96 28.94 -1.62
C VAL B 351 -19.70 29.20 -2.42
N THR B 352 -19.05 28.12 -2.85
CA THR B 352 -17.74 28.22 -3.50
C THR B 352 -17.86 28.25 -5.02
N SER B 353 -18.98 27.74 -5.53
CA SER B 353 -19.19 27.58 -6.98
C SER B 353 -18.21 26.60 -7.60
N THR B 354 -17.67 25.74 -6.76
CA THR B 354 -16.74 24.73 -7.21
C THR B 354 -16.96 23.40 -6.47
N TYR B 355 -16.62 22.31 -7.13
CA TYR B 355 -16.87 20.97 -6.63
C TYR B 355 -15.70 20.13 -7.13
N PRO B 356 -15.10 19.30 -6.23
CA PRO B 356 -13.85 18.60 -6.54
C PRO B 356 -14.04 17.33 -7.39
N HIS B 357 -14.37 17.52 -8.67
CA HIS B 357 -14.61 16.40 -9.58
C HIS B 357 -13.38 15.55 -9.77
N ASP B 358 -12.24 16.18 -10.09
CA ASP B 358 -11.01 15.41 -10.33
C ASP B 358 -10.60 14.61 -9.10
N GLN B 359 -10.60 15.27 -7.93
CA GLN B 359 -10.21 14.60 -6.69
C GLN B 359 -11.12 13.40 -6.42
N LEU B 360 -12.43 13.58 -6.61
CA LEU B 360 -13.40 12.51 -6.38
C LEU B 360 -13.24 11.36 -7.35
N ARG B 361 -12.91 11.66 -8.61
CA ARG B 361 -12.64 10.62 -9.61
C ARG B 361 -11.44 9.81 -9.17
N TYR B 362 -10.43 10.51 -8.66
CA TYR B 362 -9.22 9.88 -8.16
C TYR B 362 -9.56 9.00 -6.94
N ALA B 363 -10.41 9.50 -6.05
CA ALA B 363 -10.83 8.78 -4.87
C ALA B 363 -11.57 7.50 -5.28
N TRP B 364 -12.49 7.64 -6.24
CA TRP B 364 -13.30 6.53 -6.71
C TRP B 364 -12.51 5.47 -7.50
N LYS B 365 -11.60 5.90 -8.36
CA LYS B 365 -10.77 4.93 -9.07
C LYS B 365 -9.92 4.14 -8.08
N THR B 366 -9.32 4.84 -7.13
CA THR B 366 -8.55 4.19 -6.07
C THR B 366 -9.44 3.18 -5.32
N LEU B 367 -10.62 3.61 -4.87
CA LEU B 367 -11.52 2.69 -4.17
C LEU B 367 -11.88 1.51 -5.05
N MET B 368 -12.13 1.76 -6.34
CA MET B 368 -12.61 0.70 -7.19
C MET B 368 -11.52 -0.25 -7.67
N GLN B 369 -10.25 0.14 -7.51
CA GLN B 369 -9.15 -0.80 -7.71
C GLN B 369 -9.25 -1.97 -6.72
N ASN B 370 -10.02 -1.77 -5.65
CA ASN B 370 -10.31 -2.84 -4.71
C ASN B 370 -11.61 -3.63 -5.04
N HIS B 371 -12.34 -3.21 -6.06
CA HIS B 371 -13.63 -3.83 -6.37
C HIS B 371 -13.66 -5.01 -7.36
N PRO B 372 -12.55 -5.29 -8.07
CA PRO B 372 -12.58 -6.54 -8.84
C PRO B 372 -12.91 -7.73 -7.93
N HIS B 373 -13.65 -8.70 -8.46
CA HIS B 373 -14.23 -9.75 -7.61
C HIS B 373 -13.21 -10.47 -6.74
N ASP B 374 -12.09 -10.89 -7.33
CA ASP B 374 -11.03 -11.58 -6.57
C ASP B 374 -10.41 -10.70 -5.48
N SER B 375 -10.59 -9.39 -5.60
CA SER B 375 -10.02 -8.46 -4.64
C SER B 375 -10.93 -8.35 -3.42
N ILE B 376 -12.12 -7.78 -3.62
CA ILE B 376 -13.05 -7.53 -2.53
C ILE B 376 -13.52 -8.83 -1.86
N CYS B 377 -13.62 -9.89 -2.66
CA CYS B 377 -14.04 -11.20 -2.17
C CYS B 377 -13.05 -11.79 -1.16
N GLY B 378 -11.86 -11.22 -1.12
CA GLY B 378 -10.82 -11.71 -0.23
C GLY B 378 -10.38 -13.11 -0.61
N CYS B 379 -10.47 -13.44 -1.89
CA CYS B 379 -10.09 -14.75 -2.37
C CYS B 379 -8.82 -14.71 -3.22
N SER B 380 -7.86 -13.91 -2.76
CA SER B 380 -6.56 -13.82 -3.41
C SER B 380 -5.47 -14.17 -2.40
N VAL B 381 -4.21 -14.02 -2.78
CA VAL B 381 -3.10 -14.30 -1.86
C VAL B 381 -2.83 -13.10 -0.95
N ASP B 382 -2.02 -13.31 0.09
CA ASP B 382 -1.83 -12.35 1.16
C ASP B 382 -1.37 -10.97 0.68
N SER B 383 -0.46 -10.94 -0.29
CA SER B 383 0.13 -9.67 -0.72
C SER B 383 -0.87 -8.79 -1.45
N VAL B 384 -1.77 -9.43 -2.20
CA VAL B 384 -2.88 -8.73 -2.86
C VAL B 384 -3.71 -7.96 -1.85
N HIS B 385 -4.03 -8.62 -0.74
CA HIS B 385 -4.92 -8.00 0.23
C HIS B 385 -4.23 -6.97 1.12
N ARG B 386 -2.91 -7.12 1.31
CA ARG B 386 -2.14 -6.05 1.96
C ARG B 386 -2.18 -4.80 1.11
N GLU B 387 -2.06 -4.94 -0.21
CA GLU B 387 -2.12 -3.81 -1.12
C GLU B 387 -3.50 -3.15 -1.13
N MET B 388 -4.55 -3.96 -1.14
CA MET B 388 -5.91 -3.43 -1.00
C MET B 388 -6.06 -2.48 0.18
N MET B 389 -5.53 -2.88 1.33
CA MET B 389 -5.60 -2.06 2.55
C MET B 389 -4.99 -0.68 2.36
N THR B 390 -3.86 -0.62 1.65
CA THR B 390 -3.23 0.65 1.31
C THR B 390 -4.16 1.44 0.44
N ARG B 391 -4.74 0.79 -0.57
CA ARG B 391 -5.65 1.50 -1.48
C ARG B 391 -6.85 2.04 -0.71
N PHE B 392 -7.34 1.27 0.26
CA PHE B 392 -8.50 1.72 1.05
C PHE B 392 -8.11 2.97 1.81
N GLU B 393 -6.93 2.95 2.42
CA GLU B 393 -6.44 4.07 3.22
C GLU B 393 -6.28 5.30 2.35
N LYS B 394 -5.70 5.12 1.17
CA LYS B 394 -5.50 6.20 0.22
C LYS B 394 -6.84 6.86 -0.18
N ALA B 395 -7.80 6.04 -0.62
CA ALA B 395 -9.10 6.54 -1.03
C ALA B 395 -9.76 7.23 0.12
N TYR B 396 -9.68 6.63 1.31
CA TYR B 396 -10.32 7.20 2.49
C TYR B 396 -9.81 8.60 2.79
N GLU B 397 -8.50 8.80 2.73
CA GLU B 397 -7.90 10.06 3.11
C GLU B 397 -8.24 11.18 2.13
N VAL B 398 -8.32 10.85 0.84
CA VAL B 398 -8.77 11.83 -0.15
C VAL B 398 -10.20 12.27 0.18
N GLY B 399 -11.07 11.30 0.43
CA GLY B 399 -12.44 11.62 0.79
C GLY B 399 -12.53 12.44 2.07
N HIS B 400 -11.72 12.06 3.06
CA HIS B 400 -11.77 12.66 4.38
C HIS B 400 -11.32 14.11 4.34
N TYR B 401 -10.26 14.36 3.57
CA TYR B 401 -9.79 15.73 3.36
C TYR B 401 -10.90 16.59 2.74
N LEU B 402 -11.54 16.07 1.68
CA LEU B 402 -12.56 16.86 0.97
C LEU B 402 -13.77 17.17 1.85
N ALA B 403 -14.13 16.21 2.71
CA ALA B 403 -15.25 16.38 3.62
C ALA B 403 -15.00 17.47 4.63
N LYS B 404 -13.80 17.49 5.20
CA LYS B 404 -13.45 18.51 6.19
C LYS B 404 -13.38 19.89 5.58
N GLU B 405 -12.98 19.94 4.32
CA GLU B 405 -12.98 21.16 3.53
C GLU B 405 -14.39 21.69 3.27
N ALA B 406 -15.24 20.81 2.72
CA ALA B 406 -16.61 21.17 2.43
C ALA B 406 -17.35 21.64 3.67
N ALA B 407 -17.22 20.90 4.77
CA ALA B 407 -17.87 21.27 6.03
C ALA B 407 -17.41 22.65 6.50
N LYS B 408 -16.10 22.88 6.42
CA LYS B 408 -15.50 24.15 6.81
C LYS B 408 -16.02 25.28 5.90
N GLN B 409 -16.09 25.03 4.60
CA GLN B 409 -16.52 26.04 3.65
C GLN B 409 -17.96 26.48 3.92
N ILE B 410 -18.82 25.51 4.22
CA ILE B 410 -20.21 25.76 4.58
C ILE B 410 -20.31 26.54 5.89
N ALA B 411 -19.62 26.06 6.92
CA ALA B 411 -19.71 26.67 8.25
C ALA B 411 -19.11 28.08 8.29
N ASP B 412 -18.09 28.31 7.48
CA ASP B 412 -17.48 29.63 7.38
C ASP B 412 -18.39 30.68 6.75
N ALA B 413 -19.45 30.23 6.10
CA ALA B 413 -20.41 31.10 5.41
C ALA B 413 -21.77 31.20 6.11
N ILE B 414 -21.92 30.50 7.23
CA ILE B 414 -23.13 30.59 8.06
C ILE B 414 -23.06 31.85 8.93
N ASP B 415 -24.19 32.55 9.05
CA ASP B 415 -24.32 33.70 9.96
C ASP B 415 -24.34 33.22 11.39
N THR B 416 -23.20 33.38 12.06
CA THR B 416 -23.02 32.86 13.42
C THR B 416 -23.00 33.96 14.48
N ARG B 417 -23.56 35.12 14.13
CA ARG B 417 -23.48 36.31 15.00
C ARG B 417 -24.46 36.27 16.17
N ASP B 418 -25.47 35.41 16.07
CA ASP B 418 -26.47 35.23 17.13
C ASP B 418 -25.84 34.71 18.44
N PHE B 419 -24.61 34.19 18.35
CA PHE B 419 -23.90 33.68 19.53
C PHE B 419 -23.00 34.74 20.15
N PRO B 420 -22.93 34.77 21.50
CA PRO B 420 -22.07 35.74 22.21
C PRO B 420 -20.59 35.52 21.88
N MET B 421 -19.76 36.56 22.04
CA MET B 421 -18.34 36.51 21.66
C MET B 421 -17.51 35.57 22.57
N ASP B 422 -17.97 35.40 23.81
CA ASP B 422 -17.33 34.47 24.74
C ASP B 422 -17.81 33.00 24.58
N SER B 423 -18.39 32.67 23.43
CA SER B 423 -18.80 31.30 23.15
C SER B 423 -18.09 30.75 21.92
N GLN B 424 -18.15 29.44 21.74
CA GLN B 424 -17.51 28.76 20.62
C GLN B 424 -18.50 28.01 19.75
N PRO B 425 -18.82 28.56 18.57
CA PRO B 425 -19.83 27.98 17.68
C PRO B 425 -19.36 26.69 17.00
N PHE B 426 -20.31 25.80 16.74
CA PHE B 426 -20.04 24.58 15.97
C PHE B 426 -21.28 24.12 15.21
N VAL B 427 -21.05 23.51 14.05
CA VAL B 427 -22.13 23.09 13.17
C VAL B 427 -22.24 21.58 13.09
N LEU B 428 -23.44 21.07 13.28
CA LEU B 428 -23.68 19.64 13.16
C LEU B 428 -24.41 19.37 11.84
N PHE B 429 -23.90 18.43 11.07
CA PHE B 429 -24.50 18.07 9.79
C PHE B 429 -25.12 16.67 9.85
N ASN B 430 -26.32 16.54 9.29
CA ASN B 430 -26.85 15.24 8.97
C ASN B 430 -26.81 15.08 7.46
N THR B 431 -26.01 14.13 6.99
CA THR B 431 -25.74 14.00 5.57
C THR B 431 -26.51 12.84 4.96
N SER B 432 -27.45 12.29 5.73
CA SER B 432 -28.24 11.16 5.29
C SER B 432 -29.62 11.60 4.79
N GLY B 433 -30.35 10.66 4.19
CA GLY B 433 -31.63 10.98 3.53
C GLY B 433 -32.86 11.01 4.41
N HIS B 434 -32.72 10.65 5.68
CA HIS B 434 -33.84 10.74 6.63
C HIS B 434 -33.41 11.45 7.90
N SER B 435 -34.39 11.71 8.76
CA SER B 435 -34.15 12.28 10.08
C SER B 435 -33.15 11.41 10.88
N LYS B 436 -32.13 12.05 11.42
CA LYS B 436 -31.13 11.36 12.23
C LYS B 436 -31.26 11.72 13.71
N THR B 437 -31.69 10.74 14.50
CA THR B 437 -31.79 10.86 15.95
C THR B 437 -30.69 10.00 16.61
N SER B 438 -29.74 10.67 17.24
CA SER B 438 -28.70 10.00 17.99
C SER B 438 -28.17 10.89 19.11
N VAL B 439 -27.38 10.29 20.01
CA VAL B 439 -26.58 11.01 20.99
C VAL B 439 -25.17 11.14 20.38
N ALA B 440 -24.88 12.33 19.85
CA ALA B 440 -23.62 12.60 19.17
C ALA B 440 -22.45 12.62 20.13
N GLU B 441 -21.35 12.01 19.74
CA GLU B 441 -20.17 11.93 20.60
C GLU B 441 -19.11 12.90 20.06
N LEU B 442 -18.86 13.96 20.82
CA LEU B 442 -18.14 15.13 20.31
C LEU B 442 -16.93 15.50 21.15
N SER B 443 -15.96 16.12 20.48
CA SER B 443 -14.80 16.67 21.14
C SER B 443 -14.53 18.06 20.55
N LEU B 444 -14.84 19.11 21.32
CA LEU B 444 -14.72 20.48 20.83
C LEU B 444 -13.51 21.21 21.38
N THR B 445 -12.90 22.03 20.55
CA THR B 445 -11.78 22.84 20.97
C THR B 445 -12.30 24.15 21.60
N TRP B 446 -12.06 24.30 22.89
CA TRP B 446 -12.53 25.48 23.62
C TRP B 446 -11.58 26.68 23.47
N LYS B 447 -10.28 26.43 23.64
CA LYS B 447 -9.26 27.47 23.58
C LYS B 447 -8.04 26.90 22.85
N LYS B 448 -7.30 27.78 22.19
CA LYS B 448 -6.06 27.41 21.51
C LYS B 448 -4.87 28.19 22.07
N TYR B 449 -3.93 27.49 22.68
CA TYR B 449 -2.71 28.10 23.20
C TYR B 449 -1.58 27.86 22.21
N HIS B 450 -1.36 28.81 21.31
CA HIS B 450 -0.39 28.66 20.23
C HIS B 450 1.03 28.62 20.74
N PHE B 451 1.90 27.91 20.02
CA PHE B 451 3.31 27.75 20.41
C PHE B 451 4.04 29.07 20.24
N GLY B 452 3.71 29.79 19.16
CA GLY B 452 4.41 31.03 18.81
C GLY B 452 5.90 30.74 18.74
N GLN B 453 6.69 31.52 19.47
CA GLN B 453 8.14 31.32 19.45
C GLN B 453 8.66 30.86 20.83
N ARG B 454 7.79 30.23 21.62
CA ARG B 454 8.14 29.86 23.00
C ARG B 454 8.36 28.35 23.13
N PHE B 455 8.95 27.94 24.25
CA PHE B 455 9.09 26.52 24.56
C PHE B 455 7.72 25.90 24.85
N PRO B 456 7.39 24.81 24.15
CA PRO B 456 6.11 24.14 24.34
C PRO B 456 5.74 23.90 25.81
N LYS B 457 6.70 23.50 26.64
CA LYS B 457 6.41 23.29 28.08
C LYS B 457 5.82 24.52 28.77
N GLU B 458 6.28 25.73 28.42
CA GLU B 458 5.76 26.97 29.01
C GLU B 458 4.31 27.20 28.61
N VAL B 459 4.01 26.92 27.34
CA VAL B 459 2.69 27.10 26.81
C VAL B 459 1.74 26.08 27.44
N TYR B 460 2.25 24.85 27.59
CA TYR B 460 1.50 23.77 28.22
C TYR B 460 1.14 24.13 29.65
N GLN B 461 2.11 24.66 30.40
CA GLN B 461 1.87 25.06 31.77
C GLN B 461 0.76 26.10 31.85
N GLU B 462 0.72 27.04 30.91
CA GLU B 462 -0.36 28.00 30.83
C GLU B 462 -1.72 27.33 30.70
N ALA B 463 -1.79 26.35 29.81
CA ALA B 463 -3.04 25.64 29.58
C ALA B 463 -3.48 24.88 30.84
N GLN B 464 -2.53 24.31 31.57
CA GLN B 464 -2.81 23.61 32.83
C GLN B 464 -3.34 24.57 33.90
N GLU B 465 -2.77 25.77 33.91
CA GLU B 465 -3.15 26.79 34.87
C GLU B 465 -4.57 27.28 34.63
N TYR B 466 -4.92 27.45 33.36
CA TYR B 466 -6.27 27.79 32.98
C TYR B 466 -7.26 26.78 33.54
N LEU B 467 -6.97 25.49 33.39
CA LEU B 467 -7.87 24.46 33.90
C LEU B 467 -7.90 24.39 35.42
N ALA B 468 -6.76 24.69 36.05
CA ALA B 468 -6.68 24.71 37.49
C ALA B 468 -7.53 25.86 38.05
N ARG B 469 -7.52 27.00 37.34
CA ARG B 469 -8.27 28.18 37.74
C ARG B 469 -9.76 28.07 37.45
N LEU B 470 -10.10 27.26 36.44
CA LEU B 470 -11.46 27.12 35.93
C LEU B 470 -12.43 26.76 37.03
N SER B 471 -13.48 27.56 37.15
CA SER B 471 -14.47 27.37 38.20
C SER B 471 -15.86 27.17 37.65
N GLN B 472 -16.07 27.51 36.38
CA GLN B 472 -17.39 27.39 35.76
C GLN B 472 -17.63 26.03 35.06
N SER B 473 -18.88 25.78 34.68
CA SER B 473 -19.26 24.55 33.97
C SER B 473 -19.50 24.83 32.50
N PHE B 474 -19.17 23.87 31.65
CA PHE B 474 -19.43 23.99 30.21
C PHE B 474 -20.89 23.67 29.87
N GLN B 475 -21.43 24.38 28.88
CA GLN B 475 -22.81 24.23 28.46
C GLN B 475 -22.92 24.37 26.94
N ILE B 476 -23.97 23.78 26.38
CA ILE B 476 -24.28 23.96 24.97
C ILE B 476 -25.50 24.88 24.82
N ILE B 477 -25.41 25.86 23.92
CA ILE B 477 -26.50 26.79 23.65
C ILE B 477 -26.89 26.86 22.16
N ASP B 478 -28.14 27.25 21.90
CA ASP B 478 -28.63 27.48 20.53
C ASP B 478 -28.57 28.97 20.16
N THR B 479 -29.12 29.32 19.00
CA THR B 479 -29.08 30.69 18.47
C THR B 479 -29.68 31.73 19.42
N SER B 480 -30.74 31.36 20.13
CA SER B 480 -31.42 32.25 21.08
C SER B 480 -30.76 32.27 22.46
N GLY B 481 -29.60 31.63 22.57
CA GLY B 481 -28.83 31.64 23.81
C GLY B 481 -29.39 30.73 24.90
N GLN B 482 -30.26 29.79 24.51
CA GLN B 482 -30.88 28.86 25.46
C GLN B 482 -30.08 27.56 25.62
N VAL B 483 -29.82 27.18 26.87
CA VAL B 483 -29.01 26.01 27.20
C VAL B 483 -29.73 24.69 26.89
N ARG B 484 -28.98 23.75 26.33
CA ARG B 484 -29.46 22.37 26.14
C ARG B 484 -29.12 21.50 27.34
N PRO B 485 -30.13 21.18 28.16
CA PRO B 485 -29.92 20.46 29.42
C PRO B 485 -29.59 18.96 29.27
N GLU B 486 -29.92 18.37 28.12
CA GLU B 486 -29.72 16.93 27.91
C GLU B 486 -28.25 16.61 27.61
N ALA B 487 -27.51 17.65 27.20
CA ALA B 487 -26.08 17.57 26.96
C ALA B 487 -25.34 17.17 28.24
N GLU B 488 -24.39 16.27 28.08
CA GLU B 488 -23.56 15.82 29.19
C GLU B 488 -22.08 16.06 28.90
N ILE B 489 -21.45 16.87 29.75
CA ILE B 489 -20.00 17.08 29.68
C ILE B 489 -19.30 15.89 30.31
N LEU B 490 -18.43 15.25 29.54
CA LEU B 490 -17.72 14.07 30.01
C LEU B 490 -16.37 14.40 30.64
N GLY B 491 -15.71 15.44 30.14
CA GLY B 491 -14.44 15.87 30.71
C GLY B 491 -13.69 16.85 29.82
N THR B 492 -12.71 17.53 30.41
CA THR B 492 -11.83 18.47 29.69
C THR B 492 -10.39 17.97 29.73
N SER B 493 -9.60 18.35 28.74
CA SER B 493 -8.22 17.89 28.64
C SER B 493 -7.40 18.84 27.80
N ILE B 494 -6.10 18.62 27.80
CA ILE B 494 -5.18 19.37 26.97
C ILE B 494 -4.63 18.42 25.91
N ALA B 495 -4.66 18.86 24.66
CA ALA B 495 -4.16 18.03 23.58
C ALA B 495 -3.50 18.88 22.51
N PHE B 496 -2.32 18.45 22.09
CA PHE B 496 -1.68 19.03 20.93
C PHE B 496 -2.57 18.90 19.69
N ASP B 497 -2.68 20.00 18.96
CA ASP B 497 -3.38 20.04 17.69
C ASP B 497 -2.75 21.13 16.84
N TYR B 498 -3.25 21.29 15.62
CA TYR B 498 -2.68 22.23 14.68
C TYR B 498 -3.67 22.55 13.57
N ASP B 499 -3.55 23.74 13.02
CA ASP B 499 -4.35 24.14 11.87
C ASP B 499 -3.42 24.27 10.66
N LEU B 500 -3.95 23.94 9.49
CA LEU B 500 -3.24 24.17 8.24
C LEU B 500 -4.02 25.17 7.38
N PRO B 501 -3.74 26.46 7.55
CA PRO B 501 -4.43 27.50 6.80
C PRO B 501 -4.21 27.40 5.31
N LYS B 502 -5.19 27.84 4.54
CA LYS B 502 -5.07 27.93 3.10
C LYS B 502 -3.99 28.91 2.63
N ARG B 503 -3.78 30.02 3.35
CA ARG B 503 -2.90 31.07 2.84
C ARG B 503 -1.66 31.37 3.69
N SER B 504 -1.30 30.46 4.60
CA SER B 504 -0.11 30.64 5.45
C SER B 504 0.37 29.36 6.14
N PHE B 505 1.47 29.49 6.89
CA PHE B 505 2.18 28.38 7.54
C PHE B 505 1.37 27.60 8.59
N ARG B 506 1.69 26.33 8.77
CA ARG B 506 1.09 25.51 9.83
C ARG B 506 1.07 26.24 11.17
N GLU B 507 0.07 25.93 12.00
CA GLU B 507 -0.10 26.61 13.28
C GLU B 507 -0.33 25.64 14.44
N PRO B 508 0.73 25.31 15.17
CA PRO B 508 0.60 24.38 16.28
C PRO B 508 0.13 25.05 17.57
N TYR B 509 -0.60 24.31 18.39
CA TYR B 509 -1.07 24.81 19.67
C TYR B 509 -1.41 23.67 20.59
N PHE B 510 -1.59 23.99 21.87
CA PHE B 510 -2.23 23.06 22.79
C PHE B 510 -3.67 23.51 22.90
N ALA B 511 -4.58 22.61 22.60
CA ALA B 511 -5.98 22.91 22.68
C ALA B 511 -6.52 22.42 24.01
N ILE B 512 -7.39 23.22 24.62
CA ILE B 512 -8.27 22.76 25.69
C ILE B 512 -9.45 22.11 24.98
N LYS B 513 -9.64 20.81 25.19
CA LYS B 513 -10.71 20.07 24.53
C LYS B 513 -11.82 19.73 25.52
N VAL B 514 -13.07 20.02 25.14
CA VAL B 514 -14.21 19.54 25.90
C VAL B 514 -14.78 18.31 25.21
N ARG B 515 -14.86 17.22 25.95
CA ARG B 515 -15.43 15.98 25.46
C ARG B 515 -16.84 15.90 26.03
N LEU B 516 -17.82 15.70 25.15
CA LEU B 516 -19.22 15.72 25.57
C LEU B 516 -20.12 14.86 24.69
N ARG B 517 -21.29 14.51 25.23
CA ARG B 517 -22.29 13.79 24.45
C ARG B 517 -23.55 14.61 24.35
N LEU B 518 -24.10 14.68 23.15
CA LEU B 518 -25.19 15.60 22.85
C LEU B 518 -26.34 14.89 22.14
N PRO B 519 -27.45 14.66 22.84
CA PRO B 519 -28.65 14.13 22.19
C PRO B 519 -29.22 15.18 21.24
N ILE B 520 -29.46 14.77 20.00
CA ILE B 520 -29.96 15.68 18.96
C ILE B 520 -30.73 14.95 17.85
N THR B 521 -31.78 15.59 17.37
CA THR B 521 -32.48 15.14 16.19
C THR B 521 -32.26 16.16 15.07
N LEU B 522 -31.60 15.72 14.02
CA LEU B 522 -31.37 16.53 12.85
C LEU B 522 -32.23 16.04 11.68
N PRO B 523 -32.97 16.94 11.03
CA PRO B 523 -33.68 16.58 9.81
C PRO B 523 -32.71 16.09 8.74
N ALA B 524 -33.24 15.38 7.74
CA ALA B 524 -32.44 14.86 6.63
C ALA B 524 -31.66 15.98 5.95
N MET B 525 -30.47 15.65 5.47
CA MET B 525 -29.61 16.60 4.73
C MET B 525 -29.74 18.02 5.24
N SER B 526 -29.42 18.22 6.51
CA SER B 526 -29.55 19.51 7.14
C SER B 526 -28.39 19.79 8.08
N TRP B 527 -28.25 21.05 8.47
CA TRP B 527 -27.32 21.42 9.53
C TRP B 527 -28.00 22.27 10.60
N LYS B 528 -27.37 22.30 11.78
CA LYS B 528 -27.75 23.17 12.88
C LYS B 528 -26.48 23.68 13.57
N THR B 529 -26.50 24.96 13.96
CA THR B 529 -25.37 25.57 14.63
C THR B 529 -25.68 25.72 16.10
N LEU B 530 -24.76 25.26 16.94
CA LEU B 530 -24.88 25.45 18.37
C LEU B 530 -23.63 26.16 18.87
N ALA B 531 -23.55 26.39 20.18
CA ALA B 531 -22.30 26.91 20.73
C ALA B 531 -21.93 26.37 22.10
N LEU B 532 -20.63 26.40 22.36
CA LEU B 532 -20.07 25.98 23.63
C LEU B 532 -19.70 27.22 24.42
N LYS B 533 -20.07 27.25 25.70
CA LYS B 533 -19.73 28.38 26.56
C LYS B 533 -19.61 27.93 28.00
N LEU B 534 -19.04 28.79 28.84
CA LEU B 534 -18.97 28.56 30.27
C LEU B 534 -20.12 29.26 30.99
N GLY B 535 -20.62 28.63 32.06
CA GLY B 535 -21.73 29.18 32.84
C GLY B 535 -21.88 28.61 34.25
N ASN B 536 -22.91 29.04 34.95
CA ASN B 536 -23.24 28.50 36.27
C ASN B 536 -23.79 27.08 36.15
N GLU B 537 -23.43 26.21 37.09
CA GLU B 537 -23.83 24.79 37.04
C GLU B 537 -25.30 24.58 37.42
N SER B 541 -30.51 16.64 36.16
CA SER B 541 -31.53 16.59 37.20
C SER B 541 -32.67 15.59 36.89
N GLU B 542 -33.45 15.26 37.94
CA GLU B 542 -34.67 14.42 37.88
C GLU B 542 -34.60 13.19 36.96
N THR B 543 -33.41 12.58 36.86
CA THR B 543 -33.13 11.59 35.83
C THR B 543 -33.10 10.13 36.29
N VAL B 544 -33.98 9.31 35.73
CA VAL B 544 -33.89 7.85 35.90
C VAL B 544 -32.94 7.30 34.85
N SER B 545 -31.88 6.65 35.31
CA SER B 545 -30.89 6.05 34.41
C SER B 545 -31.46 4.92 33.58
N LEU B 546 -30.96 4.77 32.35
CA LEU B 546 -31.44 3.76 31.41
C LEU B 546 -31.17 2.32 31.85
N TYR B 547 -30.10 2.11 32.62
CA TYR B 547 -29.76 0.79 33.11
C TYR B 547 -30.05 0.65 34.59
N ASP B 548 -30.70 -0.46 34.96
CA ASP B 548 -31.00 -0.78 36.35
C ASP B 548 -30.06 -1.88 36.85
N ASP B 549 -29.10 -1.49 37.69
CA ASP B 549 -28.08 -2.41 38.24
C ASP B 549 -28.63 -3.57 39.05
N SER B 550 -29.81 -3.39 39.67
CA SER B 550 -30.45 -4.46 40.45
C SER B 550 -31.13 -5.49 39.56
N ASN B 551 -31.82 -5.01 38.53
CA ASN B 551 -32.53 -5.84 37.54
C ASN B 551 -31.62 -6.43 36.46
N GLN B 552 -30.46 -5.80 36.25
CA GLN B 552 -29.59 -6.06 35.10
C GLN B 552 -30.35 -5.72 33.81
N CYS B 553 -31.01 -4.57 33.81
CA CYS B 553 -31.99 -4.26 32.76
C CYS B 553 -31.74 -2.95 32.04
N LEU B 554 -31.70 -3.01 30.71
CA LEU B 554 -31.65 -1.82 29.86
C LEU B 554 -33.05 -1.51 29.38
N GLU B 555 -33.50 -0.29 29.62
CA GLU B 555 -34.88 0.08 29.33
C GLU B 555 -35.04 1.51 28.88
N ASN B 556 -35.61 1.67 27.69
CA ASN B 556 -36.01 2.99 27.20
C ASN B 556 -37.48 2.93 26.79
N GLY B 557 -37.90 3.88 25.94
CA GLY B 557 -39.27 3.90 25.44
C GLY B 557 -39.66 2.71 24.55
N PHE B 558 -38.67 2.06 23.95
CA PHE B 558 -38.92 1.03 22.94
C PHE B 558 -38.69 -0.40 23.40
N LEU B 559 -37.59 -0.61 24.13
CA LEU B 559 -37.18 -1.95 24.51
C LEU B 559 -36.90 -2.09 25.99
N LYS B 560 -37.22 -3.26 26.53
CA LYS B 560 -36.67 -3.71 27.81
C LYS B 560 -35.69 -4.82 27.45
N VAL B 561 -34.43 -4.64 27.82
CA VAL B 561 -33.38 -5.59 27.50
C VAL B 561 -32.85 -6.19 28.80
N MET B 562 -33.20 -7.45 29.05
CA MET B 562 -32.71 -8.15 30.22
C MET B 562 -31.49 -8.97 29.84
N ILE B 563 -30.38 -8.75 30.55
CA ILE B 563 -29.18 -9.54 30.38
C ILE B 563 -29.26 -10.77 31.27
N GLN B 564 -29.27 -11.94 30.64
CA GLN B 564 -29.34 -13.20 31.36
C GLN B 564 -28.02 -13.45 32.10
N THR B 565 -28.06 -14.34 33.08
CA THR B 565 -26.85 -14.71 33.83
C THR B 565 -25.79 -15.38 32.92
N ASP B 566 -26.23 -15.93 31.80
CA ASP B 566 -25.29 -16.51 30.83
C ASP B 566 -24.84 -15.48 29.77
N GLY B 567 -25.26 -14.24 29.92
CA GLY B 567 -24.83 -13.17 29.01
C GLY B 567 -25.67 -12.98 27.76
N ARG B 568 -26.57 -13.92 27.49
CA ARG B 568 -27.49 -13.76 26.38
C ARG B 568 -28.58 -12.74 26.73
N LEU B 569 -29.36 -12.34 25.74
CA LEU B 569 -30.33 -11.25 25.93
C LEU B 569 -31.77 -11.71 25.86
N THR B 570 -32.59 -11.12 26.73
CA THR B 570 -34.04 -11.27 26.67
C THR B 570 -34.63 -9.87 26.45
N ILE B 571 -35.09 -9.62 25.22
CA ILE B 571 -35.56 -8.30 24.82
C ILE B 571 -37.07 -8.34 24.65
N THR B 572 -37.73 -7.38 25.30
CA THR B 572 -39.17 -7.19 25.19
C THR B 572 -39.46 -5.91 24.42
N ASP B 573 -40.25 -6.05 23.35
CA ASP B 573 -40.74 -4.90 22.61
C ASP B 573 -41.90 -4.30 23.40
N LYS B 574 -41.67 -3.14 24.00
CA LYS B 574 -42.65 -2.50 24.89
C LYS B 574 -43.93 -2.02 24.15
N GLN B 575 -43.84 -1.95 22.82
CA GLN B 575 -44.95 -1.59 21.95
C GLN B 575 -45.88 -2.78 21.64
N SER B 576 -45.30 -3.85 21.12
CA SER B 576 -46.07 -5.03 20.68
C SER B 576 -46.29 -6.04 21.80
N GLY B 577 -45.40 -6.02 22.79
CA GLY B 577 -45.45 -6.95 23.93
C GLY B 577 -44.70 -8.25 23.71
N LEU B 578 -44.06 -8.38 22.55
CA LEU B 578 -43.36 -9.61 22.19
C LEU B 578 -41.98 -9.75 22.85
N ILE B 579 -41.67 -11.00 23.24
CA ILE B 579 -40.48 -11.31 24.03
C ILE B 579 -39.54 -12.25 23.26
N TYR B 580 -38.28 -11.84 23.15
CA TYR B 580 -37.23 -12.65 22.53
C TYR B 580 -36.19 -13.08 23.57
N GLN B 581 -36.14 -14.37 23.84
CA GLN B 581 -35.18 -14.93 24.79
C GLN B 581 -33.94 -15.45 24.07
N ASP B 582 -32.83 -15.49 24.80
CA ASP B 582 -31.59 -16.09 24.34
C ASP B 582 -31.02 -15.43 23.07
N LEU B 583 -31.28 -14.12 22.91
CA LEU B 583 -30.65 -13.35 21.84
C LEU B 583 -29.15 -13.17 22.10
N LEU B 584 -28.41 -12.89 21.02
CA LEU B 584 -26.99 -12.54 21.08
C LEU B 584 -26.12 -13.71 21.55
N ARG B 585 -26.28 -14.84 20.89
CA ARG B 585 -25.44 -16.00 21.18
C ARG B 585 -24.22 -16.03 20.26
N PHE B 586 -23.06 -16.22 20.85
CA PHE B 586 -21.82 -16.33 20.08
C PHE B 586 -21.41 -17.78 19.91
N GLU B 587 -21.27 -18.18 18.65
CA GLU B 587 -21.01 -19.56 18.27
C GLU B 587 -19.69 -19.65 17.50
N ASP B 588 -18.79 -20.47 18.01
CA ASP B 588 -17.54 -20.75 17.34
C ASP B 588 -17.57 -22.15 16.75
N CYS B 589 -17.27 -22.24 15.45
CA CYS B 589 -17.25 -23.52 14.74
C CYS B 589 -15.92 -23.69 14.04
N GLY B 590 -15.61 -24.92 13.65
CA GLY B 590 -14.43 -25.18 12.83
C GLY B 590 -14.65 -24.77 11.38
N ASP B 591 -13.58 -24.37 10.72
CA ASP B 591 -13.62 -24.11 9.30
C ASP B 591 -12.39 -24.69 8.62
N ILE B 592 -12.58 -25.78 7.91
CA ILE B 592 -11.49 -26.45 7.21
C ILE B 592 -11.53 -26.13 5.72
N GLY B 593 -12.20 -25.03 5.39
CA GLY B 593 -12.37 -24.59 4.02
C GLY B 593 -11.29 -23.63 3.56
N ASN B 594 -11.68 -22.69 2.71
CA ASN B 594 -10.75 -21.81 2.03
C ASN B 594 -11.40 -20.44 1.85
N GLU B 595 -10.78 -19.53 1.10
CA GLU B 595 -11.33 -18.18 1.00
C GLU B 595 -12.69 -18.08 0.27
N TYR B 596 -13.06 -19.11 -0.49
CA TYR B 596 -14.34 -19.11 -1.21
C TYR B 596 -15.44 -19.86 -0.43
N ILE B 597 -15.03 -20.91 0.26
CA ILE B 597 -15.99 -21.87 0.78
C ILE B 597 -15.69 -22.24 2.24
N SER B 598 -16.72 -22.11 3.07
CA SER B 598 -16.62 -22.51 4.46
C SER B 598 -17.06 -23.96 4.60
N ARG B 599 -16.31 -24.75 5.36
CA ARG B 599 -16.72 -26.11 5.66
C ARG B 599 -16.49 -26.47 7.13
N GLN B 600 -17.57 -26.81 7.80
CA GLN B 600 -17.45 -27.27 9.19
C GLN B 600 -17.06 -28.72 9.13
N PRO B 601 -16.03 -29.12 9.91
CA PRO B 601 -15.56 -30.51 9.92
C PRO B 601 -16.68 -31.52 10.25
N ASN B 602 -16.46 -32.79 9.89
CA ASN B 602 -17.37 -33.88 10.27
C ASN B 602 -17.64 -33.88 11.78
N HIS B 603 -18.92 -33.96 12.15
CA HIS B 603 -19.35 -34.05 13.58
C HIS B 603 -18.88 -32.85 14.42
N ASP B 604 -18.79 -31.68 13.80
CA ASP B 604 -18.32 -30.48 14.47
C ASP B 604 -19.35 -30.01 15.51
N GLN B 605 -18.93 -29.95 16.76
CA GLN B 605 -19.78 -29.46 17.84
C GLN B 605 -19.40 -28.03 18.21
N PRO B 606 -20.28 -27.05 17.92
CA PRO B 606 -20.01 -25.64 18.17
C PRO B 606 -19.70 -25.36 19.64
N PHE B 607 -18.82 -24.40 19.88
CA PHE B 607 -18.58 -23.90 21.22
C PHE B 607 -19.34 -22.59 21.40
N TYR B 608 -20.01 -22.44 22.53
CA TYR B 608 -20.86 -21.29 22.76
C TYR B 608 -20.32 -20.46 23.90
N ALA B 609 -20.26 -19.15 23.70
CA ALA B 609 -19.71 -18.23 24.70
C ALA B 609 -20.50 -18.21 26.02
N ASP B 610 -21.82 -18.31 25.94
CA ASP B 610 -22.68 -18.36 27.13
C ASP B 610 -22.40 -19.53 28.07
N GLN B 611 -21.69 -20.54 27.56
CA GLN B 611 -21.33 -21.70 28.38
C GLN B 611 -19.99 -21.52 29.09
N GLY B 612 -19.37 -20.36 28.92
CA GLY B 612 -18.12 -20.02 29.61
C GLY B 612 -18.31 -19.10 30.81
N THR B 613 -17.35 -18.21 31.02
CA THR B 613 -17.33 -17.29 32.16
C THR B 613 -17.81 -15.89 31.73
N ILE B 614 -18.82 -15.38 32.42
CA ILE B 614 -19.48 -14.13 32.03
C ILE B 614 -19.14 -13.02 33.03
N LYS B 615 -18.95 -11.81 32.52
CA LYS B 615 -18.74 -10.63 33.38
C LYS B 615 -19.44 -9.40 32.82
N LEU B 616 -20.08 -8.64 33.71
CA LEU B 616 -20.72 -7.39 33.34
C LEU B 616 -19.92 -6.19 33.79
N ASN B 617 -19.80 -5.20 32.91
CA ASN B 617 -19.16 -3.95 33.26
C ASN B 617 -19.95 -2.78 32.68
N ILE B 618 -20.33 -1.86 33.57
CA ILE B 618 -20.95 -0.61 33.16
C ILE B 618 -19.86 0.36 32.68
N ILE B 619 -20.01 0.84 31.44
CA ILE B 619 -19.10 1.83 30.89
C ILE B 619 -19.66 3.23 31.15
N SER B 620 -20.97 3.38 30.95
CA SER B 620 -21.69 4.62 31.20
C SER B 620 -23.17 4.33 31.35
N ASN B 621 -23.87 5.19 32.11
CA ASN B 621 -25.27 5.00 32.45
C ASN B 621 -25.93 6.31 32.85
N THR B 622 -26.69 6.89 31.92
CA THR B 622 -27.46 8.11 32.19
C THR B 622 -28.90 7.99 31.69
N ALA B 623 -29.63 9.10 31.73
CA ALA B 623 -30.99 9.16 31.22
C ALA B 623 -31.00 9.10 29.70
N GLN B 624 -29.91 9.53 29.08
CA GLN B 624 -29.85 9.64 27.62
C GLN B 624 -29.16 8.45 26.97
N VAL B 625 -28.11 7.95 27.62
CA VAL B 625 -27.32 6.88 27.03
C VAL B 625 -26.84 5.88 28.09
N ALA B 626 -26.85 4.60 27.74
CA ALA B 626 -26.26 3.58 28.58
C ALA B 626 -25.38 2.68 27.73
N GLU B 627 -24.18 2.43 28.25
CA GLU B 627 -23.19 1.62 27.57
C GLU B 627 -22.79 0.50 28.51
N LEU B 628 -23.04 -0.72 28.10
CA LEU B 628 -22.81 -1.87 28.94
C LEU B 628 -22.00 -2.92 28.21
N GLU B 629 -21.06 -3.54 28.91
CA GLU B 629 -20.17 -4.54 28.31
C GLU B 629 -20.43 -5.93 28.87
N ILE B 630 -20.69 -6.88 27.97
CA ILE B 630 -20.79 -8.30 28.34
C ILE B 630 -19.52 -9.01 27.89
N GLN B 631 -18.76 -9.50 28.85
CA GLN B 631 -17.53 -10.24 28.54
C GLN B 631 -17.72 -11.74 28.75
N GLN B 632 -17.44 -12.51 27.70
CA GLN B 632 -17.39 -13.98 27.82
C GLN B 632 -15.99 -14.50 27.55
N THR B 633 -15.51 -15.38 28.42
CA THR B 633 -14.25 -16.09 28.21
C THR B 633 -14.52 -17.58 28.09
N PHE B 634 -14.25 -18.13 26.91
CA PHE B 634 -14.48 -19.57 26.68
C PHE B 634 -13.35 -20.24 25.91
N ALA B 635 -13.17 -21.53 26.18
CA ALA B 635 -12.11 -22.31 25.56
C ALA B 635 -12.54 -22.76 24.17
N ILE B 636 -11.72 -22.48 23.16
CA ILE B 636 -11.92 -23.00 21.80
C ILE B 636 -10.64 -23.63 21.24
N PRO B 637 -10.77 -24.56 20.28
CA PRO B 637 -9.59 -25.15 19.63
C PRO B 637 -8.71 -24.06 19.04
N ILE B 638 -7.40 -24.16 19.25
CA ILE B 638 -6.47 -23.13 18.77
C ILE B 638 -6.28 -23.18 17.24
N SER B 639 -6.57 -24.34 16.64
CA SER B 639 -6.39 -24.52 15.21
C SER B 639 -7.17 -25.73 14.71
N ALA B 640 -6.95 -26.08 13.44
CA ALA B 640 -7.33 -27.39 12.93
C ALA B 640 -6.23 -28.39 13.22
N ASP B 641 -6.54 -29.68 13.10
CA ASP B 641 -5.55 -30.74 13.32
C ASP B 641 -4.53 -30.79 12.16
N LYS B 642 -3.51 -31.63 12.30
CA LYS B 642 -2.40 -31.68 11.34
C LYS B 642 -2.83 -32.21 9.97
N LEU B 643 -3.93 -32.96 9.91
CA LEU B 643 -4.43 -33.49 8.64
C LEU B 643 -4.82 -32.39 7.63
N LEU B 644 -5.16 -31.20 8.12
CA LEU B 644 -5.60 -30.13 7.22
C LEU B 644 -4.50 -29.74 6.27
N GLN B 645 -3.30 -29.55 6.82
CA GLN B 645 -2.15 -29.18 6.00
C GLN B 645 -1.96 -30.15 4.82
N ALA B 646 -1.97 -31.45 5.11
CA ALA B 646 -1.87 -32.48 4.09
C ALA B 646 -2.98 -32.35 3.04
N GLU B 647 -4.21 -32.09 3.50
CA GLU B 647 -5.33 -32.02 2.58
C GLU B 647 -5.25 -30.81 1.66
N MET B 648 -4.73 -29.69 2.16
CA MET B 648 -4.57 -28.48 1.34
C MET B 648 -3.48 -28.68 0.32
N GLU B 649 -2.37 -29.29 0.76
CA GLU B 649 -1.20 -29.51 -0.09
C GLU B 649 -1.50 -30.42 -1.26
N ALA B 650 -2.33 -31.43 -1.02
CA ALA B 650 -2.67 -32.39 -2.05
C ALA B 650 -3.85 -31.89 -2.88
N VAL B 651 -4.37 -30.72 -2.50
CA VAL B 651 -5.50 -30.10 -3.20
C VAL B 651 -6.74 -30.99 -3.16
N ILE B 652 -7.04 -31.49 -1.96
CA ILE B 652 -8.25 -32.28 -1.73
C ILE B 652 -9.43 -31.32 -1.73
N ASP B 653 -10.48 -31.67 -2.48
CA ASP B 653 -11.70 -30.87 -2.50
C ASP B 653 -12.24 -30.72 -1.08
N ILE B 654 -12.80 -29.55 -0.79
CA ILE B 654 -13.27 -29.27 0.56
C ILE B 654 -14.34 -30.25 1.07
N THR B 655 -15.18 -30.76 0.17
CA THR B 655 -16.26 -31.68 0.57
C THR B 655 -15.75 -33.06 0.98
N GLU B 656 -14.48 -33.34 0.66
CA GLU B 656 -13.87 -34.63 0.98
C GLU B 656 -12.96 -34.58 2.21
N ARG B 657 -12.79 -33.39 2.77
CA ARG B 657 -11.79 -33.20 3.85
C ARG B 657 -12.18 -33.89 5.16
N GLN B 658 -11.23 -34.62 5.72
CA GLN B 658 -11.45 -35.38 6.95
C GLN B 658 -10.76 -34.70 8.14
N ALA B 659 -10.18 -33.53 7.90
CA ALA B 659 -9.58 -32.74 8.96
C ALA B 659 -10.63 -32.33 9.99
N ARG B 660 -10.17 -32.17 11.22
CA ARG B 660 -11.01 -31.80 12.36
C ARG B 660 -10.32 -30.73 13.17
N ARG B 661 -11.05 -30.13 14.10
CA ARG B 661 -10.50 -29.14 15.03
C ARG B 661 -9.52 -29.83 15.97
N SER B 662 -8.52 -29.10 16.44
CA SER B 662 -7.53 -29.73 17.32
C SER B 662 -8.12 -29.99 18.69
N GLN B 663 -7.50 -30.92 19.40
CA GLN B 663 -7.86 -31.20 20.79
C GLN B 663 -7.36 -30.09 21.71
N GLU B 664 -6.26 -29.43 21.35
CA GLU B 664 -5.72 -28.34 22.16
C GLU B 664 -6.53 -27.07 22.02
N LYS B 665 -6.92 -26.51 23.16
CA LYS B 665 -7.77 -25.33 23.20
C LYS B 665 -7.07 -24.15 23.89
N ALA B 666 -7.52 -22.93 23.59
CA ALA B 666 -7.08 -21.73 24.29
C ALA B 666 -8.29 -20.89 24.68
N GLU B 667 -8.09 -19.97 25.63
CA GLU B 667 -9.17 -19.10 26.07
C GLU B 667 -9.32 -17.90 25.16
N LEU B 668 -10.54 -17.69 24.67
CA LEU B 668 -10.89 -16.54 23.87
C LEU B 668 -11.85 -15.65 24.66
N THR B 669 -11.60 -14.35 24.66
CA THR B 669 -12.41 -13.39 25.41
C THR B 669 -13.08 -12.39 24.49
N LEU B 670 -14.40 -12.46 24.43
CA LEU B 670 -15.18 -11.52 23.64
C LEU B 670 -15.70 -10.45 24.59
N THR B 671 -15.61 -9.19 24.16
CA THR B 671 -16.29 -8.12 24.88
C THR B 671 -17.29 -7.49 23.92
N THR B 672 -18.56 -7.43 24.31
CA THR B 672 -19.57 -6.80 23.48
C THR B 672 -20.12 -5.59 24.21
N LEU B 673 -19.96 -4.41 23.60
CA LEU B 673 -20.49 -3.19 24.14
C LEU B 673 -21.89 -2.96 23.58
N ILE B 674 -22.87 -2.94 24.48
CA ILE B 674 -24.25 -2.63 24.12
C ILE B 674 -24.50 -1.15 24.36
N ARG B 675 -24.99 -0.45 23.35
CA ARG B 675 -25.33 0.97 23.51
C ARG B 675 -26.82 1.21 23.24
N MET B 676 -27.49 1.76 24.25
CA MET B 676 -28.89 2.15 24.15
C MET B 676 -29.00 3.65 24.32
N GLU B 677 -29.74 4.30 23.42
CA GLU B 677 -30.01 5.73 23.53
C GLU B 677 -31.49 5.94 23.83
N LYS B 678 -31.81 7.04 24.49
CA LYS B 678 -33.17 7.28 24.94
C LYS B 678 -34.21 7.26 23.82
N ASN B 679 -33.96 7.99 22.73
CA ASN B 679 -34.96 8.13 21.68
C ASN B 679 -34.76 7.23 20.46
N ASN B 680 -33.79 6.33 20.57
CA ASN B 680 -33.37 5.44 19.50
C ASN B 680 -33.97 4.05 19.69
N PRO B 681 -34.74 3.56 18.71
CA PRO B 681 -35.26 2.19 18.83
C PRO B 681 -34.22 1.13 18.46
N ARG B 682 -33.12 1.55 17.85
CA ARG B 682 -32.06 0.66 17.38
C ARG B 682 -30.99 0.47 18.44
N LEU B 683 -30.75 -0.78 18.80
CA LEU B 683 -29.80 -1.12 19.85
C LEU B 683 -28.45 -1.47 19.21
N GLN B 684 -27.41 -0.73 19.58
CA GLN B 684 -26.09 -0.90 18.95
C GLN B 684 -25.16 -1.86 19.71
N PHE B 685 -24.52 -2.77 18.98
CA PHE B 685 -23.55 -3.71 19.52
C PHE B 685 -22.19 -3.53 18.88
N THR B 686 -21.14 -3.67 19.67
CA THR B 686 -19.79 -3.69 19.15
C THR B 686 -19.00 -4.81 19.83
N THR B 687 -18.78 -5.89 19.10
CA THR B 687 -18.06 -7.04 19.64
C THR B 687 -16.55 -6.94 19.30
N ARG B 688 -15.75 -7.04 20.35
CA ARG B 688 -14.31 -6.79 20.33
C ARG B 688 -13.60 -8.05 20.83
N PHE B 689 -12.52 -8.45 20.16
CA PHE B 689 -11.68 -9.54 20.63
C PHE B 689 -10.34 -9.61 19.89
N ASP B 690 -9.42 -10.37 20.44
CA ASP B 690 -8.13 -10.61 19.80
C ASP B 690 -8.08 -12.04 19.25
N ASN B 691 -8.20 -12.20 17.95
CA ASN B 691 -8.21 -13.56 17.36
C ASN B 691 -6.83 -14.16 17.28
N GLN B 692 -6.64 -15.27 17.98
CA GLN B 692 -5.35 -15.94 18.01
C GLN B 692 -5.48 -17.45 17.70
N MET B 693 -6.58 -17.81 17.05
CA MET B 693 -6.89 -19.18 16.72
C MET B 693 -7.16 -19.24 15.23
N THR B 694 -6.84 -20.39 14.61
CA THR B 694 -6.95 -20.52 13.17
C THR B 694 -8.02 -21.53 12.73
N ASN B 695 -8.47 -21.39 11.49
CA ASN B 695 -9.46 -22.28 10.89
C ASN B 695 -10.73 -22.42 11.71
N HIS B 696 -11.33 -21.29 12.04
CA HIS B 696 -12.59 -21.29 12.75
C HIS B 696 -13.46 -20.17 12.26
N ARG B 697 -14.74 -20.22 12.64
CA ARG B 697 -15.70 -19.19 12.28
C ARG B 697 -16.42 -18.75 13.56
N LEU B 698 -16.58 -17.44 13.72
CA LEU B 698 -17.34 -16.91 14.84
C LEU B 698 -18.59 -16.16 14.36
N ARG B 699 -19.74 -16.56 14.88
CA ARG B 699 -21.01 -15.96 14.50
C ARG B 699 -21.73 -15.43 15.73
N VAL B 700 -22.63 -14.47 15.52
CA VAL B 700 -23.56 -14.06 16.56
C VAL B 700 -25.00 -14.37 16.12
N LEU B 701 -25.76 -15.04 16.96
CA LEU B 701 -27.10 -15.51 16.59
C LEU B 701 -28.23 -14.74 17.26
N PHE B 702 -29.27 -14.46 16.49
CA PHE B 702 -30.50 -13.86 17.01
C PHE B 702 -31.70 -14.77 16.71
N PRO B 703 -32.07 -15.65 17.66
CA PRO B 703 -33.23 -16.52 17.45
C PRO B 703 -34.53 -15.73 17.53
N THR B 704 -35.36 -15.78 16.49
CA THR B 704 -36.58 -14.95 16.45
C THR B 704 -37.87 -15.74 16.62
N HIS B 705 -37.87 -17.00 16.18
CA HIS B 705 -39.04 -17.89 16.27
C HIS B 705 -40.28 -17.33 15.56
N LEU B 706 -40.06 -16.41 14.62
CA LEU B 706 -41.15 -15.80 13.87
C LEU B 706 -41.75 -16.76 12.86
N LYS B 707 -43.08 -16.73 12.72
CA LYS B 707 -43.80 -17.58 11.76
C LYS B 707 -43.80 -16.95 10.36
N THR B 708 -42.82 -17.33 9.55
CA THR B 708 -42.68 -16.85 8.18
C THR B 708 -41.77 -17.81 7.40
N ASP B 709 -41.95 -17.87 6.08
CA ASP B 709 -41.12 -18.74 5.26
C ASP B 709 -40.05 -17.97 4.48
N HIS B 710 -40.15 -16.63 4.48
CA HIS B 710 -39.21 -15.81 3.74
CA HIS B 710 -39.24 -15.78 3.74
C HIS B 710 -38.57 -14.74 4.62
N HIS B 711 -37.46 -14.19 4.15
CA HIS B 711 -36.80 -13.09 4.82
C HIS B 711 -36.44 -12.03 3.79
N LEU B 712 -36.05 -10.87 4.29
CA LEU B 712 -35.75 -9.74 3.44
C LEU B 712 -34.32 -9.30 3.69
N ALA B 713 -33.51 -9.28 2.61
CA ALA B 713 -32.10 -8.88 2.69
C ALA B 713 -31.83 -7.58 1.95
N ASP B 714 -30.93 -6.78 2.52
CA ASP B 714 -30.44 -5.60 1.82
C ASP B 714 -29.51 -5.98 0.69
N SER B 715 -29.93 -5.72 -0.53
CA SER B 715 -29.13 -6.05 -1.69
C SER B 715 -28.93 -4.79 -2.52
N ILE B 716 -28.47 -4.97 -3.75
CA ILE B 716 -28.07 -3.83 -4.59
C ILE B 716 -29.31 -3.09 -5.09
N PHE B 717 -29.56 -1.92 -4.50
CA PHE B 717 -30.75 -1.13 -4.81
C PHE B 717 -32.04 -1.93 -4.69
N GLU B 718 -32.12 -2.78 -3.67
CA GLU B 718 -33.34 -3.55 -3.44
C GLU B 718 -33.33 -4.28 -2.09
N THR B 719 -34.53 -4.47 -1.56
CA THR B 719 -34.71 -5.35 -0.43
C THR B 719 -35.25 -6.66 -0.99
N VAL B 720 -34.34 -7.61 -1.24
CA VAL B 720 -34.68 -8.83 -1.95
C VAL B 720 -35.37 -9.84 -1.03
N LYS B 721 -36.45 -10.45 -1.53
CA LYS B 721 -37.15 -11.50 -0.79
C LYS B 721 -36.44 -12.82 -1.06
N ARG B 722 -36.08 -13.53 0.00
CA ARG B 722 -35.42 -14.82 -0.13
C ARG B 722 -36.10 -15.85 0.75
N PRO B 723 -36.11 -17.12 0.32
CA PRO B 723 -36.64 -18.19 1.17
C PRO B 723 -35.74 -18.50 2.36
N ASN B 724 -36.33 -18.82 3.50
CA ASN B 724 -35.60 -19.22 4.69
C ASN B 724 -34.97 -20.61 4.57
N HIS B 725 -35.50 -21.41 3.66
CA HIS B 725 -34.98 -22.73 3.36
C HIS B 725 -34.32 -22.71 2.00
N PRO B 726 -33.12 -23.30 1.88
CA PRO B 726 -32.60 -23.55 0.53
C PRO B 726 -33.50 -24.57 -0.18
N ASP B 727 -33.34 -24.68 -1.50
CA ASP B 727 -34.15 -25.54 -2.35
C ASP B 727 -33.87 -27.03 -2.11
N ALA B 728 -34.79 -27.70 -1.42
CA ALA B 728 -34.60 -29.09 -0.99
C ALA B 728 -34.41 -30.07 -2.15
N THR B 729 -34.92 -29.71 -3.33
CA THR B 729 -34.73 -30.51 -4.53
C THR B 729 -33.24 -30.64 -4.90
N PHE B 730 -32.49 -29.55 -4.73
CA PHE B 730 -31.12 -29.50 -5.25
C PHE B 730 -30.02 -29.39 -4.19
N TRP B 731 -30.33 -28.74 -3.07
CA TRP B 731 -29.32 -28.28 -2.13
C TRP B 731 -28.79 -29.40 -1.22
N LYS B 732 -27.48 -29.65 -1.32
CA LYS B 732 -26.81 -30.68 -0.51
C LYS B 732 -25.98 -30.10 0.66
N ASN B 733 -25.44 -28.89 0.47
CA ASN B 733 -24.70 -28.15 1.52
C ASN B 733 -25.57 -27.97 2.76
N PRO B 734 -25.06 -28.37 3.94
CA PRO B 734 -25.82 -28.16 5.19
C PRO B 734 -26.09 -26.69 5.46
N SER B 735 -25.20 -25.81 4.99
CA SER B 735 -25.31 -24.35 5.17
C SER B 735 -25.92 -23.66 3.94
N ASN B 736 -26.50 -22.48 4.18
CA ASN B 736 -27.01 -21.60 3.12
C ASN B 736 -26.61 -20.14 3.39
N PRO B 737 -25.30 -19.82 3.25
CA PRO B 737 -24.85 -18.44 3.48
C PRO B 737 -25.34 -17.50 2.38
N GLN B 738 -25.76 -16.30 2.76
CA GLN B 738 -26.23 -15.32 1.79
C GLN B 738 -25.52 -13.99 1.99
N HIS B 739 -25.50 -13.17 0.93
CA HIS B 739 -24.93 -11.82 0.95
C HIS B 739 -25.92 -10.76 1.43
N GLN B 740 -25.42 -9.83 2.24
CA GLN B 740 -26.21 -8.66 2.64
C GLN B 740 -25.37 -7.41 2.55
N GLU B 741 -26.02 -6.27 2.33
CA GLU B 741 -25.37 -4.97 2.44
C GLU B 741 -25.49 -4.45 3.88
N CYS B 742 -26.49 -3.62 4.18
CA CYS B 742 -26.56 -2.96 5.50
C CYS B 742 -27.41 -3.65 6.55
N PHE B 743 -28.26 -4.58 6.13
CA PHE B 743 -29.22 -5.20 7.04
C PHE B 743 -29.84 -6.49 6.51
N VAL B 744 -30.47 -7.23 7.43
CA VAL B 744 -31.32 -8.35 7.10
C VAL B 744 -32.46 -8.35 8.11
N SER B 745 -33.60 -8.89 7.69
CA SER B 745 -34.84 -8.72 8.43
C SER B 745 -35.78 -9.91 8.26
N LEU B 746 -36.49 -10.22 9.34
CA LEU B 746 -37.57 -11.20 9.32
C LEU B 746 -38.85 -10.51 9.76
N PHE B 747 -39.92 -10.76 9.04
CA PHE B 747 -41.20 -10.10 9.30
C PHE B 747 -42.36 -11.09 9.07
N ASP B 748 -43.28 -11.20 10.03
CA ASP B 748 -44.39 -12.14 9.89
C ASP B 748 -45.65 -11.53 9.29
N GLY B 749 -45.58 -10.24 8.97
CA GLY B 749 -46.73 -9.52 8.45
C GLY B 749 -47.21 -8.45 9.40
N GLU B 750 -46.81 -8.56 10.68
CA GLU B 750 -47.22 -7.59 11.71
C GLU B 750 -46.09 -7.27 12.69
N ASN B 751 -45.18 -8.23 12.87
CA ASN B 751 -44.01 -8.08 13.73
C ASN B 751 -42.78 -8.71 13.12
N GLY B 752 -41.62 -8.15 13.45
CA GLY B 752 -40.38 -8.70 12.97
C GLY B 752 -39.15 -8.22 13.73
N VAL B 753 -37.99 -8.48 13.12
CA VAL B 753 -36.70 -8.11 13.67
C VAL B 753 -35.84 -7.67 12.49
N THR B 754 -35.15 -6.54 12.65
CA THR B 754 -34.18 -6.09 11.66
C THR B 754 -32.81 -6.06 12.30
N ILE B 755 -31.89 -6.85 11.75
CA ILE B 755 -30.51 -6.85 12.20
C ILE B 755 -29.67 -6.05 11.22
N GLY B 756 -29.07 -4.96 11.72
CA GLY B 756 -28.19 -4.12 10.92
C GLY B 756 -26.74 -4.53 11.13
N ASN B 757 -25.89 -4.26 10.14
CA ASN B 757 -24.46 -4.56 10.24
C ASN B 757 -23.60 -3.44 9.69
N TYR B 758 -22.30 -3.51 9.96
CA TYR B 758 -21.34 -2.61 9.37
C TYR B 758 -20.17 -3.44 8.78
N GLY B 759 -20.25 -3.71 7.49
CA GLY B 759 -19.25 -4.51 6.78
C GLY B 759 -19.31 -5.99 7.10
N LEU B 760 -20.42 -6.44 7.66
CA LEU B 760 -20.63 -7.83 7.99
C LEU B 760 -21.59 -8.39 6.95
N ASN B 761 -21.02 -8.76 5.81
CA ASN B 761 -21.80 -9.05 4.60
C ASN B 761 -22.32 -10.49 4.47
N GLU B 762 -21.90 -11.38 5.38
CA GLU B 762 -22.42 -12.74 5.35
C GLU B 762 -23.42 -12.99 6.48
N TYR B 763 -24.59 -13.52 6.13
CA TYR B 763 -25.56 -13.93 7.12
C TYR B 763 -26.14 -15.27 6.70
N GLU B 764 -26.80 -15.92 7.65
CA GLU B 764 -27.53 -17.14 7.38
C GLU B 764 -28.82 -17.14 8.18
N ILE B 765 -29.86 -17.72 7.61
CA ILE B 765 -31.10 -17.96 8.32
C ILE B 765 -31.16 -19.43 8.72
N LEU B 766 -31.33 -19.68 10.02
CA LEU B 766 -31.52 -21.04 10.51
C LEU B 766 -33.03 -21.32 10.58
N PRO B 767 -33.53 -22.14 9.65
CA PRO B 767 -34.96 -22.23 9.34
C PRO B 767 -35.83 -22.86 10.44
N ASP B 768 -35.24 -23.73 11.24
CA ASP B 768 -35.98 -24.47 12.29
C ASP B 768 -36.38 -23.57 13.44
N THR B 769 -35.70 -22.42 13.56
CA THR B 769 -35.94 -21.49 14.65
C THR B 769 -36.12 -20.08 14.13
N ASN B 770 -35.99 -19.91 12.81
CA ASN B 770 -35.80 -18.59 12.19
C ASN B 770 -34.84 -17.71 12.98
N THR B 771 -33.62 -18.21 13.13
CA THR B 771 -32.50 -17.48 13.74
C THR B 771 -31.73 -16.73 12.66
N ILE B 772 -31.39 -15.47 12.95
CA ILE B 772 -30.49 -14.71 12.08
C ILE B 772 -29.06 -14.84 12.60
N ALA B 773 -28.21 -15.40 11.75
CA ALA B 773 -26.79 -15.57 12.06
C ALA B 773 -25.98 -14.54 11.29
N ILE B 774 -25.21 -13.74 12.00
CA ILE B 774 -24.26 -12.83 11.36
C ILE B 774 -22.83 -13.33 11.59
N THR B 775 -22.07 -13.50 10.50
CA THR B 775 -20.68 -13.96 10.59
C THR B 775 -19.74 -12.83 10.98
N LEU B 776 -19.04 -13.01 12.08
CA LEU B 776 -18.15 -11.98 12.65
C LEU B 776 -16.69 -12.21 12.27
N LEU B 777 -16.31 -13.48 12.16
CA LEU B 777 -14.96 -13.85 11.84
C LEU B 777 -14.98 -15.17 11.09
N ARG B 778 -14.23 -15.22 9.99
CA ARG B 778 -13.95 -16.48 9.34
C ARG B 778 -12.46 -16.53 9.02
N SER B 779 -11.76 -17.49 9.63
CA SER B 779 -10.33 -17.62 9.49
C SER B 779 -9.95 -18.89 8.74
N VAL B 780 -9.29 -18.75 7.60
CA VAL B 780 -8.84 -19.94 6.86
C VAL B 780 -7.38 -19.78 6.42
N GLY B 781 -6.77 -20.85 5.93
CA GLY B 781 -5.32 -20.88 5.66
C GLY B 781 -4.87 -20.90 4.22
N GLU B 782 -5.81 -20.87 3.28
CA GLU B 782 -5.48 -20.99 1.86
C GLU B 782 -6.49 -20.27 0.98
N MET B 783 -6.08 -19.97 -0.25
CA MET B 783 -6.96 -19.33 -1.20
C MET B 783 -8.09 -20.27 -1.66
N GLY B 784 -7.71 -21.42 -2.22
CA GLY B 784 -8.65 -22.40 -2.76
C GLY B 784 -8.52 -22.51 -4.27
N ASP B 785 -9.61 -22.93 -4.93
CA ASP B 785 -9.67 -23.02 -6.38
C ASP B 785 -8.58 -23.95 -6.96
N TRP B 786 -7.98 -23.56 -8.07
CA TRP B 786 -7.22 -24.48 -8.93
C TRP B 786 -5.92 -25.07 -8.39
N GLY B 787 -5.43 -24.58 -7.26
CA GLY B 787 -4.23 -25.17 -6.67
C GLY B 787 -4.07 -24.88 -5.19
N TYR B 788 -2.89 -25.19 -4.67
CA TYR B 788 -2.56 -24.88 -3.28
C TYR B 788 -1.83 -23.54 -3.18
N PHE B 789 -2.52 -22.53 -2.65
CA PHE B 789 -1.93 -21.24 -2.40
C PHE B 789 -2.10 -20.89 -0.93
N PRO B 790 -1.06 -21.15 -0.11
CA PRO B 790 -1.19 -20.82 1.30
C PRO B 790 -1.36 -19.32 1.50
N THR B 791 -2.23 -18.96 2.44
CA THR B 791 -2.53 -17.58 2.73
C THR B 791 -2.64 -17.45 4.25
N PRO B 792 -1.51 -17.49 4.97
CA PRO B 792 -1.59 -17.44 6.44
C PRO B 792 -2.31 -16.19 6.98
N GLU B 793 -2.22 -15.06 6.29
CA GLU B 793 -2.89 -13.86 6.77
C GLU B 793 -4.42 -13.91 6.65
N ALA B 794 -4.93 -14.87 5.88
CA ALA B 794 -6.38 -15.06 5.82
C ALA B 794 -6.94 -15.63 7.14
N GLN B 795 -6.06 -15.99 8.07
CA GLN B 795 -6.51 -16.43 9.40
C GLN B 795 -7.02 -15.24 10.25
N CYS B 796 -6.81 -14.03 9.73
CA CYS B 796 -7.22 -12.80 10.41
C CYS B 796 -6.84 -12.78 11.89
N LEU B 797 -5.57 -13.02 12.17
CA LEU B 797 -5.04 -12.87 13.53
C LEU B 797 -5.03 -11.40 13.94
N GLY B 798 -5.23 -11.15 15.24
CA GLY B 798 -5.14 -9.81 15.79
C GLY B 798 -6.45 -9.25 16.30
N LYS B 799 -6.48 -7.94 16.55
CA LYS B 799 -7.66 -7.28 17.10
C LYS B 799 -8.81 -7.07 16.10
N HIS B 800 -10.02 -7.38 16.55
CA HIS B 800 -11.23 -7.16 15.74
C HIS B 800 -12.24 -6.35 16.50
N SER B 801 -13.12 -5.69 15.76
CA SER B 801 -14.20 -4.92 16.33
C SER B 801 -15.34 -4.91 15.31
N LEU B 802 -16.44 -5.60 15.62
CA LEU B 802 -17.55 -5.74 14.67
C LEU B 802 -18.78 -5.03 15.20
N SER B 803 -19.40 -4.22 14.35
CA SER B 803 -20.58 -3.45 14.74
C SER B 803 -21.84 -3.94 14.05
N TYR B 804 -22.89 -4.11 14.84
CA TYR B 804 -24.17 -4.58 14.32
C TYR B 804 -25.30 -4.15 15.24
N SER B 805 -26.53 -4.24 14.77
CA SER B 805 -27.64 -3.66 15.51
C SER B 805 -28.85 -4.57 15.55
N PHE B 806 -29.68 -4.35 16.57
CA PHE B 806 -30.98 -5.01 16.70
C PHE B 806 -32.11 -3.98 16.79
N GLU B 807 -33.14 -4.18 15.98
CA GLU B 807 -34.38 -3.43 16.17
C GLU B 807 -35.58 -4.36 16.09
N SER B 808 -36.52 -4.19 17.01
CA SER B 808 -37.80 -4.90 16.96
C SER B 808 -38.79 -4.05 16.18
N ILE B 809 -39.37 -4.63 15.15
CA ILE B 809 -40.20 -3.85 14.25
C ILE B 809 -41.65 -4.29 14.18
N THR B 810 -42.49 -3.34 13.81
CA THR B 810 -43.89 -3.63 13.46
C THR B 810 -44.12 -3.16 12.02
N LYS B 811 -45.30 -3.45 11.49
CA LYS B 811 -45.72 -2.96 10.18
C LYS B 811 -45.46 -1.47 10.02
N GLN B 812 -45.77 -0.70 11.06
CA GLN B 812 -45.69 0.76 11.02
C GLN B 812 -44.26 1.32 11.06
N THR B 813 -43.29 0.51 11.50
CA THR B 813 -41.87 0.96 11.59
C THR B 813 -40.90 0.12 10.76
N GLN B 814 -41.41 -0.83 10.01
CA GLN B 814 -40.57 -1.73 9.22
C GLN B 814 -39.51 -0.98 8.41
N PHE B 815 -39.96 -0.08 7.53
CA PHE B 815 -39.05 0.57 6.59
C PHE B 815 -38.09 1.56 7.23
N ALA B 816 -38.54 2.17 8.32
CA ALA B 816 -37.69 3.05 9.12
C ALA B 816 -36.48 2.30 9.65
N SER B 817 -36.68 1.02 10.00
CA SER B 817 -35.58 0.18 10.49
C SER B 817 -34.55 -0.08 9.40
N TYR B 818 -34.98 -0.08 8.14
CA TYR B 818 -34.08 -0.27 7.02
C TYR B 818 -33.20 0.94 6.80
N TRP B 819 -33.80 2.12 6.70
CA TRP B 819 -32.98 3.31 6.48
C TRP B 819 -32.16 3.68 7.72
N ARG B 820 -32.63 3.28 8.90
CA ARG B 820 -31.86 3.45 10.13
C ARG B 820 -30.57 2.65 10.07
N ALA B 821 -30.69 1.40 9.63
CA ALA B 821 -29.55 0.50 9.52
C ALA B 821 -28.60 0.95 8.43
N GLN B 822 -29.14 1.64 7.43
CA GLN B 822 -28.34 2.17 6.33
C GLN B 822 -27.63 3.44 6.77
N GLU B 823 -28.41 4.36 7.33
CA GLU B 823 -27.92 5.69 7.66
C GLU B 823 -27.14 5.73 8.99
N GLY B 824 -27.39 4.74 9.85
CA GLY B 824 -26.69 4.60 11.12
C GLY B 824 -25.20 4.37 10.95
N GLN B 825 -24.80 3.90 9.77
CA GLN B 825 -23.40 3.73 9.40
C GLN B 825 -22.69 5.06 9.26
N VAL B 826 -23.45 6.14 9.18
CA VAL B 826 -22.89 7.47 8.94
C VAL B 826 -23.06 8.35 10.19
N PRO B 827 -21.93 8.87 10.71
CA PRO B 827 -21.96 9.71 11.89
C PRO B 827 -22.48 11.11 11.58
N VAL B 828 -22.89 11.83 12.62
CA VAL B 828 -23.07 13.28 12.53
C VAL B 828 -21.70 13.91 12.28
N ILE B 829 -21.65 14.87 11.37
CA ILE B 829 -20.42 15.59 11.10
C ILE B 829 -20.37 16.85 11.96
N THR B 830 -19.19 17.16 12.47
CA THR B 830 -19.00 18.29 13.37
C THR B 830 -17.89 19.18 12.84
N THR B 831 -18.09 20.48 12.89
CA THR B 831 -17.06 21.44 12.48
C THR B 831 -17.23 22.75 13.23
N GLN B 832 -16.13 23.32 13.66
CA GLN B 832 -16.16 24.59 14.42
C GLN B 832 -15.90 25.80 13.51
N THR B 833 -16.44 26.95 13.91
CA THR B 833 -16.19 28.24 13.23
C THR B 833 -16.38 29.38 14.23
N ASN B 834 -15.76 30.53 13.97
CA ASN B 834 -15.88 31.70 14.87
CA ASN B 834 -15.88 31.70 14.86
C ASN B 834 -17.17 32.49 14.63
N GLN B 835 -17.33 33.64 15.30
CA GLN B 835 -18.51 34.52 15.09
C GLN B 835 -18.32 35.39 13.86
N HIS B 836 -19.27 35.33 12.92
CA HIS B 836 -19.17 36.08 11.67
C HIS B 836 -20.49 36.22 10.92
N GLU B 837 -20.58 37.27 10.09
CA GLU B 837 -21.64 37.40 9.10
C GLU B 837 -21.52 36.26 8.08
N GLY B 838 -22.57 36.06 7.26
CA GLY B 838 -22.54 34.99 6.26
C GLY B 838 -23.81 34.86 5.46
N THR B 839 -23.69 34.28 4.26
CA THR B 839 -24.83 34.15 3.34
C THR B 839 -25.82 33.07 3.77
N LEU B 840 -25.36 32.11 4.58
CA LEU B 840 -26.18 30.95 4.95
C LEU B 840 -26.84 31.03 6.34
N ALA B 841 -28.04 30.46 6.45
CA ALA B 841 -28.74 30.38 7.73
C ALA B 841 -28.04 29.41 8.71
N ALA B 842 -28.12 29.69 10.01
CA ALA B 842 -27.53 28.86 11.06
C ALA B 842 -28.17 27.47 11.14
N GLU B 843 -29.44 27.39 10.75
CA GLU B 843 -30.19 26.16 10.72
C GLU B 843 -30.86 26.08 9.36
N TYR B 844 -30.64 24.99 8.64
CA TYR B 844 -31.15 24.83 7.27
C TYR B 844 -31.31 23.36 6.87
N SER B 845 -32.43 23.05 6.22
CA SER B 845 -32.63 21.74 5.58
C SER B 845 -32.45 21.87 4.07
N TYR B 846 -31.62 21.00 3.50
CA TYR B 846 -31.32 21.07 2.08
C TYR B 846 -32.35 20.30 1.24
N LEU B 847 -33.10 19.40 1.88
CA LEU B 847 -34.19 18.69 1.21
C LEU B 847 -35.39 18.43 2.10
N THR B 848 -36.54 18.20 1.47
CA THR B 848 -37.77 17.81 2.17
C THR B 848 -38.49 16.71 1.39
N GLY B 849 -39.58 16.21 1.96
CA GLY B 849 -40.39 15.17 1.32
C GLY B 849 -39.78 13.79 1.50
N THR B 850 -39.25 13.54 2.70
CA THR B 850 -38.71 12.23 3.04
C THR B 850 -39.82 11.20 3.27
N ASN B 851 -39.57 9.97 2.82
CA ASN B 851 -40.48 8.85 3.03
C ASN B 851 -39.71 7.61 3.49
N ASP B 852 -40.25 6.95 4.52
CA ASP B 852 -39.65 5.74 5.09
C ASP B 852 -39.34 4.66 4.06
N GLN B 853 -40.16 4.58 3.01
CA GLN B 853 -40.00 3.54 1.99
C GLN B 853 -39.01 3.93 0.89
N VAL B 854 -38.53 5.17 0.94
CA VAL B 854 -37.64 5.66 -0.09
C VAL B 854 -36.26 5.88 0.49
N ALA B 855 -35.29 5.17 -0.05
CA ALA B 855 -33.90 5.32 0.35
C ALA B 855 -33.19 6.35 -0.53
N LEU B 856 -32.26 7.09 0.06
CA LEU B 856 -31.41 8.00 -0.69
C LEU B 856 -30.00 7.43 -0.70
N THR B 857 -29.44 7.19 -1.88
CA THR B 857 -28.08 6.64 -1.97
C THR B 857 -27.04 7.60 -2.53
N ALA B 858 -27.45 8.56 -3.35
CA ALA B 858 -26.52 9.55 -3.89
C ALA B 858 -27.03 10.96 -3.66
N PHE B 859 -26.09 11.85 -3.35
CA PHE B 859 -26.34 13.28 -3.20
C PHE B 859 -25.02 13.94 -3.57
N LYS B 860 -24.87 14.21 -4.86
CA LYS B 860 -23.59 14.61 -5.44
C LYS B 860 -23.78 15.71 -6.46
N ARG B 861 -22.70 16.07 -7.16
CA ARG B 861 -22.84 16.94 -8.31
C ARG B 861 -22.35 16.26 -9.58
N ARG B 862 -22.76 16.81 -10.71
CA ARG B 862 -22.47 16.23 -12.03
C ARG B 862 -21.38 17.02 -12.73
N LEU B 863 -20.41 16.32 -13.30
CA LEU B 863 -19.27 16.97 -13.96
C LEU B 863 -19.66 18.00 -15.03
N ALA B 864 -20.56 17.64 -15.93
CA ALA B 864 -20.91 18.50 -17.07
C ALA B 864 -21.24 19.96 -16.71
N ASP B 865 -22.08 20.14 -15.69
CA ASP B 865 -22.63 21.47 -15.41
C ASP B 865 -22.90 21.73 -13.93
N ASN B 866 -22.35 20.88 -13.07
CA ASN B 866 -22.49 20.99 -11.62
C ASN B 866 -23.93 20.92 -11.14
N ALA B 867 -24.80 20.29 -11.90
CA ALA B 867 -26.16 20.07 -11.44
C ALA B 867 -26.08 19.08 -10.28
N LEU B 868 -27.01 19.23 -9.33
CA LEU B 868 -27.00 18.37 -8.16
C LEU B 868 -27.73 17.09 -8.50
N ILE B 869 -27.06 15.96 -8.27
CA ILE B 869 -27.61 14.66 -8.64
C ILE B 869 -28.05 13.87 -7.41
N THR B 870 -29.34 13.55 -7.34
CA THR B 870 -29.85 12.68 -6.28
C THR B 870 -30.26 11.34 -6.87
N ARG B 871 -30.01 10.27 -6.12
CA ARG B 871 -30.51 8.96 -6.48
C ARG B 871 -31.27 8.35 -5.30
N SER B 872 -32.45 7.82 -5.58
CA SER B 872 -33.33 7.26 -4.58
C SER B 872 -33.88 5.93 -5.08
N TYR B 873 -34.22 5.03 -4.16
CA TYR B 873 -34.87 3.78 -4.57
C TYR B 873 -35.97 3.28 -3.64
N ASN B 874 -36.92 2.57 -4.23
CA ASN B 874 -38.00 1.92 -3.49
C ASN B 874 -37.47 0.74 -2.66
N LEU B 875 -37.62 0.84 -1.34
CA LEU B 875 -37.16 -0.19 -0.41
C LEU B 875 -38.00 -1.46 -0.45
N SER B 876 -39.10 -1.42 -1.20
CA SER B 876 -40.00 -2.56 -1.36
C SER B 876 -40.02 -3.08 -2.80
N ASN B 877 -39.89 -4.39 -2.94
CA ASN B 877 -40.12 -5.07 -4.21
C ASN B 877 -41.61 -5.33 -4.48
N ASP B 878 -42.44 -5.19 -3.45
CA ASP B 878 -43.87 -5.48 -3.56
C ASP B 878 -44.69 -4.26 -3.96
N LYS B 879 -44.56 -3.18 -3.20
CA LYS B 879 -45.48 -2.04 -3.32
C LYS B 879 -44.89 -0.71 -3.73
N THR B 880 -45.65 -0.01 -4.56
CA THR B 880 -45.39 1.37 -4.94
C THR B 880 -45.43 2.26 -3.70
N CYS B 881 -44.97 3.50 -3.85
CA CYS B 881 -45.08 4.49 -2.77
C CYS B 881 -45.00 5.90 -3.33
N ASP B 882 -45.50 6.86 -2.56
CA ASP B 882 -45.41 8.25 -2.94
CA ASP B 882 -45.40 8.27 -2.88
C ASP B 882 -43.94 8.69 -2.91
N PHE B 883 -43.57 9.51 -3.87
CA PHE B 883 -42.23 10.09 -3.96
C PHE B 883 -42.38 11.61 -3.99
N SER B 884 -41.86 12.28 -2.97
CA SER B 884 -42.07 13.72 -2.84
C SER B 884 -40.79 14.52 -2.56
N LEU B 885 -39.64 13.90 -2.84
CA LEU B 885 -38.34 14.55 -2.69
C LEU B 885 -38.31 15.92 -3.35
N SER B 886 -37.85 16.91 -2.59
CA SER B 886 -37.84 18.28 -3.03
C SER B 886 -36.60 18.97 -2.48
N LEU B 887 -35.90 19.67 -3.37
CA LEU B 887 -34.77 20.51 -2.98
C LEU B 887 -35.17 21.98 -3.15
N PRO B 888 -35.40 22.69 -2.02
CA PRO B 888 -35.80 24.09 -2.11
C PRO B 888 -34.82 24.91 -2.95
N ASN B 889 -35.36 25.78 -3.82
CA ASN B 889 -34.59 26.61 -4.76
C ASN B 889 -34.12 25.88 -6.02
N TYR B 890 -34.48 24.60 -6.14
CA TYR B 890 -34.06 23.78 -7.28
C TYR B 890 -35.23 23.18 -8.04
N ASN B 891 -35.02 22.91 -9.33
CA ASN B 891 -35.97 22.18 -10.18
C ASN B 891 -35.37 20.92 -10.75
N ALA B 892 -36.17 19.86 -10.77
CA ALA B 892 -35.67 18.54 -11.11
C ALA B 892 -35.99 18.12 -12.53
N LYS B 893 -35.09 17.34 -13.11
CA LYS B 893 -35.44 16.50 -14.25
C LYS B 893 -34.81 15.13 -14.13
N VAL B 894 -35.46 14.15 -14.74
CA VAL B 894 -35.02 12.77 -14.65
C VAL B 894 -33.79 12.53 -15.54
N THR B 895 -32.78 11.86 -14.97
CA THR B 895 -31.64 11.37 -15.74
C THR B 895 -31.53 9.86 -15.60
N ASN B 896 -30.71 9.25 -16.44
CA ASN B 896 -30.35 7.86 -16.26
C ASN B 896 -29.25 7.73 -15.18
N LEU B 897 -28.84 6.51 -14.87
CA LEU B 897 -27.81 6.27 -13.85
C LEU B 897 -26.51 7.00 -14.15
N LEU B 898 -26.24 7.24 -15.42
CA LEU B 898 -25.01 7.90 -15.87
C LEU B 898 -25.16 9.41 -16.00
N GLU B 899 -26.27 9.94 -15.46
CA GLU B 899 -26.48 11.38 -15.29
C GLU B 899 -26.74 12.14 -16.59
N LYS B 900 -27.18 11.42 -17.63
CA LYS B 900 -27.61 12.04 -18.88
C LYS B 900 -29.11 12.30 -18.83
N ASP B 901 -29.51 13.54 -19.10
CA ASP B 901 -30.92 13.93 -19.10
C ASP B 901 -31.76 13.11 -20.08
N SER B 902 -32.97 12.76 -19.66
CA SER B 902 -33.97 12.20 -20.56
C SER B 902 -35.17 13.15 -20.65
N LYS B 903 -36.07 12.87 -21.60
CA LYS B 903 -37.26 13.70 -21.81
C LYS B 903 -38.33 13.43 -20.76
N GLN B 904 -38.20 12.28 -20.08
CA GLN B 904 -39.13 11.84 -19.03
C GLN B 904 -39.30 12.89 -17.90
N SER B 905 -40.52 12.96 -17.37
CA SER B 905 -40.86 13.94 -16.34
C SER B 905 -40.87 13.32 -14.94
N THR B 906 -40.56 14.15 -13.94
CA THR B 906 -40.46 13.73 -12.54
C THR B 906 -41.69 12.99 -12.04
N PRO B 907 -41.56 11.68 -11.74
CA PRO B 907 -42.65 10.89 -11.19
C PRO B 907 -43.11 11.43 -9.84
N SER B 908 -44.34 11.11 -9.46
CA SER B 908 -44.86 11.48 -8.14
C SER B 908 -45.01 10.24 -7.27
N GLN B 909 -44.90 9.08 -7.91
CA GLN B 909 -44.89 7.79 -7.26
C GLN B 909 -43.68 7.01 -7.75
N LEU B 910 -43.10 6.19 -6.86
CA LEU B 910 -42.09 5.24 -7.29
C LEU B 910 -42.73 3.87 -7.54
N GLY B 911 -42.43 3.29 -8.69
CA GLY B 911 -42.83 1.91 -9.00
C GLY B 911 -42.07 0.92 -8.15
N LYS B 912 -42.62 -0.28 -8.01
CA LYS B 912 -41.98 -1.32 -7.21
C LYS B 912 -40.53 -1.47 -7.65
N ALA B 913 -39.63 -1.42 -6.67
CA ALA B 913 -38.18 -1.57 -6.86
C ALA B 913 -37.50 -0.57 -7.84
N GLU B 914 -38.14 0.58 -8.05
CA GLU B 914 -37.62 1.60 -8.98
C GLU B 914 -36.41 2.34 -8.41
N ILE B 915 -35.42 2.54 -9.26
CA ILE B 915 -34.30 3.42 -8.94
C ILE B 915 -34.45 4.69 -9.77
N LEU B 916 -34.43 5.84 -9.10
CA LEU B 916 -34.66 7.12 -9.76
C LEU B 916 -33.52 8.10 -9.55
N THR B 917 -32.96 8.57 -10.66
CA THR B 917 -31.89 9.55 -10.66
C THR B 917 -32.40 10.89 -11.17
N LEU B 918 -32.12 11.93 -10.40
CA LEU B 918 -32.60 13.27 -10.73
C LEU B 918 -31.46 14.24 -10.79
N ALA B 919 -31.57 15.22 -11.68
CA ALA B 919 -30.64 16.35 -11.71
C ALA B 919 -31.42 17.59 -11.30
N TRP B 920 -30.88 18.32 -10.31
CA TRP B 920 -31.52 19.53 -9.82
C TRP B 920 -30.68 20.75 -10.18
N LYS B 921 -31.30 21.76 -10.79
CA LYS B 921 -30.63 23.04 -11.06
C LYS B 921 -31.24 24.19 -10.25
N LYS B 922 -30.40 25.12 -9.81
CA LYS B 922 -30.87 26.29 -9.04
C LYS B 922 -31.79 27.14 -9.92
N GLN B 923 -32.88 27.63 -9.34
CA GLN B 923 -33.92 28.33 -10.11
C GLN B 923 -33.78 29.86 -10.12
#